data_8TK0
#
_entry.id   8TK0
#
_cell.length_a   1.00
_cell.length_b   1.00
_cell.length_c   1.00
_cell.angle_alpha   90.00
_cell.angle_beta   90.00
_cell.angle_gamma   90.00
#
_symmetry.space_group_name_H-M   'P 1'
#
_entity_poly.entity_id   1
_entity_poly.type   'polypeptide(L)'
_entity_poly.pdbx_seq_one_letter_code
;MKFSNITIKNFRNFEKVNINLDNKNVIFGMNDIGKTNFLYALRFLLDKEIRKFGFNKSDYHKHDTSKKIEIILTLDLSNY
EKDEDTKKLISVVKGARTSANADVFYIALESKYDDKELYGNIILKWGSELDNLIDIPGRGNINALDNVFKVIYINPLVDL
DKLFAQNKKYIFEESQGNESDEGILNNIKSLTDQVNQQIGEMTIIKGFQQEITSEYRSLKKEEVSIELKSEMAIKGFFSD
IIPYIKKDGDSNYYPTSGDGRRKMLSYSIYNYLAKKKYEDKIVIYLIEEPEISLHRSMQIALSKQLFEQSTYKYFFLSTH
SPELLYEMDNTRLIRVHSTEKVVCSSHMYNVEEAYGSVKKKLNKALSSALFAERVLLIEGPSEKILFEKVLDEVEPEYEL
NGGFLLEVGGTYFNHYVCTLNDLGITHIIKTDNDLKSKKGKKGVYELLGLNRCLNLLGRENLDEITIDIPEDIKGKKKKE
RLNERKKEIFKQYKNEVGEFLGERIYLSEIDLENDLYSAIGESMKRIFENEDPVHYLQKSKLFNMVELVNNLSTKDCFDV
FEHEKFACLKELVGSDRG
;
_entity_poly.pdbx_strand_id   A,B,C,D
#
# COMPACT_ATOMS: atom_id res chain seq x y z
N MET A 1 -24.03 2.49 -36.44
CA MET A 1 -23.69 3.80 -36.97
C MET A 1 -23.86 4.90 -35.94
N LYS A 2 -24.95 4.86 -35.17
CA LYS A 2 -25.21 5.92 -34.21
C LYS A 2 -25.92 5.37 -32.99
N PHE A 3 -25.43 5.76 -31.81
CA PHE A 3 -26.14 5.46 -30.57
C PHE A 3 -27.44 6.25 -30.52
N SER A 4 -28.42 5.73 -29.79
CA SER A 4 -29.67 6.48 -29.77
C SER A 4 -30.22 6.74 -28.38
N ASN A 5 -30.11 5.78 -27.47
CA ASN A 5 -30.73 5.91 -26.16
C ASN A 5 -30.06 4.96 -25.19
N ILE A 6 -30.27 5.21 -23.90
CA ILE A 6 -29.81 4.31 -22.85
C ILE A 6 -30.80 4.37 -21.70
N THR A 7 -31.14 3.19 -21.19
CA THR A 7 -32.13 3.03 -20.13
C THR A 7 -31.48 2.32 -18.95
N ILE A 8 -31.62 2.90 -17.76
CA ILE A 8 -31.05 2.33 -16.54
C ILE A 8 -32.17 2.16 -15.52
N LYS A 9 -32.28 0.94 -14.99
CA LYS A 9 -33.29 0.58 -14.00
C LYS A 9 -32.60 -0.04 -12.79
N ASN A 10 -32.81 0.56 -11.62
CA ASN A 10 -32.35 0.02 -10.35
C ASN A 10 -30.85 -0.23 -10.34
N PHE A 11 -30.08 0.84 -10.45
CA PHE A 11 -28.62 0.79 -10.33
C PHE A 11 -28.18 1.96 -9.47
N ARG A 12 -27.71 1.66 -8.25
CA ARG A 12 -27.26 2.67 -7.29
C ARG A 12 -28.35 3.71 -7.04
N ASN A 13 -28.13 4.95 -7.47
CA ASN A 13 -29.06 6.03 -7.21
C ASN A 13 -30.02 6.27 -8.37
N PHE A 14 -29.99 5.43 -9.40
CA PHE A 14 -30.89 5.55 -10.54
C PHE A 14 -32.09 4.65 -10.29
N GLU A 15 -33.29 5.21 -10.44
CA GLU A 15 -34.52 4.45 -10.27
C GLU A 15 -35.10 4.02 -11.62
N LYS A 16 -35.37 4.97 -12.50
CA LYS A 16 -35.81 4.68 -13.87
C LYS A 16 -35.39 5.86 -14.73
N VAL A 17 -34.25 5.74 -15.41
CA VAL A 17 -33.65 6.85 -16.11
C VAL A 17 -33.54 6.52 -17.59
N ASN A 18 -33.97 7.44 -18.43
CA ASN A 18 -33.99 7.30 -19.88
C ASN A 18 -33.27 8.49 -20.49
N ILE A 19 -32.10 8.26 -21.08
CA ILE A 19 -31.24 9.35 -21.54
C ILE A 19 -30.95 9.18 -23.03
N ASN A 20 -31.12 10.25 -23.79
CA ASN A 20 -30.74 10.26 -25.19
C ASN A 20 -29.24 10.53 -25.32
N LEU A 21 -28.66 10.02 -26.40
CA LEU A 21 -27.22 10.10 -26.60
C LEU A 21 -26.93 10.45 -28.06
N ASP A 22 -25.65 10.47 -28.38
CA ASP A 22 -25.16 10.66 -29.74
C ASP A 22 -23.69 10.24 -29.76
N ASN A 23 -23.03 10.45 -30.89
CA ASN A 23 -21.66 10.00 -31.04
C ASN A 23 -20.71 10.73 -30.09
N LYS A 24 -20.87 12.04 -29.95
CA LYS A 24 -20.07 12.85 -29.03
C LYS A 24 -20.97 13.38 -27.92
N ASN A 25 -20.61 13.11 -26.67
CA ASN A 25 -21.45 13.45 -25.54
C ASN A 25 -20.62 14.14 -24.47
N VAL A 26 -21.21 15.15 -23.82
CA VAL A 26 -20.56 15.89 -22.74
C VAL A 26 -21.54 16.01 -21.58
N ILE A 27 -21.11 15.59 -20.39
CA ILE A 27 -21.96 15.54 -19.20
C ILE A 27 -21.42 16.53 -18.18
N PHE A 28 -22.33 17.29 -17.55
CA PHE A 28 -21.91 18.23 -16.52
C PHE A 28 -23.05 18.50 -15.56
N GLY A 29 -22.74 19.23 -14.49
CA GLY A 29 -23.70 19.60 -13.48
C GLY A 29 -23.02 19.82 -12.15
N MET A 30 -23.80 19.70 -11.08
CA MET A 30 -23.32 19.94 -9.72
C MET A 30 -23.20 18.66 -8.91
N ASN A 31 -23.87 17.58 -9.29
CA ASN A 31 -23.85 16.33 -8.54
C ASN A 31 -22.72 15.45 -9.08
N ASP A 32 -21.64 15.31 -8.29
CA ASP A 32 -20.49 14.56 -8.75
C ASP A 32 -20.70 13.05 -8.65
N ILE A 33 -21.47 12.60 -7.65
CA ILE A 33 -21.69 11.16 -7.47
C ILE A 33 -22.41 10.57 -8.67
N GLY A 34 -23.43 11.26 -9.17
CA GLY A 34 -24.14 10.77 -10.34
C GLY A 34 -23.27 10.75 -11.58
N LYS A 35 -22.46 11.79 -11.78
CA LYS A 35 -21.55 11.81 -12.92
C LYS A 35 -20.51 10.71 -12.84
N THR A 36 -20.10 10.31 -11.64
CA THR A 36 -19.21 9.16 -11.50
C THR A 36 -19.92 7.83 -11.75
N ASN A 37 -21.17 7.69 -11.31
CA ASN A 37 -21.91 6.45 -11.52
C ASN A 37 -22.30 6.24 -12.97
N PHE A 38 -22.55 7.33 -13.70
CA PHE A 38 -22.97 7.23 -15.09
C PHE A 38 -21.92 6.59 -15.97
N LEU A 39 -20.66 6.58 -15.56
CA LEU A 39 -19.61 5.95 -16.35
C LEU A 39 -19.37 4.49 -15.96
N TYR A 40 -19.47 4.17 -14.67
CA TYR A 40 -19.48 2.75 -14.28
C TYR A 40 -20.67 2.02 -14.89
N ALA A 41 -21.79 2.71 -15.10
CA ALA A 41 -22.93 2.07 -15.76
C ALA A 41 -22.56 1.56 -17.14
N LEU A 42 -21.78 2.34 -17.90
CA LEU A 42 -21.37 1.89 -19.23
C LEU A 42 -20.24 0.88 -19.16
N ARG A 43 -19.33 1.03 -18.17
CA ARG A 43 -18.22 0.10 -18.06
C ARG A 43 -18.70 -1.30 -17.68
N PHE A 44 -19.73 -1.41 -16.85
CA PHE A 44 -20.28 -2.73 -16.52
C PHE A 44 -20.94 -3.41 -17.70
N LEU A 45 -21.17 -2.70 -18.79
CA LEU A 45 -21.83 -3.28 -19.95
C LEU A 45 -20.89 -3.54 -21.12
N LEU A 46 -19.90 -2.69 -21.36
CA LEU A 46 -19.02 -2.89 -22.50
C LEU A 46 -17.58 -3.23 -22.14
N ASP A 47 -17.23 -3.34 -20.85
CA ASP A 47 -15.87 -3.63 -20.43
C ASP A 47 -15.83 -4.92 -19.62
N LYS A 48 -14.73 -5.66 -19.76
CA LYS A 48 -14.61 -6.96 -19.10
C LYS A 48 -13.67 -6.97 -17.91
N GLU A 49 -12.76 -6.00 -17.82
CA GLU A 49 -11.90 -5.91 -16.65
C GLU A 49 -12.64 -5.47 -15.40
N ILE A 50 -13.89 -5.02 -15.55
CA ILE A 50 -14.72 -4.64 -14.41
C ILE A 50 -15.93 -5.55 -14.25
N ARG A 51 -16.31 -6.30 -15.28
CA ARG A 51 -17.46 -7.19 -15.21
C ARG A 51 -17.14 -8.54 -14.57
N LYS A 52 -15.86 -8.90 -14.44
CA LYS A 52 -15.52 -10.14 -13.75
C LYS A 52 -16.04 -10.13 -12.34
N PHE A 53 -15.87 -9.01 -11.65
CA PHE A 53 -16.32 -8.85 -10.27
C PHE A 53 -17.80 -8.47 -10.32
N GLY A 54 -18.65 -9.35 -9.83
CA GLY A 54 -20.08 -9.13 -9.92
C GLY A 54 -20.54 -8.01 -9.00
N PHE A 55 -21.85 -7.81 -8.99
CA PHE A 55 -22.44 -6.81 -8.12
C PHE A 55 -22.32 -7.23 -6.66
N ASN A 56 -22.35 -6.24 -5.78
CA ASN A 56 -22.35 -6.43 -4.34
C ASN A 56 -23.63 -5.86 -3.75
N LYS A 57 -23.70 -5.81 -2.43
CA LYS A 57 -24.89 -5.27 -1.77
C LYS A 57 -25.11 -3.80 -2.09
N SER A 58 -24.02 -3.02 -2.14
CA SER A 58 -24.16 -1.58 -2.32
C SER A 58 -24.56 -1.22 -3.74
N ASP A 59 -24.18 -2.03 -4.71
CA ASP A 59 -24.37 -1.66 -6.11
C ASP A 59 -25.84 -1.68 -6.54
N TYR A 60 -26.70 -2.21 -5.69
CA TYR A 60 -28.13 -2.12 -5.93
C TYR A 60 -28.63 -0.73 -5.54
N HIS A 61 -29.94 -0.59 -5.43
CA HIS A 61 -30.55 0.64 -4.94
C HIS A 61 -30.40 0.63 -3.43
N LYS A 62 -31.23 1.38 -2.69
CA LYS A 62 -30.94 1.58 -1.28
C LYS A 62 -31.08 0.28 -0.50
N HIS A 63 -30.21 -0.68 -0.81
CA HIS A 63 -30.08 -1.96 -0.10
C HIS A 63 -31.39 -2.73 -0.05
N ASP A 64 -32.13 -2.70 -1.15
CA ASP A 64 -33.29 -3.58 -1.35
C ASP A 64 -32.86 -4.68 -2.30
N THR A 65 -32.29 -5.73 -1.73
CA THR A 65 -31.62 -6.76 -2.53
C THR A 65 -32.59 -7.82 -3.02
N SER A 66 -33.69 -7.38 -3.64
CA SER A 66 -34.65 -8.30 -4.23
C SER A 66 -35.21 -7.78 -5.55
N LYS A 67 -34.51 -6.89 -6.23
CA LYS A 67 -34.98 -6.30 -7.47
C LYS A 67 -33.95 -6.53 -8.57
N LYS A 68 -34.43 -6.57 -9.80
CA LYS A 68 -33.57 -6.79 -10.95
C LYS A 68 -32.81 -5.53 -11.30
N ILE A 69 -31.69 -5.71 -11.98
CA ILE A 69 -30.89 -4.62 -12.51
C ILE A 69 -30.81 -4.80 -14.02
N GLU A 70 -31.45 -3.90 -14.75
CA GLU A 70 -31.51 -3.98 -16.21
C GLU A 70 -30.81 -2.78 -16.82
N ILE A 71 -29.95 -3.04 -17.80
CA ILE A 71 -29.32 -1.98 -18.58
C ILE A 71 -29.46 -2.33 -20.05
N ILE A 72 -30.05 -1.44 -20.84
CA ILE A 72 -30.30 -1.65 -22.25
C ILE A 72 -29.68 -0.50 -23.04
N LEU A 73 -28.97 -0.83 -24.11
CA LEU A 73 -28.36 0.14 -25.01
C LEU A 73 -28.93 -0.04 -26.40
N THR A 74 -29.27 1.08 -27.05
CA THR A 74 -29.97 1.09 -28.32
C THR A 74 -29.11 1.74 -29.40
N LEU A 75 -29.00 1.06 -30.54
CA LEU A 75 -28.16 1.49 -31.63
C LEU A 75 -28.97 1.46 -32.92
N ASP A 76 -28.76 2.44 -33.79
CA ASP A 76 -29.51 2.59 -35.02
C ASP A 76 -28.68 2.07 -36.19
N LEU A 77 -29.22 1.12 -36.94
CA LEU A 77 -28.50 0.41 -37.97
C LEU A 77 -29.24 0.64 -39.30
N SER A 78 -28.87 1.70 -39.99
CA SER A 78 -29.53 2.08 -41.23
C SER A 78 -28.65 1.98 -42.46
N ASN A 79 -27.40 2.45 -42.37
CA ASN A 79 -26.49 2.42 -43.51
C ASN A 79 -26.05 0.97 -43.73
N TYR A 80 -26.93 0.22 -44.40
CA TYR A 80 -26.72 -1.20 -44.59
C TYR A 80 -25.59 -1.51 -45.56
N GLU A 81 -25.28 -0.59 -46.47
CA GLU A 81 -24.27 -0.85 -47.50
C GLU A 81 -23.18 0.20 -47.61
N LYS A 82 -23.38 1.41 -47.10
CA LYS A 82 -22.35 2.45 -47.16
C LYS A 82 -21.45 2.47 -45.94
N ASP A 83 -21.92 1.97 -44.80
CA ASP A 83 -21.16 2.10 -43.56
C ASP A 83 -20.08 1.03 -43.49
N GLU A 84 -18.89 1.43 -43.06
CA GLU A 84 -17.78 0.49 -42.90
C GLU A 84 -17.80 -0.21 -41.54
N ASP A 85 -18.68 0.19 -40.63
CA ASP A 85 -18.78 -0.43 -39.33
C ASP A 85 -20.06 -1.23 -39.12
N THR A 86 -21.08 -1.00 -39.94
CA THR A 86 -22.28 -1.84 -39.89
C THR A 86 -21.96 -3.29 -40.24
N LYS A 87 -20.96 -3.51 -41.09
CA LYS A 87 -20.58 -4.87 -41.45
C LYS A 87 -20.08 -5.64 -40.24
N LYS A 88 -19.30 -4.99 -39.37
CA LYS A 88 -18.72 -5.67 -38.23
C LYS A 88 -19.77 -6.05 -37.19
N LEU A 89 -20.88 -5.30 -37.12
CA LEU A 89 -21.98 -5.64 -36.23
C LEU A 89 -23.10 -6.38 -36.96
N ILE A 90 -22.82 -6.88 -38.16
CA ILE A 90 -23.81 -7.67 -38.90
C ILE A 90 -23.17 -8.98 -39.33
N SER A 91 -21.85 -9.08 -39.18
CA SER A 91 -21.13 -10.31 -39.47
C SER A 91 -20.91 -11.15 -38.22
N VAL A 92 -20.54 -10.53 -37.10
CA VAL A 92 -20.37 -11.29 -35.86
C VAL A 92 -21.71 -11.86 -35.41
N VAL A 93 -22.77 -11.07 -35.47
CA VAL A 93 -24.11 -11.55 -35.16
C VAL A 93 -24.71 -12.17 -36.43
N LYS A 94 -25.29 -13.34 -36.29
CA LYS A 94 -25.79 -14.07 -37.44
C LYS A 94 -27.17 -14.67 -37.24
N GLY A 95 -27.69 -14.70 -36.02
CA GLY A 95 -28.97 -15.33 -35.78
C GLY A 95 -30.01 -14.42 -35.18
N ALA A 96 -29.56 -13.38 -34.47
CA ALA A 96 -30.49 -12.43 -33.88
C ALA A 96 -31.07 -11.48 -34.91
N ARG A 97 -30.42 -11.35 -36.08
CA ARG A 97 -30.93 -10.53 -37.17
C ARG A 97 -31.97 -11.33 -37.91
N THR A 98 -33.22 -11.22 -37.45
CA THR A 98 -34.30 -12.02 -38.02
C THR A 98 -34.52 -11.71 -39.50
N SER A 99 -34.51 -10.43 -39.84
CA SER A 99 -34.73 -9.99 -41.20
C SER A 99 -33.56 -9.12 -41.66
N ALA A 100 -33.39 -9.04 -42.98
CA ALA A 100 -32.38 -8.19 -43.58
C ALA A 100 -32.87 -6.75 -43.74
N ASN A 101 -34.07 -6.44 -43.24
CA ASN A 101 -34.65 -5.10 -43.33
C ASN A 101 -35.09 -4.62 -41.96
N ALA A 102 -34.20 -4.77 -40.98
CA ALA A 102 -34.41 -4.23 -39.65
C ALA A 102 -33.51 -3.03 -39.43
N ASP A 103 -33.95 -2.11 -38.57
CA ASP A 103 -33.25 -0.85 -38.36
C ASP A 103 -32.62 -0.71 -36.98
N VAL A 104 -33.28 -1.17 -35.93
CA VAL A 104 -32.80 -0.97 -34.57
C VAL A 104 -32.11 -2.23 -34.08
N PHE A 105 -31.19 -2.08 -33.13
CA PHE A 105 -30.54 -3.21 -32.49
C PHE A 105 -30.51 -2.96 -30.99
N TYR A 106 -30.38 -4.02 -30.19
CA TYR A 106 -30.39 -3.83 -28.74
C TYR A 106 -29.29 -4.65 -28.09
N ILE A 107 -28.81 -4.15 -26.95
CA ILE A 107 -27.90 -4.92 -26.09
C ILE A 107 -28.39 -4.78 -24.65
N ALA A 108 -28.55 -5.89 -23.95
CA ALA A 108 -29.18 -5.89 -22.64
C ALA A 108 -28.30 -6.60 -21.62
N LEU A 109 -28.51 -6.24 -20.36
CA LEU A 109 -27.74 -6.81 -19.25
C LEU A 109 -28.67 -6.95 -18.06
N GLU A 110 -28.77 -8.16 -17.52
CA GLU A 110 -29.67 -8.48 -16.43
C GLU A 110 -28.87 -9.10 -15.28
N SER A 111 -29.44 -9.01 -14.07
CA SER A 111 -28.79 -9.59 -12.91
C SER A 111 -29.82 -9.89 -11.84
N LYS A 112 -29.78 -11.10 -11.30
CA LYS A 112 -30.64 -11.51 -10.19
C LYS A 112 -29.77 -12.03 -9.05
N TYR A 113 -30.17 -11.74 -7.82
CA TYR A 113 -29.33 -12.01 -6.66
C TYR A 113 -29.40 -13.49 -6.27
N ASP A 114 -28.31 -13.97 -5.67
CA ASP A 114 -28.25 -15.33 -5.13
C ASP A 114 -27.91 -15.20 -3.65
N ASP A 115 -28.92 -15.36 -2.79
CA ASP A 115 -28.77 -15.05 -1.38
C ASP A 115 -27.78 -15.99 -0.71
N LYS A 116 -27.76 -17.26 -1.10
CA LYS A 116 -26.97 -18.26 -0.38
C LYS A 116 -25.48 -17.93 -0.41
N GLU A 117 -24.97 -17.52 -1.56
CA GLU A 117 -23.53 -17.31 -1.73
C GLU A 117 -23.12 -15.84 -1.66
N LEU A 118 -24.07 -14.92 -1.49
CA LEU A 118 -23.80 -13.48 -1.43
C LEU A 118 -23.05 -13.01 -2.67
N TYR A 119 -23.72 -13.14 -3.81
CA TYR A 119 -23.09 -12.87 -5.10
C TYR A 119 -24.18 -12.69 -6.14
N GLY A 120 -24.10 -11.62 -6.93
CA GLY A 120 -25.03 -11.36 -8.01
C GLY A 120 -24.37 -11.66 -9.35
N ASN A 121 -25.07 -12.41 -10.18
CA ASN A 121 -24.56 -12.82 -11.47
C ASN A 121 -25.03 -11.88 -12.56
N ILE A 122 -24.21 -11.74 -13.60
CA ILE A 122 -24.47 -10.85 -14.72
C ILE A 122 -24.70 -11.68 -15.97
N ILE A 123 -25.81 -11.42 -16.66
CA ILE A 123 -26.20 -12.17 -17.85
C ILE A 123 -26.39 -11.19 -19.00
N LEU A 124 -25.83 -11.53 -20.16
CA LEU A 124 -25.80 -10.65 -21.32
C LEU A 124 -26.63 -11.26 -22.45
N LYS A 125 -27.34 -10.40 -23.19
CA LYS A 125 -28.28 -10.85 -24.22
C LYS A 125 -28.51 -9.73 -25.22
N TRP A 126 -28.36 -10.02 -26.52
CA TRP A 126 -28.82 -9.06 -27.49
C TRP A 126 -29.95 -9.61 -28.36
N GLY A 127 -30.34 -8.80 -29.34
CA GLY A 127 -31.43 -9.11 -30.25
C GLY A 127 -31.87 -7.89 -31.00
N SER A 128 -32.66 -8.13 -32.03
CA SER A 128 -33.22 -7.06 -32.86
C SER A 128 -34.69 -6.79 -32.54
N GLU A 129 -35.21 -7.35 -31.46
CA GLU A 129 -36.56 -7.07 -31.00
C GLU A 129 -36.55 -7.09 -29.47
N LEU A 130 -37.53 -6.41 -28.88
CA LEU A 130 -37.58 -6.35 -27.43
C LEU A 130 -38.24 -7.58 -26.81
N ASP A 131 -38.89 -8.41 -27.62
CA ASP A 131 -39.59 -9.57 -27.10
C ASP A 131 -38.81 -10.87 -27.26
N ASN A 132 -37.93 -10.96 -28.24
CA ASN A 132 -37.17 -12.18 -28.53
C ASN A 132 -35.68 -11.86 -28.43
N LEU A 133 -35.12 -12.01 -27.24
CA LEU A 133 -33.70 -11.79 -27.01
C LEU A 133 -33.03 -13.11 -26.68
N ILE A 134 -31.94 -13.42 -27.38
CA ILE A 134 -31.24 -14.67 -27.21
C ILE A 134 -29.92 -14.41 -26.48
N ASP A 135 -29.32 -15.48 -25.95
CA ASP A 135 -28.09 -15.38 -25.19
C ASP A 135 -26.89 -15.31 -26.11
N ILE A 136 -25.87 -14.60 -25.67
CA ILE A 136 -24.66 -14.41 -26.48
C ILE A 136 -23.78 -15.65 -26.37
N PRO A 137 -23.36 -16.23 -27.49
CA PRO A 137 -22.48 -17.40 -27.43
C PRO A 137 -21.07 -17.02 -26.98
N GLY A 138 -20.38 -18.01 -26.43
CA GLY A 138 -19.02 -17.83 -25.96
C GLY A 138 -18.61 -18.91 -24.99
N ARG A 139 -17.37 -19.38 -25.08
CA ARG A 139 -16.88 -20.46 -24.24
C ARG A 139 -15.68 -19.99 -23.44
N GLY A 140 -15.71 -20.23 -22.14
CA GLY A 140 -14.62 -19.85 -21.27
C GLY A 140 -14.84 -18.54 -20.55
N ASN A 141 -13.98 -17.56 -20.83
CA ASN A 141 -14.08 -16.23 -20.22
C ASN A 141 -14.29 -15.12 -21.23
N ILE A 142 -14.51 -15.46 -22.51
CA ILE A 142 -14.61 -14.47 -23.57
C ILE A 142 -15.96 -14.60 -24.24
N ASN A 143 -16.71 -13.50 -24.29
CA ASN A 143 -17.98 -13.45 -24.98
C ASN A 143 -17.79 -13.02 -26.43
N ALA A 144 -18.87 -13.04 -27.20
CA ALA A 144 -18.83 -12.55 -28.56
C ALA A 144 -18.88 -11.02 -28.63
N LEU A 145 -19.29 -10.36 -27.54
CA LEU A 145 -19.33 -8.91 -27.53
C LEU A 145 -17.94 -8.32 -27.49
N ASP A 146 -16.99 -9.00 -26.85
CA ASP A 146 -15.63 -8.48 -26.74
C ASP A 146 -14.88 -8.52 -28.06
N ASN A 147 -15.44 -9.15 -29.09
CA ASN A 147 -14.81 -9.21 -30.40
C ASN A 147 -15.20 -8.04 -31.29
N VAL A 148 -16.00 -7.11 -30.79
CA VAL A 148 -16.47 -5.97 -31.57
C VAL A 148 -16.03 -4.64 -30.98
N PHE A 149 -16.10 -4.49 -29.67
CA PHE A 149 -15.82 -3.22 -29.00
C PHE A 149 -14.56 -3.32 -28.16
N LYS A 150 -13.90 -2.17 -27.98
CA LYS A 150 -12.81 -2.02 -27.03
C LYS A 150 -12.96 -0.69 -26.30
N VAL A 151 -12.88 -0.74 -24.97
CA VAL A 151 -13.12 0.42 -24.13
C VAL A 151 -11.81 0.89 -23.53
N ILE A 152 -11.58 2.20 -23.55
CA ILE A 152 -10.39 2.82 -23.01
C ILE A 152 -10.81 3.85 -21.96
N TYR A 153 -10.12 3.84 -20.82
CA TYR A 153 -10.41 4.71 -19.69
C TYR A 153 -9.24 5.64 -19.44
N ILE A 154 -9.51 6.94 -19.34
CA ILE A 154 -8.48 7.94 -19.11
C ILE A 154 -8.86 8.77 -17.88
N ASN A 155 -7.94 8.85 -16.93
CA ASN A 155 -8.09 9.58 -15.68
C ASN A 155 -6.70 10.00 -15.19
N PRO A 156 -6.43 11.31 -15.10
CA PRO A 156 -5.09 11.74 -14.65
C PRO A 156 -4.77 11.37 -13.23
N LEU A 157 -5.78 11.10 -12.39
CA LEU A 157 -5.57 10.77 -10.99
C LEU A 157 -5.49 9.25 -10.86
N VAL A 158 -4.31 8.71 -11.15
CA VAL A 158 -4.08 7.28 -11.08
C VAL A 158 -2.60 6.99 -10.88
N ASP A 280 -9.22 -3.08 -36.14
CA ASP A 280 -10.34 -3.82 -36.72
C ASP A 280 -11.52 -3.89 -35.76
N LYS A 281 -11.44 -3.13 -34.67
CA LYS A 281 -12.50 -3.08 -33.68
C LYS A 281 -12.82 -1.62 -33.35
N ILE A 282 -14.09 -1.39 -32.98
CA ILE A 282 -14.52 -0.06 -32.57
C ILE A 282 -13.87 0.29 -31.23
N VAL A 283 -13.54 1.57 -31.05
CA VAL A 283 -12.89 2.05 -29.84
C VAL A 283 -13.78 3.11 -29.19
N ILE A 284 -14.04 2.95 -27.90
CA ILE A 284 -14.87 3.87 -27.14
C ILE A 284 -14.03 4.45 -26.00
N TYR A 285 -13.94 5.78 -25.95
CA TYR A 285 -13.14 6.49 -24.97
C TYR A 285 -14.00 6.99 -23.83
N LEU A 286 -13.46 6.95 -22.62
CA LEU A 286 -14.12 7.51 -21.43
C LEU A 286 -13.12 8.35 -20.68
N ILE A 287 -13.32 9.68 -20.69
CA ILE A 287 -12.41 10.64 -20.12
C ILE A 287 -13.03 11.20 -18.86
N GLU A 288 -12.25 11.23 -17.76
CA GLU A 288 -12.76 11.77 -16.50
C GLU A 288 -11.82 12.87 -16.00
N GLU A 289 -12.34 14.09 -15.87
CA GLU A 289 -11.67 15.26 -15.31
C GLU A 289 -10.28 15.48 -15.89
N PRO A 290 -10.14 15.85 -17.16
CA PRO A 290 -8.83 16.13 -17.75
C PRO A 290 -8.34 17.57 -17.53
N GLU A 291 -8.51 18.08 -16.31
CA GLU A 291 -8.04 19.42 -15.97
C GLU A 291 -7.45 19.50 -14.58
N ILE A 292 -7.07 18.36 -13.98
CA ILE A 292 -6.66 18.36 -12.58
C ILE A 292 -5.41 19.21 -12.38
N SER A 293 -4.39 19.00 -13.21
CA SER A 293 -3.14 19.73 -13.08
C SER A 293 -2.67 20.22 -14.44
N LEU A 294 -3.60 20.81 -15.20
CA LEU A 294 -3.29 21.35 -16.51
C LEU A 294 -3.47 22.85 -16.54
N HIS A 295 -2.64 23.51 -17.35
CA HIS A 295 -2.70 24.94 -17.54
C HIS A 295 -3.80 25.30 -18.55
N ARG A 296 -4.10 26.60 -18.63
CA ARG A 296 -5.24 27.08 -19.41
C ARG A 296 -5.07 26.80 -20.90
N SER A 297 -3.90 27.16 -21.44
CA SER A 297 -3.65 26.97 -22.86
C SER A 297 -3.72 25.50 -23.24
N MET A 298 -3.24 24.63 -22.36
CA MET A 298 -3.34 23.20 -22.60
C MET A 298 -4.79 22.76 -22.69
N GLN A 299 -5.66 23.33 -21.85
CA GLN A 299 -7.07 22.99 -21.92
C GLN A 299 -7.67 23.38 -23.27
N ILE A 300 -7.33 24.57 -23.75
CA ILE A 300 -7.86 24.98 -25.06
C ILE A 300 -7.35 24.06 -26.17
N ALA A 301 -6.08 23.70 -26.12
CA ALA A 301 -5.52 22.79 -27.13
C ALA A 301 -6.23 21.44 -27.11
N LEU A 302 -6.49 20.93 -25.91
CA LEU A 302 -7.18 19.65 -25.81
C LEU A 302 -8.59 19.74 -26.41
N SER A 303 -9.27 20.85 -26.15
CA SER A 303 -10.61 21.05 -26.71
C SER A 303 -10.57 21.02 -28.22
N LYS A 304 -9.58 21.69 -28.80
CA LYS A 304 -9.44 21.69 -30.25
C LYS A 304 -9.22 20.27 -30.77
N GLN A 305 -8.34 19.51 -30.12
CA GLN A 305 -8.08 18.15 -30.59
C GLN A 305 -9.32 17.27 -30.53
N LEU A 306 -10.09 17.33 -29.45
CA LEU A 306 -11.31 16.53 -29.38
C LEU A 306 -12.30 16.93 -30.46
N PHE A 307 -12.65 18.21 -30.54
CA PHE A 307 -13.80 18.58 -31.35
C PHE A 307 -13.48 18.85 -32.81
N GLU A 308 -12.20 18.81 -33.20
CA GLU A 308 -11.83 19.12 -34.58
C GLU A 308 -11.35 17.88 -35.34
N GLN A 309 -10.32 17.19 -34.85
CA GLN A 309 -9.75 16.09 -35.61
C GLN A 309 -10.65 14.86 -35.55
N SER A 310 -10.37 13.91 -36.43
CA SER A 310 -11.19 12.71 -36.57
C SER A 310 -10.59 11.50 -35.85
N THR A 311 -9.57 11.71 -35.02
CA THR A 311 -8.99 10.61 -34.27
C THR A 311 -10.01 10.01 -33.31
N TYR A 312 -10.82 10.85 -32.68
CA TYR A 312 -11.86 10.42 -31.76
C TYR A 312 -13.21 10.49 -32.46
N LYS A 313 -13.99 9.44 -32.33
CA LYS A 313 -15.34 9.46 -32.90
C LYS A 313 -16.43 9.17 -31.88
N TYR A 314 -16.17 8.28 -30.92
CA TYR A 314 -17.11 7.96 -29.87
C TYR A 314 -16.47 8.24 -28.52
N PHE A 315 -17.09 9.10 -27.71
CA PHE A 315 -16.56 9.31 -26.37
C PHE A 315 -17.63 9.88 -25.46
N PHE A 316 -17.35 9.81 -24.15
CA PHE A 316 -18.11 10.45 -23.10
C PHE A 316 -17.13 11.24 -22.24
N LEU A 317 -17.50 12.48 -21.90
CA LEU A 317 -16.58 13.40 -21.23
C LEU A 317 -17.26 14.07 -20.04
N SER A 318 -16.55 14.14 -18.91
CA SER A 318 -17.00 14.83 -17.71
C SER A 318 -16.03 15.94 -17.36
N THR A 319 -16.57 17.12 -17.02
CA THR A 319 -15.71 18.27 -16.81
C THR A 319 -16.34 19.25 -15.83
N HIS A 320 -15.49 20.06 -15.22
CA HIS A 320 -15.90 21.13 -14.32
C HIS A 320 -15.43 22.51 -14.77
N SER A 321 -14.64 22.61 -15.83
CA SER A 321 -14.06 23.86 -16.28
C SER A 321 -14.69 24.30 -17.61
N PRO A 322 -14.82 25.60 -17.84
CA PRO A 322 -15.46 26.08 -19.07
C PRO A 322 -14.51 26.34 -20.23
N GLU A 323 -13.24 25.95 -20.13
CA GLU A 323 -12.30 26.19 -21.21
C GLU A 323 -12.24 25.05 -22.22
N LEU A 324 -12.73 23.86 -21.85
CA LEU A 324 -12.82 22.78 -22.82
C LEU A 324 -13.92 23.01 -23.83
N LEU A 325 -14.92 23.81 -23.50
CA LEU A 325 -16.04 24.07 -24.40
C LEU A 325 -15.93 25.46 -25.05
N TYR A 326 -14.87 25.68 -25.85
CA TYR A 326 -14.83 26.85 -26.72
C TYR A 326 -15.12 26.57 -28.19
N GLU A 327 -14.99 25.33 -28.64
CA GLU A 327 -15.33 25.01 -30.02
C GLU A 327 -16.17 23.74 -30.09
N MET A 328 -17.17 23.63 -29.23
CA MET A 328 -18.10 22.52 -29.28
C MET A 328 -19.01 22.66 -30.49
N ASP A 329 -19.17 21.58 -31.24
CA ASP A 329 -19.99 21.58 -32.44
C ASP A 329 -20.45 20.16 -32.74
N ASN A 330 -21.75 20.00 -32.99
CA ASN A 330 -22.33 18.71 -33.38
C ASN A 330 -22.19 17.68 -32.25
N THR A 331 -22.71 18.01 -31.08
CA THR A 331 -22.56 17.14 -29.92
C THR A 331 -23.87 17.05 -29.16
N ARG A 332 -23.86 16.27 -28.09
CA ARG A 332 -25.00 16.10 -27.21
C ARG A 332 -24.60 16.46 -25.79
N LEU A 333 -25.31 17.43 -25.21
CA LEU A 333 -25.01 17.94 -23.88
C LEU A 333 -26.02 17.38 -22.89
N ILE A 334 -25.53 16.85 -21.77
CA ILE A 334 -26.34 16.33 -20.68
C ILE A 334 -26.05 17.16 -19.43
N ARG A 335 -27.11 17.67 -18.82
CA ARG A 335 -27.02 18.43 -17.58
C ARG A 335 -27.71 17.66 -16.46
N VAL A 336 -27.05 17.65 -15.30
CA VAL A 336 -27.53 16.98 -14.11
C VAL A 336 -27.99 18.04 -13.12
N HIS A 337 -29.25 17.93 -12.68
CA HIS A 337 -29.76 18.90 -11.72
C HIS A 337 -29.18 18.64 -10.33
N SER A 338 -29.41 19.59 -9.43
CA SER A 338 -28.92 19.45 -8.06
C SER A 338 -29.75 18.48 -7.23
N THR A 339 -30.98 18.19 -7.66
CA THR A 339 -31.86 17.31 -6.90
C THR A 339 -31.51 15.85 -7.18
N GLU A 340 -32.41 14.95 -6.81
CA GLU A 340 -32.23 13.53 -7.07
C GLU A 340 -31.99 13.28 -8.56
N LYS A 341 -31.27 12.18 -8.85
CA LYS A 341 -30.83 11.89 -10.22
C LYS A 341 -31.98 11.64 -11.18
N VAL A 342 -33.22 11.53 -10.70
CA VAL A 342 -34.36 11.19 -11.53
C VAL A 342 -34.48 12.18 -12.69
N VAL A 343 -33.81 13.31 -12.58
CA VAL A 343 -33.84 14.36 -13.60
C VAL A 343 -32.46 14.46 -14.25
N CYS A 344 -32.45 14.44 -15.58
CA CYS A 344 -31.27 14.69 -16.40
C CYS A 344 -31.77 15.19 -17.75
N SER A 345 -31.16 16.25 -18.26
CA SER A 345 -31.66 16.88 -19.49
C SER A 345 -30.62 16.80 -20.59
N SER A 346 -31.08 16.72 -21.83
CA SER A 346 -30.21 16.51 -22.97
C SER A 346 -30.60 17.43 -24.12
N HIS A 347 -29.59 17.94 -24.83
CA HIS A 347 -29.85 18.79 -25.99
C HIS A 347 -28.75 18.59 -27.03
N MET A 348 -29.14 18.64 -28.30
CA MET A 348 -28.22 18.48 -29.42
C MET A 348 -27.73 19.85 -29.87
N TYR A 349 -26.43 20.09 -29.75
CA TYR A 349 -25.83 21.36 -30.12
C TYR A 349 -25.24 21.26 -31.52
N ASN A 350 -25.67 22.17 -32.39
CA ASN A 350 -25.23 22.23 -33.78
C ASN A 350 -25.41 23.66 -34.26
N VAL A 351 -24.31 24.34 -34.59
CA VAL A 351 -24.38 25.74 -34.98
C VAL A 351 -24.77 25.85 -36.44
N GLU A 352 -25.43 26.95 -36.79
CA GLU A 352 -25.87 27.18 -38.16
C GLU A 352 -24.71 27.69 -39.01
N GLU A 353 -24.96 27.81 -40.31
CA GLU A 353 -23.95 28.30 -41.24
C GLU A 353 -24.02 29.81 -41.44
N ALA A 354 -25.15 30.45 -41.10
CA ALA A 354 -25.25 31.89 -41.16
C ALA A 354 -24.44 32.55 -40.05
N TYR A 355 -24.47 31.98 -38.85
CA TYR A 355 -23.70 32.51 -37.73
C TYR A 355 -22.30 31.89 -37.72
N GLY A 356 -21.56 32.03 -38.81
CA GLY A 356 -20.29 31.35 -38.93
C GLY A 356 -19.08 32.25 -38.76
N SER A 357 -19.29 33.55 -38.92
CA SER A 357 -18.22 34.53 -38.75
C SER A 357 -18.11 35.04 -37.32
N VAL A 358 -19.04 34.67 -36.44
CA VAL A 358 -19.00 35.09 -35.05
C VAL A 358 -19.07 33.89 -34.11
N LYS A 359 -18.60 32.73 -34.55
CA LYS A 359 -18.72 31.50 -33.77
C LYS A 359 -17.94 31.59 -32.46
N LYS A 360 -16.72 32.12 -32.53
CA LYS A 360 -15.84 32.14 -31.36
C LYS A 360 -16.47 32.94 -30.22
N LYS A 361 -17.00 34.11 -30.55
CA LYS A 361 -17.59 34.96 -29.52
C LYS A 361 -18.81 34.31 -28.89
N LEU A 362 -19.66 33.68 -29.70
CA LEU A 362 -20.83 32.98 -29.18
C LEU A 362 -20.42 31.88 -28.21
N ASN A 363 -19.46 31.05 -28.61
CA ASN A 363 -19.05 29.94 -27.74
C ASN A 363 -18.41 30.46 -26.46
N LYS A 364 -17.58 31.50 -26.55
CA LYS A 364 -16.95 32.04 -25.34
C LYS A 364 -17.97 32.65 -24.40
N ALA A 365 -19.05 33.21 -24.96
CA ALA A 365 -20.08 33.78 -24.10
C ALA A 365 -20.90 32.71 -23.41
N LEU A 366 -21.25 31.64 -24.15
CA LEU A 366 -22.15 30.63 -23.61
C LEU A 366 -21.46 29.58 -22.74
N SER A 367 -20.15 29.39 -22.92
CA SER A 367 -19.43 28.34 -22.19
C SER A 367 -19.42 28.56 -20.70
N SER A 368 -19.45 29.80 -20.23
CA SER A 368 -19.55 30.07 -18.81
C SER A 368 -20.98 30.06 -18.31
N ALA A 369 -21.94 30.47 -19.14
CA ALA A 369 -23.34 30.48 -18.72
C ALA A 369 -23.91 29.09 -18.58
N LEU A 370 -23.32 28.10 -19.25
CA LEU A 370 -23.85 26.74 -19.12
C LEU A 370 -23.68 26.16 -17.71
N PHE A 371 -22.96 26.84 -16.81
CA PHE A 371 -22.70 26.34 -15.46
C PHE A 371 -23.53 27.06 -14.41
N ALA A 372 -24.62 27.71 -14.83
CA ALA A 372 -25.41 28.54 -13.94
C ALA A 372 -26.81 27.97 -13.78
N GLU A 373 -27.62 28.66 -12.98
CA GLU A 373 -29.03 28.35 -12.82
C GLU A 373 -29.96 29.49 -13.22
N ARG A 374 -29.47 30.74 -13.23
CA ARG A 374 -30.24 31.89 -13.67
C ARG A 374 -29.33 32.79 -14.49
N VAL A 375 -29.78 33.18 -15.68
CA VAL A 375 -28.97 33.95 -16.61
C VAL A 375 -29.80 35.11 -17.16
N LEU A 376 -29.19 36.29 -17.21
CA LEU A 376 -29.83 37.50 -17.72
C LEU A 376 -29.07 37.98 -18.95
N LEU A 377 -29.81 38.46 -19.94
CA LEU A 377 -29.24 38.88 -21.21
C LEU A 377 -29.30 40.41 -21.34
N ILE A 378 -28.18 41.01 -21.73
CA ILE A 378 -28.06 42.45 -21.90
C ILE A 378 -27.54 42.75 -23.30
N GLU A 379 -27.31 44.03 -23.57
CA GLU A 379 -26.87 44.47 -24.90
C GLU A 379 -25.37 44.77 -24.93
N GLY A 380 -24.89 45.66 -24.08
CA GLY A 380 -23.51 46.09 -24.13
C GLY A 380 -22.90 46.33 -22.77
N PRO A 381 -21.72 46.97 -22.75
CA PRO A 381 -21.01 47.18 -21.49
C PRO A 381 -21.53 48.33 -20.66
N SER A 382 -22.41 49.17 -21.21
CA SER A 382 -22.98 50.26 -20.42
C SER A 382 -23.98 49.75 -19.39
N GLU A 383 -24.67 48.65 -19.69
CA GLU A 383 -25.64 48.07 -18.79
C GLU A 383 -25.03 47.13 -17.76
N LYS A 384 -23.72 46.90 -17.83
CA LYS A 384 -23.05 46.04 -16.87
C LYS A 384 -22.63 46.80 -15.62
N ILE A 385 -22.07 48.00 -15.79
CA ILE A 385 -21.56 48.77 -14.66
C ILE A 385 -22.70 49.13 -13.71
N LEU A 386 -23.81 49.62 -14.26
CA LEU A 386 -24.92 50.04 -13.43
C LEU A 386 -25.48 48.88 -12.61
N PHE A 387 -25.69 47.74 -13.28
CA PHE A 387 -26.27 46.60 -12.58
C PHE A 387 -25.31 46.04 -11.55
N GLU A 388 -24.01 46.00 -11.86
CA GLU A 388 -23.04 45.54 -10.87
C GLU A 388 -23.04 46.42 -9.65
N LYS A 389 -23.08 47.74 -9.84
CA LYS A 389 -23.11 48.64 -8.68
C LYS A 389 -24.38 48.45 -7.86
N VAL A 390 -25.53 48.37 -8.53
CA VAL A 390 -26.79 48.22 -7.80
C VAL A 390 -26.80 46.91 -7.01
N LEU A 391 -26.37 45.82 -7.65
CA LEU A 391 -26.37 44.54 -6.95
C LEU A 391 -25.37 44.54 -5.80
N ASP A 392 -24.20 45.16 -5.99
CA ASP A 392 -23.22 45.23 -4.91
C ASP A 392 -23.77 46.01 -3.73
N GLU A 393 -24.50 47.10 -3.99
CA GLU A 393 -25.08 47.86 -2.90
C GLU A 393 -26.23 47.13 -2.23
N VAL A 394 -27.00 46.33 -2.98
CA VAL A 394 -28.14 45.63 -2.39
C VAL A 394 -27.70 44.36 -1.68
N GLU A 395 -27.13 43.41 -2.42
CA GLU A 395 -26.60 42.20 -1.79
C GLU A 395 -25.39 41.70 -2.58
N PRO A 396 -24.25 41.51 -1.93
CA PRO A 396 -23.03 41.12 -2.65
C PRO A 396 -22.87 39.64 -2.93
N GLU A 397 -23.82 38.79 -2.52
CA GLU A 397 -23.75 37.37 -2.83
C GLU A 397 -24.83 37.06 -3.86
N TYR A 398 -24.51 37.29 -5.13
CA TYR A 398 -25.39 36.96 -6.23
C TYR A 398 -24.76 36.01 -7.24
N GLU A 399 -23.43 35.87 -7.22
CA GLU A 399 -22.76 34.92 -8.10
C GLU A 399 -22.46 33.59 -7.42
N LEU A 400 -22.47 33.55 -6.10
CA LEU A 400 -22.33 32.28 -5.40
C LEU A 400 -23.59 31.43 -5.56
N ASN A 401 -24.75 32.06 -5.45
CA ASN A 401 -26.04 31.36 -5.54
C ASN A 401 -26.56 31.41 -6.97
N GLY A 402 -25.83 30.76 -7.88
CA GLY A 402 -26.18 30.87 -9.28
C GLY A 402 -25.91 32.27 -9.79
N GLY A 403 -26.74 32.69 -10.74
CA GLY A 403 -26.65 34.05 -11.25
C GLY A 403 -25.53 34.28 -12.24
N PHE A 404 -25.78 35.12 -13.23
CA PHE A 404 -24.80 35.43 -14.27
C PHE A 404 -25.36 36.57 -15.12
N LEU A 405 -24.45 37.35 -15.68
CA LEU A 405 -24.79 38.40 -16.64
C LEU A 405 -24.13 38.08 -17.96
N LEU A 406 -24.91 38.08 -19.04
CA LEU A 406 -24.45 37.63 -20.34
C LEU A 406 -24.69 38.71 -21.38
N GLU A 407 -23.67 39.00 -22.18
CA GLU A 407 -23.74 40.02 -23.22
C GLU A 407 -24.02 39.36 -24.56
N VAL A 408 -24.99 39.90 -25.29
CA VAL A 408 -25.39 39.32 -26.57
C VAL A 408 -24.74 40.07 -27.72
N GLY A 409 -25.02 41.36 -27.84
CA GLY A 409 -24.46 42.15 -28.91
C GLY A 409 -25.40 42.33 -30.09
N GLY A 410 -24.84 42.35 -31.29
CA GLY A 410 -25.65 42.55 -32.49
C GLY A 410 -26.07 41.27 -33.19
N THR A 411 -26.80 40.41 -32.48
CA THR A 411 -27.32 39.17 -33.04
C THR A 411 -28.74 38.98 -32.54
N TYR A 412 -29.34 37.85 -32.91
CA TYR A 412 -30.67 37.48 -32.43
C TYR A 412 -30.55 36.55 -31.23
N PHE A 413 -31.67 36.39 -30.51
CA PHE A 413 -31.68 35.66 -29.25
C PHE A 413 -32.04 34.19 -29.41
N ASN A 414 -32.32 33.71 -30.62
CA ASN A 414 -32.82 32.34 -30.76
C ASN A 414 -31.78 31.32 -30.30
N HIS A 415 -30.52 31.52 -30.70
CA HIS A 415 -29.50 30.51 -30.45
C HIS A 415 -29.28 30.29 -28.97
N TYR A 416 -29.23 31.36 -28.19
CA TYR A 416 -29.06 31.21 -26.75
C TYR A 416 -30.31 30.66 -26.09
N VAL A 417 -31.48 31.15 -26.51
CA VAL A 417 -32.72 30.81 -25.81
C VAL A 417 -33.05 29.33 -25.97
N CYS A 418 -32.93 28.77 -27.18
CA CYS A 418 -33.27 27.36 -27.35
C CYS A 418 -32.33 26.47 -26.54
N THR A 419 -31.03 26.76 -26.62
CA THR A 419 -30.04 25.96 -25.89
C THR A 419 -30.28 26.02 -24.39
N LEU A 420 -30.61 27.19 -23.87
CA LEU A 420 -30.85 27.30 -22.44
C LEU A 420 -32.16 26.64 -22.02
N ASN A 421 -33.20 26.73 -22.87
CA ASN A 421 -34.49 26.17 -22.50
C ASN A 421 -34.50 24.65 -22.56
N ASP A 422 -33.72 24.04 -23.45
CA ASP A 422 -33.72 22.59 -23.52
C ASP A 422 -33.08 21.95 -22.29
N LEU A 423 -32.19 22.68 -21.61
CA LEU A 423 -31.49 22.15 -20.45
C LEU A 423 -32.06 22.66 -19.13
N GLY A 424 -33.23 23.27 -19.14
CA GLY A 424 -33.86 23.73 -17.91
C GLY A 424 -33.14 24.87 -17.20
N ILE A 425 -32.71 25.88 -17.94
CA ILE A 425 -32.05 27.06 -17.37
C ILE A 425 -32.99 28.24 -17.53
N THR A 426 -33.26 28.93 -16.42
CA THR A 426 -34.11 30.12 -16.46
C THR A 426 -33.44 31.21 -17.28
N HIS A 427 -34.21 31.87 -18.13
CA HIS A 427 -33.68 32.91 -19.00
C HIS A 427 -34.51 34.17 -18.88
N ILE A 428 -33.83 35.32 -18.82
CA ILE A 428 -34.45 36.63 -18.66
C ILE A 428 -33.92 37.53 -19.77
N ILE A 429 -34.83 38.25 -20.44
CA ILE A 429 -34.45 39.11 -21.56
C ILE A 429 -35.03 40.50 -21.35
N LYS A 430 -34.18 41.52 -21.49
CA LYS A 430 -34.59 42.91 -21.37
C LYS A 430 -34.02 43.68 -22.55
N THR A 431 -34.88 44.40 -23.28
CA THR A 431 -34.45 45.10 -24.48
C THR A 431 -35.17 46.44 -24.59
N ASP A 432 -34.73 47.23 -25.56
CA ASP A 432 -35.24 48.58 -25.79
C ASP A 432 -35.68 48.72 -27.24
N ASN A 433 -36.70 49.55 -27.45
CA ASN A 433 -37.20 49.81 -28.79
C ASN A 433 -36.16 50.56 -29.61
N ASP A 434 -36.11 50.26 -30.91
CA ASP A 434 -35.09 50.85 -31.75
C ASP A 434 -35.61 50.98 -33.18
N LEU A 435 -35.02 51.92 -33.91
CA LEU A 435 -35.35 52.18 -35.31
C LEU A 435 -34.05 52.39 -36.07
N LYS A 436 -33.91 51.74 -37.22
CA LYS A 436 -32.76 51.95 -38.08
C LYS A 436 -33.21 52.09 -39.52
N SER A 437 -32.39 52.78 -40.30
CA SER A 437 -32.73 53.16 -41.66
C SER A 437 -32.25 52.10 -42.64
N LYS A 438 -33.14 51.70 -43.55
CA LYS A 438 -32.76 50.77 -44.60
C LYS A 438 -31.78 51.43 -45.55
N LYS A 439 -30.76 50.69 -45.95
CA LYS A 439 -29.73 51.25 -46.81
C LYS A 439 -30.29 51.58 -48.19
N GLY A 440 -29.78 52.66 -48.77
CA GLY A 440 -30.25 53.11 -50.07
C GLY A 440 -31.43 54.05 -49.99
N LYS A 441 -32.60 53.52 -49.63
CA LYS A 441 -33.80 54.33 -49.55
C LYS A 441 -33.73 55.29 -48.36
N LYS A 442 -34.33 56.46 -48.54
CA LYS A 442 -34.32 57.52 -47.53
C LYS A 442 -35.72 57.73 -46.98
N GLY A 443 -35.81 57.98 -45.68
CA GLY A 443 -37.07 58.22 -45.03
C GLY A 443 -37.81 56.99 -44.57
N VAL A 444 -37.29 55.80 -44.84
CA VAL A 444 -37.92 54.54 -44.44
C VAL A 444 -37.11 53.93 -43.30
N TYR A 445 -37.82 53.42 -42.29
CA TYR A 445 -37.20 52.86 -41.11
C TYR A 445 -37.79 51.48 -40.85
N GLU A 446 -37.04 50.64 -40.16
CA GLU A 446 -37.48 49.29 -39.86
C GLU A 446 -37.53 49.07 -38.35
N LEU A 447 -38.56 48.36 -37.89
CA LEU A 447 -38.74 48.04 -36.48
C LEU A 447 -37.84 46.87 -36.14
N LEU A 448 -36.85 47.09 -35.29
CA LEU A 448 -35.84 46.08 -35.02
C LEU A 448 -36.09 45.33 -33.71
N GLY A 449 -36.23 46.04 -32.61
CA GLY A 449 -36.44 45.39 -31.33
C GLY A 449 -37.75 44.63 -31.27
N LEU A 450 -38.81 45.21 -31.82
CA LEU A 450 -40.10 44.54 -31.82
C LEU A 450 -40.06 43.27 -32.66
N ASN A 451 -39.42 43.33 -33.83
CA ASN A 451 -39.29 42.14 -34.66
C ASN A 451 -38.44 41.08 -33.97
N ARG A 452 -37.36 41.50 -33.30
CA ARG A 452 -36.50 40.54 -32.63
C ARG A 452 -37.20 39.87 -31.45
N CYS A 453 -38.12 40.59 -30.79
CA CYS A 453 -38.91 39.96 -29.75
C CYS A 453 -39.98 39.05 -30.33
N LEU A 454 -40.57 39.43 -31.46
CA LEU A 454 -41.60 38.60 -32.09
C LEU A 454 -41.02 37.30 -32.63
N ASN A 455 -39.79 37.34 -33.15
CA ASN A 455 -39.18 36.16 -33.75
C ASN A 455 -38.98 35.03 -32.75
N LEU A 456 -39.07 35.31 -31.45
CA LEU A 456 -38.92 34.30 -30.42
C LEU A 456 -40.22 33.58 -30.10
N LEU A 457 -41.36 34.23 -30.27
CA LEU A 457 -42.65 33.59 -30.03
C LEU A 457 -43.18 32.84 -31.25
N GLY A 458 -42.45 32.84 -32.35
CA GLY A 458 -42.87 32.10 -33.53
C GLY A 458 -43.83 32.88 -34.41
N ARG A 459 -43.43 34.05 -34.88
CA ARG A 459 -44.27 34.88 -35.72
C ARG A 459 -43.40 35.44 -36.85
N GLU A 460 -43.98 36.32 -37.65
CA GLU A 460 -43.34 36.83 -38.86
C GLU A 460 -43.03 38.32 -38.71
N ASN A 461 -42.08 38.77 -39.52
CA ASN A 461 -41.62 40.15 -39.47
C ASN A 461 -42.73 41.11 -39.87
N LEU A 462 -42.71 42.29 -39.26
CA LEU A 462 -43.68 43.33 -39.55
C LEU A 462 -43.24 44.15 -40.77
N ASP A 463 -44.19 44.90 -41.33
CA ASP A 463 -43.92 45.74 -42.47
C ASP A 463 -43.16 47.00 -42.05
N GLU A 464 -42.45 47.60 -42.99
CA GLU A 464 -41.69 48.80 -42.72
C GLU A 464 -42.61 49.99 -42.48
N ILE A 465 -42.09 51.00 -41.80
CA ILE A 465 -42.80 52.24 -41.51
C ILE A 465 -41.99 53.39 -42.09
N THR A 466 -42.66 54.23 -42.88
CA THR A 466 -42.04 55.36 -43.53
C THR A 466 -42.46 56.64 -42.83
N ILE A 467 -41.48 57.49 -42.49
CA ILE A 467 -41.75 58.74 -41.81
C ILE A 467 -41.05 59.85 -42.58
N ASP A 468 -41.60 61.07 -42.46
CA ASP A 468 -41.14 62.22 -43.22
C ASP A 468 -40.66 63.31 -42.26
N ILE A 469 -39.48 63.86 -42.54
CA ILE A 469 -38.90 64.94 -41.75
C ILE A 469 -38.31 65.98 -42.70
N PRO A 470 -38.65 67.26 -42.55
CA PRO A 470 -38.06 68.29 -43.40
C PRO A 470 -36.55 68.39 -43.19
N GLU A 471 -35.85 68.81 -44.24
CA GLU A 471 -34.39 68.86 -44.19
C GLU A 471 -33.90 69.87 -43.16
N ASP A 472 -34.60 70.99 -43.02
CA ASP A 472 -34.15 72.05 -42.11
C ASP A 472 -34.15 71.58 -40.65
N ILE A 473 -35.17 70.83 -40.26
CA ILE A 473 -35.29 70.41 -38.87
C ILE A 473 -34.23 69.38 -38.54
N LYS A 474 -33.45 69.64 -37.50
CA LYS A 474 -32.36 68.76 -37.09
C LYS A 474 -32.19 68.88 -35.58
N GLY A 475 -31.07 68.35 -35.07
CA GLY A 475 -30.75 68.51 -33.67
C GLY A 475 -31.71 67.77 -32.76
N LYS A 476 -32.04 68.41 -31.64
CA LYS A 476 -32.92 67.77 -30.65
C LYS A 476 -34.34 67.64 -31.16
N LYS A 477 -34.77 68.50 -32.10
CA LYS A 477 -36.12 68.40 -32.62
C LYS A 477 -36.34 67.08 -33.34
N LYS A 478 -35.35 66.64 -34.12
CA LYS A 478 -35.43 65.34 -34.77
C LYS A 478 -35.54 64.23 -33.74
N LYS A 479 -34.76 64.33 -32.66
CA LYS A 479 -34.81 63.31 -31.62
C LYS A 479 -36.17 63.25 -30.96
N GLU A 480 -36.77 64.41 -30.67
CA GLU A 480 -38.09 64.39 -30.04
C GLU A 480 -39.16 63.88 -30.99
N ARG A 481 -39.03 64.17 -32.30
CA ARG A 481 -39.97 63.61 -33.27
C ARG A 481 -39.86 62.09 -33.31
N LEU A 482 -38.64 61.57 -33.33
CA LEU A 482 -38.45 60.12 -33.33
C LEU A 482 -38.99 59.50 -32.05
N ASN A 483 -38.79 60.16 -30.92
CA ASN A 483 -39.31 59.65 -29.66
C ASN A 483 -40.84 59.62 -29.66
N GLU A 484 -41.48 60.65 -30.21
CA GLU A 484 -42.94 60.64 -30.31
C GLU A 484 -43.42 59.51 -31.21
N ARG A 485 -42.75 59.29 -32.33
CA ARG A 485 -43.11 58.19 -33.21
C ARG A 485 -42.98 56.86 -32.50
N LYS A 486 -41.89 56.67 -31.75
CA LYS A 486 -41.69 55.43 -31.01
C LYS A 486 -42.76 55.24 -29.94
N LYS A 487 -43.15 56.33 -29.28
CA LYS A 487 -44.22 56.23 -28.29
C LYS A 487 -45.54 55.82 -28.93
N GLU A 488 -45.84 56.36 -30.12
CA GLU A 488 -47.04 55.95 -30.83
C GLU A 488 -46.98 54.47 -31.20
N ILE A 489 -45.83 54.01 -31.70
CA ILE A 489 -45.67 52.60 -32.05
C ILE A 489 -45.89 51.72 -30.83
N PHE A 490 -45.34 52.13 -29.68
CA PHE A 490 -45.53 51.37 -28.45
C PHE A 490 -46.99 51.35 -28.05
N LYS A 491 -47.69 52.48 -28.21
CA LYS A 491 -49.11 52.53 -27.84
C LYS A 491 -49.95 51.67 -28.76
N GLN A 492 -49.49 51.42 -29.99
CA GLN A 492 -50.27 50.61 -30.91
C GLN A 492 -50.41 49.15 -30.47
N TYR A 493 -49.48 48.64 -29.67
CA TYR A 493 -49.35 47.19 -29.48
C TYR A 493 -49.38 46.74 -28.03
N LYS A 494 -50.37 47.21 -27.25
CA LYS A 494 -50.45 46.83 -25.84
C LYS A 494 -50.62 45.32 -25.66
N ASN A 495 -51.47 44.70 -26.49
CA ASN A 495 -51.68 43.25 -26.38
C ASN A 495 -50.39 42.50 -26.66
N GLU A 496 -49.65 42.92 -27.67
CA GLU A 496 -48.38 42.27 -27.98
C GLU A 496 -47.39 42.41 -26.84
N VAL A 497 -47.33 43.61 -26.23
CA VAL A 497 -46.42 43.79 -25.10
C VAL A 497 -46.83 42.91 -23.92
N GLY A 498 -48.13 42.82 -23.65
CA GLY A 498 -48.60 41.99 -22.56
C GLY A 498 -48.30 40.52 -22.78
N GLU A 499 -48.39 40.07 -24.03
CA GLU A 499 -48.03 38.69 -24.34
C GLU A 499 -46.51 38.47 -24.27
N PHE A 500 -45.73 39.49 -24.63
CA PHE A 500 -44.28 39.39 -24.46
C PHE A 500 -43.90 39.20 -23.00
N LEU A 501 -44.52 39.98 -22.11
CA LEU A 501 -44.11 39.96 -20.70
C LEU A 501 -44.33 38.60 -20.05
N GLY A 502 -45.24 37.78 -20.58
CA GLY A 502 -45.51 36.50 -19.95
C GLY A 502 -44.32 35.55 -19.98
N GLU A 503 -43.59 35.54 -21.09
CA GLU A 503 -42.49 34.60 -21.31
C GLU A 503 -41.13 35.22 -21.03
N ARG A 504 -41.06 36.10 -20.02
CA ARG A 504 -39.80 36.68 -19.56
C ARG A 504 -39.12 37.50 -20.65
N ILE A 505 -39.89 38.38 -21.28
CA ILE A 505 -39.35 39.37 -22.22
C ILE A 505 -39.85 40.74 -21.80
N TYR A 506 -38.92 41.67 -21.58
CA TYR A 506 -39.25 43.00 -21.11
C TYR A 506 -38.80 44.01 -22.16
N LEU A 507 -39.66 44.96 -22.49
CA LEU A 507 -39.39 45.95 -23.52
C LEU A 507 -39.57 47.35 -22.98
N SER A 508 -38.59 48.20 -23.20
CA SER A 508 -38.64 49.59 -22.77
C SER A 508 -39.15 50.48 -23.89
N GLU A 509 -39.71 51.63 -23.52
CA GLU A 509 -40.34 52.52 -24.48
C GLU A 509 -39.32 53.12 -25.44
N ILE A 510 -38.25 53.70 -24.91
CA ILE A 510 -37.25 54.36 -25.75
C ILE A 510 -35.87 53.77 -25.49
N ASP A 511 -35.40 53.86 -24.26
CA ASP A 511 -34.06 53.38 -23.92
C ASP A 511 -33.96 53.23 -22.40
N LEU A 512 -32.81 52.69 -21.96
CA LEU A 512 -32.57 52.53 -20.53
C LEU A 512 -32.38 53.87 -19.83
N GLU A 513 -31.81 54.85 -20.52
CA GLU A 513 -31.54 56.14 -19.89
C GLU A 513 -32.83 56.81 -19.43
N ASN A 514 -33.90 56.69 -20.23
CA ASN A 514 -35.16 57.33 -19.84
C ASN A 514 -35.77 56.68 -18.60
N ASP A 515 -35.71 55.36 -18.51
CA ASP A 515 -36.19 54.69 -17.30
C ASP A 515 -35.34 55.07 -16.09
N LEU A 516 -34.02 55.15 -16.28
CA LEU A 516 -33.14 55.55 -15.20
C LEU A 516 -33.46 56.97 -14.74
N TYR A 517 -33.78 57.86 -15.69
CA TYR A 517 -34.21 59.21 -15.35
C TYR A 517 -35.49 59.17 -14.52
N SER A 518 -36.51 58.48 -15.03
CA SER A 518 -37.78 58.39 -14.30
C SER A 518 -37.60 57.78 -12.92
N ALA A 519 -36.53 57.01 -12.72
CA ALA A 519 -36.29 56.45 -11.40
C ALA A 519 -35.59 57.44 -10.46
N ILE A 520 -34.49 58.04 -10.91
CA ILE A 520 -33.61 58.77 -10.00
C ILE A 520 -33.30 60.19 -10.44
N GLY A 521 -34.24 60.87 -11.12
CA GLY A 521 -33.95 62.19 -11.63
C GLY A 521 -33.53 63.20 -10.58
N GLU A 522 -34.07 63.07 -9.37
CA GLU A 522 -33.74 64.04 -8.32
C GLU A 522 -32.25 64.04 -8.01
N SER A 523 -31.63 62.86 -7.99
CA SER A 523 -30.19 62.78 -7.81
C SER A 523 -29.42 62.96 -9.11
N MET A 524 -30.04 62.65 -10.25
CA MET A 524 -29.38 62.86 -11.53
C MET A 524 -29.15 64.33 -11.80
N LYS A 525 -30.05 65.19 -11.32
CA LYS A 525 -29.90 66.63 -11.50
C LYS A 525 -29.15 67.24 -10.32
N ARG A 526 -28.02 66.63 -9.96
CA ARG A 526 -27.12 67.18 -8.95
C ARG A 526 -25.64 66.94 -9.24
N ILE A 527 -25.30 66.30 -10.35
CA ILE A 527 -23.92 65.95 -10.64
C ILE A 527 -23.50 66.60 -11.95
N PHE A 528 -24.19 66.24 -13.03
CA PHE A 528 -23.93 66.88 -14.32
C PHE A 528 -24.36 68.34 -14.32
N GLU A 529 -25.34 68.70 -13.47
CA GLU A 529 -25.93 70.03 -13.48
C GLU A 529 -26.39 70.38 -14.89
N ASN A 530 -25.88 71.49 -15.44
CA ASN A 530 -26.16 71.88 -16.81
C ASN A 530 -27.67 71.87 -17.08
N GLU A 531 -28.11 70.96 -17.93
CA GLU A 531 -29.53 70.74 -18.19
C GLU A 531 -29.67 69.38 -18.86
N ASP A 532 -30.93 68.90 -18.93
CA ASP A 532 -31.40 67.68 -19.59
C ASP A 532 -30.34 66.58 -19.56
N PRO A 533 -30.06 66.02 -18.37
CA PRO A 533 -28.90 65.13 -18.23
C PRO A 533 -28.95 63.90 -19.12
N VAL A 534 -30.14 63.49 -19.58
CA VAL A 534 -30.23 62.32 -20.45
C VAL A 534 -29.41 62.55 -21.72
N HIS A 535 -29.51 63.73 -22.31
CA HIS A 535 -28.67 64.04 -23.46
C HIS A 535 -27.19 63.99 -23.09
N TYR A 536 -26.84 64.52 -21.92
CA TYR A 536 -25.44 64.50 -21.51
C TYR A 536 -24.90 63.08 -21.42
N LEU A 537 -25.72 62.15 -20.94
CA LEU A 537 -25.35 60.74 -21.02
C LEU A 537 -25.23 60.28 -22.46
N GLN A 538 -26.14 60.74 -23.32
CA GLN A 538 -26.15 60.25 -24.70
C GLN A 538 -24.91 60.64 -25.48
N LYS A 539 -24.34 61.82 -25.23
CA LYS A 539 -23.13 62.22 -25.96
C LYS A 539 -22.02 61.19 -25.80
N SER A 540 -21.68 60.82 -24.56
CA SER A 540 -20.67 59.80 -24.31
C SER A 540 -21.18 58.87 -23.23
N LYS A 541 -21.14 57.57 -23.49
CA LYS A 541 -21.82 56.62 -22.63
C LYS A 541 -20.92 56.06 -21.54
N LEU A 542 -19.75 55.55 -21.90
CA LEU A 542 -18.90 54.87 -20.93
C LEU A 542 -18.42 55.83 -19.85
N PHE A 543 -17.82 56.94 -20.25
CA PHE A 543 -17.21 57.86 -19.28
C PHE A 543 -18.26 58.47 -18.36
N ASN A 544 -19.39 58.90 -18.94
CA ASN A 544 -20.42 59.54 -18.13
C ASN A 544 -21.09 58.55 -17.19
N MET A 545 -21.24 57.29 -17.62
CA MET A 545 -21.78 56.29 -16.71
C MET A 545 -20.82 55.99 -15.57
N VAL A 546 -19.51 55.98 -15.86
CA VAL A 546 -18.53 55.82 -14.78
C VAL A 546 -18.62 56.97 -13.79
N GLU A 547 -18.72 58.20 -14.31
CA GLU A 547 -18.86 59.36 -13.44
C GLU A 547 -20.13 59.28 -12.61
N LEU A 548 -21.24 58.84 -13.22
CA LEU A 548 -22.49 58.72 -12.49
C LEU A 548 -22.38 57.68 -11.38
N VAL A 549 -21.79 56.52 -11.68
CA VAL A 549 -21.73 55.46 -10.69
C VAL A 549 -20.77 55.83 -9.56
N ASN A 550 -19.78 56.67 -9.83
CA ASN A 550 -18.90 57.13 -8.76
C ASN A 550 -19.68 57.91 -7.72
N ASN A 551 -20.55 58.81 -8.16
CA ASN A 551 -21.29 59.69 -7.25
C ASN A 551 -22.72 59.17 -7.05
N LEU A 552 -22.84 58.09 -6.28
CA LEU A 552 -24.14 57.56 -5.89
C LEU A 552 -24.07 57.04 -4.46
N SER A 553 -25.24 56.96 -3.84
CA SER A 553 -25.36 56.53 -2.46
C SER A 553 -26.21 55.27 -2.39
N THR A 554 -26.30 54.71 -1.18
CA THR A 554 -27.08 53.49 -0.98
C THR A 554 -28.56 53.72 -1.28
N LYS A 555 -29.08 54.88 -0.91
CA LYS A 555 -30.49 55.15 -1.12
C LYS A 555 -30.85 55.10 -2.60
N ASP A 556 -30.00 55.67 -3.46
CA ASP A 556 -30.28 55.66 -4.89
C ASP A 556 -30.32 54.23 -5.43
N CYS A 557 -29.37 53.39 -5.02
CA CYS A 557 -29.34 52.01 -5.51
C CYS A 557 -30.54 51.22 -5.04
N PHE A 558 -30.95 51.39 -3.77
CA PHE A 558 -32.19 50.75 -3.34
C PHE A 558 -33.40 51.29 -4.09
N ASP A 559 -33.36 52.56 -4.50
CA ASP A 559 -34.47 53.11 -5.25
C ASP A 559 -34.56 52.50 -6.66
N VAL A 560 -33.40 52.25 -7.28
CA VAL A 560 -33.41 51.63 -8.61
C VAL A 560 -33.95 50.20 -8.53
N PHE A 561 -33.57 49.46 -7.49
CA PHE A 561 -33.88 48.04 -7.38
C PHE A 561 -35.37 47.75 -7.16
N GLU A 562 -36.17 48.74 -6.80
CA GLU A 562 -37.56 48.50 -6.43
C GLU A 562 -38.56 49.04 -7.44
N HIS A 563 -38.15 49.94 -8.33
CA HIS A 563 -39.06 50.54 -9.28
C HIS A 563 -39.64 49.48 -10.22
N GLU A 564 -40.82 49.78 -10.76
CA GLU A 564 -41.50 48.83 -11.63
C GLU A 564 -40.75 48.59 -12.93
N LYS A 565 -40.13 49.63 -13.49
CA LYS A 565 -39.46 49.53 -14.78
C LYS A 565 -38.21 48.66 -14.75
N PHE A 566 -37.73 48.26 -13.57
CA PHE A 566 -36.54 47.43 -13.43
C PHE A 566 -36.88 46.15 -12.70
N ALA A 567 -38.05 45.57 -13.00
CA ALA A 567 -38.46 44.35 -12.33
C ALA A 567 -37.57 43.17 -12.68
N CYS A 568 -36.83 43.23 -13.78
CA CYS A 568 -36.08 42.07 -14.24
C CYS A 568 -35.08 41.60 -13.20
N LEU A 569 -34.41 42.54 -12.52
CA LEU A 569 -33.45 42.17 -11.50
C LEU A 569 -34.10 41.34 -10.40
N LYS A 570 -35.34 41.67 -10.04
CA LYS A 570 -36.01 40.95 -8.97
C LYS A 570 -36.19 39.48 -9.33
N GLU A 571 -36.13 39.15 -10.62
CA GLU A 571 -36.27 37.76 -11.04
C GLU A 571 -34.93 37.05 -11.11
N LEU A 572 -33.82 37.79 -11.22
CA LEU A 572 -32.52 37.16 -11.26
C LEU A 572 -32.09 36.65 -9.89
N VAL A 573 -32.31 37.44 -8.85
CA VAL A 573 -31.79 37.10 -7.53
C VAL A 573 -32.46 35.82 -7.01
N GLY A 574 -33.77 35.75 -7.12
CA GLY A 574 -34.48 34.59 -6.65
C GLY A 574 -35.97 34.87 -6.57
N SER A 575 -36.70 33.84 -6.12
CA SER A 575 -38.14 33.93 -6.00
C SER A 575 -38.53 34.29 -4.56
N MET B 1 33.39 -3.12 27.50
CA MET B 1 34.03 -4.42 27.44
C MET B 1 33.03 -5.54 27.70
N LYS B 2 32.09 -5.30 28.62
CA LYS B 2 31.08 -6.31 28.92
C LYS B 2 29.83 -5.65 29.48
N PHE B 3 28.68 -6.02 28.93
CA PHE B 3 27.41 -5.57 29.47
C PHE B 3 27.16 -6.22 30.82
N SER B 4 26.37 -5.57 31.65
CA SER B 4 26.17 -6.18 32.96
C SER B 4 24.71 -6.31 33.37
N ASN B 5 23.88 -5.32 33.06
CA ASN B 5 22.52 -5.30 33.57
C ASN B 5 21.70 -4.33 32.74
N ILE B 6 20.38 -4.48 32.85
CA ILE B 6 19.44 -3.54 32.22
C ILE B 6 18.22 -3.43 33.11
N THR B 7 17.77 -2.19 33.31
CA THR B 7 16.64 -1.87 34.16
C THR B 7 15.59 -1.13 33.36
N ILE B 8 14.35 -1.62 33.39
CA ILE B 8 13.26 -1.01 32.67
C ILE B 8 12.14 -0.66 33.65
N LYS B 9 11.70 0.59 33.61
CA LYS B 9 10.66 1.09 34.48
C LYS B 9 9.58 1.78 33.65
N ASN B 10 8.34 1.33 33.81
CA ASN B 10 7.17 1.92 33.17
C ASN B 10 7.35 2.03 31.66
N PHE B 11 7.45 0.88 31.01
CA PHE B 11 7.45 0.80 29.55
C PHE B 11 6.55 -0.34 29.13
N ARG B 12 5.39 -0.01 28.57
CA ARG B 12 4.38 -0.98 28.13
C ARG B 12 4.00 -1.92 29.27
N ASN B 13 4.30 -3.21 29.14
CA ASN B 13 3.91 -4.18 30.16
C ASN B 13 4.98 -4.40 31.22
N PHE B 14 6.08 -3.66 31.17
CA PHE B 14 7.11 -3.74 32.19
C PHE B 14 6.80 -2.74 33.29
N GLU B 15 6.70 -3.22 34.53
CA GLU B 15 6.48 -2.34 35.67
C GLU B 15 7.81 -1.95 36.31
N LYS B 16 8.59 -2.96 36.72
CA LYS B 16 9.94 -2.71 37.22
C LYS B 16 10.72 -4.01 37.00
N VAL B 17 11.53 -4.05 35.94
CA VAL B 17 12.17 -5.28 35.51
C VAL B 17 13.68 -5.08 35.49
N ASN B 18 14.40 -6.04 36.08
CA ASN B 18 15.85 -5.99 36.26
C ASN B 18 16.42 -7.28 35.69
N ILE B 19 17.19 -7.19 34.60
CA ILE B 19 17.69 -8.37 33.91
C ILE B 19 19.21 -8.30 33.79
N ASN B 20 19.88 -9.39 34.15
CA ASN B 20 21.30 -9.53 33.90
C ASN B 20 21.54 -9.96 32.46
N LEU B 21 22.72 -9.65 31.94
CA LEU B 21 23.05 -9.93 30.55
C LEU B 21 24.52 -10.32 30.44
N ASP B 22 24.95 -10.54 29.20
CA ASP B 22 26.35 -10.74 28.86
C ASP B 22 26.46 -10.50 27.35
N ASN B 23 27.63 -10.83 26.78
CA ASN B 23 27.89 -10.49 25.39
C ASN B 23 26.94 -11.19 24.43
N LYS B 24 26.69 -12.48 24.66
CA LYS B 24 25.76 -13.26 23.85
C LYS B 24 24.54 -13.61 24.68
N ASN B 25 23.36 -13.30 24.17
CA ASN B 25 22.11 -13.45 24.90
C ASN B 25 21.06 -14.12 24.03
N VAL B 26 20.29 -15.04 24.63
CA VAL B 26 19.22 -15.74 23.93
C VAL B 26 17.97 -15.71 24.78
N ILE B 27 16.88 -15.23 24.22
CA ILE B 27 15.62 -15.06 24.94
C ILE B 27 14.58 -16.01 24.36
N PHE B 28 13.81 -16.66 25.23
CA PHE B 28 12.77 -17.57 24.77
C PHE B 28 11.68 -17.69 25.83
N GLY B 29 10.60 -18.35 25.46
CA GLY B 29 9.47 -18.57 26.33
C GLY B 29 8.20 -18.67 25.53
N MET B 30 7.07 -18.43 26.21
CA MET B 30 5.76 -18.55 25.58
C MET B 30 5.05 -17.21 25.42
N ASN B 31 5.48 -16.17 26.13
CA ASN B 31 4.89 -14.83 26.01
C ASN B 31 5.54 -14.13 24.82
N ASP B 32 4.82 -14.08 23.70
CA ASP B 32 5.34 -13.52 22.47
C ASP B 32 5.37 -11.99 22.46
N ILE B 33 4.44 -11.35 23.17
CA ILE B 33 4.44 -9.89 23.23
C ILE B 33 5.66 -9.36 23.98
N GLY B 34 6.03 -10.02 25.07
CA GLY B 34 7.13 -9.53 25.90
C GLY B 34 8.45 -9.50 25.16
N LYS B 35 8.70 -10.49 24.32
CA LYS B 35 9.97 -10.55 23.60
C LYS B 35 10.09 -9.40 22.59
N THR B 36 9.01 -9.16 21.83
CA THR B 36 9.01 -8.05 20.90
C THR B 36 9.18 -6.72 21.63
N ASN B 37 8.51 -6.58 22.78
CA ASN B 37 8.64 -5.35 23.56
C ASN B 37 10.06 -5.18 24.08
N PHE B 38 10.69 -6.28 24.49
CA PHE B 38 12.07 -6.23 24.96
C PHE B 38 13.01 -5.71 23.87
N LEU B 39 12.86 -6.24 22.66
CA LEU B 39 13.75 -5.79 21.59
C LEU B 39 13.44 -4.37 21.12
N TYR B 40 12.18 -3.94 21.14
CA TYR B 40 11.90 -2.52 20.87
C TYR B 40 12.50 -1.62 21.95
N ALA B 41 12.38 -2.03 23.22
CA ALA B 41 12.96 -1.25 24.30
C ALA B 41 14.46 -1.08 24.11
N LEU B 42 15.12 -2.13 23.64
CA LEU B 42 16.54 -2.02 23.37
C LEU B 42 16.86 -1.12 22.17
N ARG B 43 15.87 -0.74 21.37
CA ARG B 43 16.12 0.09 20.19
C ARG B 43 15.86 1.57 20.41
N PHE B 44 14.98 1.94 21.34
CA PHE B 44 14.80 3.34 21.68
C PHE B 44 16.00 3.95 22.37
N LEU B 45 17.05 3.19 22.64
CA LEU B 45 18.20 3.69 23.36
C LEU B 45 19.47 3.76 22.54
N LEU B 46 19.60 2.99 21.46
CA LEU B 46 20.83 2.95 20.70
C LEU B 46 20.64 3.15 19.19
N ASP B 47 19.42 3.36 18.72
CA ASP B 47 19.13 3.55 17.30
C ASP B 47 18.45 4.89 17.09
N LYS B 48 18.83 5.58 16.01
CA LYS B 48 18.26 6.89 15.72
C LYS B 48 17.07 6.83 14.79
N GLU B 49 16.97 5.81 13.94
CA GLU B 49 15.86 5.71 13.00
C GLU B 49 14.54 5.39 13.67
N ILE B 50 14.55 5.03 14.95
CA ILE B 50 13.33 4.76 15.70
C ILE B 50 13.12 5.75 16.83
N ARG B 51 14.15 6.48 17.24
CA ARG B 51 14.01 7.46 18.30
C ARG B 51 13.55 8.83 17.81
N LYS B 52 13.61 9.10 16.51
CA LYS B 52 13.05 10.35 16.00
C LYS B 52 11.59 10.47 16.35
N PHE B 53 10.86 9.36 16.26
CA PHE B 53 9.43 9.33 16.51
C PHE B 53 9.23 9.08 17.99
N GLY B 54 8.78 10.09 18.71
CA GLY B 54 8.69 9.99 20.15
C GLY B 54 7.63 9.01 20.59
N PHE B 55 7.51 8.88 21.91
CA PHE B 55 6.52 8.01 22.50
C PHE B 55 5.11 8.52 22.21
N ASN B 56 4.16 7.60 22.21
CA ASN B 56 2.75 7.91 22.03
C ASN B 56 1.99 7.52 23.30
N LYS B 57 0.66 7.60 23.21
CA LYS B 57 -0.17 7.28 24.38
C LYS B 57 -0.04 5.83 24.78
N SER B 58 0.04 4.93 23.79
CA SER B 58 0.06 3.49 24.09
C SER B 58 1.40 3.03 24.63
N ASP B 59 2.51 3.70 24.28
CA ASP B 59 3.83 3.23 24.64
C ASP B 59 4.10 3.29 26.14
N TYR B 60 3.24 3.94 26.91
CA TYR B 60 3.37 3.97 28.35
C TYR B 60 2.84 2.66 28.92
N HIS B 61 2.61 2.63 30.23
CA HIS B 61 1.93 1.52 30.89
C HIS B 61 0.45 1.64 30.57
N LYS B 62 -0.41 1.03 31.38
CA LYS B 62 -1.81 0.96 30.98
C LYS B 62 -2.45 2.35 30.97
N HIS B 63 -1.94 3.21 30.08
CA HIS B 63 -2.48 4.53 29.79
C HIS B 63 -2.57 5.41 31.04
N ASP B 64 -1.57 5.31 31.92
CA ASP B 64 -1.36 6.27 33.00
C ASP B 64 -0.32 7.27 32.52
N THR B 65 -0.78 8.30 31.81
CA THR B 65 0.12 9.24 31.16
C THR B 65 0.61 10.32 32.11
N SER B 66 1.08 9.90 33.28
CA SER B 66 1.66 10.83 34.25
C SER B 66 2.88 10.25 34.96
N LYS B 67 3.49 9.20 34.39
CA LYS B 67 4.60 8.52 35.02
C LYS B 67 5.83 8.58 34.12
N LYS B 68 7.00 8.60 34.74
CA LYS B 68 8.24 8.66 34.00
C LYS B 68 8.56 7.32 33.34
N ILE B 69 9.27 7.38 32.23
CA ILE B 69 9.79 6.20 31.56
C ILE B 69 11.31 6.28 31.60
N GLU B 70 11.92 5.40 32.38
CA GLU B 70 13.37 5.43 32.59
C GLU B 70 13.98 4.12 32.12
N ILE B 71 15.07 4.22 31.37
CA ILE B 71 15.83 3.05 30.95
C ILE B 71 17.30 3.31 31.23
N ILE B 72 17.96 2.38 31.92
CA ILE B 72 19.37 2.51 32.28
C ILE B 72 20.11 1.25 31.85
N LEU B 73 21.29 1.44 31.26
CA LEU B 73 22.14 0.36 30.79
C LEU B 73 23.50 0.48 31.48
N THR B 74 24.02 -0.67 31.94
CA THR B 74 25.22 -0.73 32.76
C THR B 74 26.31 -1.50 32.06
N LEU B 75 27.51 -0.90 32.03
CA LEU B 75 28.62 -1.51 31.31
C LEU B 75 29.84 -1.49 32.21
N ASP B 76 30.64 -2.56 32.14
CA ASP B 76 31.81 -2.71 33.00
C ASP B 76 33.07 -2.33 32.24
N LEU B 77 33.85 -1.41 32.80
CA LEU B 77 35.03 -0.85 32.14
C LEU B 77 36.24 -1.19 33.00
N SER B 78 36.80 -2.37 32.79
CA SER B 78 37.92 -2.87 33.59
C SER B 78 39.23 -2.87 32.82
N ASN B 79 39.24 -3.42 31.61
CA ASN B 79 40.47 -3.49 30.81
C ASN B 79 40.79 -2.09 30.30
N TYR B 80 41.36 -1.29 31.21
CA TYR B 80 41.65 0.10 30.90
C TYR B 80 42.77 0.28 29.89
N GLU B 81 43.68 -0.69 29.80
CA GLU B 81 44.86 -0.56 28.96
C GLU B 81 44.97 -1.60 27.85
N LYS B 82 44.40 -2.78 28.02
CA LYS B 82 44.53 -3.84 27.03
C LYS B 82 43.39 -3.88 26.02
N ASP B 83 42.19 -3.48 26.43
CA ASP B 83 41.03 -3.57 25.54
C ASP B 83 41.16 -2.59 24.38
N GLU B 84 40.84 -3.06 23.18
CA GLU B 84 40.84 -2.19 22.00
C GLU B 84 39.54 -1.44 21.84
N ASP B 85 38.53 -1.73 22.66
CA ASP B 85 37.24 -1.06 22.57
C ASP B 85 36.97 -0.13 23.75
N THR B 86 37.67 -0.28 24.86
CA THR B 86 37.48 0.62 25.98
C THR B 86 38.00 2.02 25.67
N LYS B 87 39.07 2.12 24.89
CA LYS B 87 39.62 3.43 24.55
C LYS B 87 38.59 4.28 23.81
N LYS B 88 37.79 3.67 22.94
CA LYS B 88 36.79 4.41 22.18
C LYS B 88 35.74 5.03 23.10
N LEU B 89 35.32 4.30 24.13
CA LEU B 89 34.38 4.83 25.11
C LEU B 89 35.11 5.55 26.25
N ILE B 90 36.35 5.98 26.03
CA ILE B 90 37.06 6.86 26.96
C ILE B 90 37.59 8.04 26.14
N SER B 91 37.64 7.88 24.82
CA SER B 91 38.07 8.99 23.97
C SER B 91 36.92 9.93 23.66
N VAL B 92 35.76 9.39 23.28
CA VAL B 92 34.62 10.25 22.97
C VAL B 92 34.10 10.93 24.22
N VAL B 93 33.94 10.17 25.30
CA VAL B 93 33.53 10.74 26.58
C VAL B 93 34.76 11.31 27.27
N LYS B 94 34.62 12.52 27.80
CA LYS B 94 35.75 13.22 28.40
C LYS B 94 35.43 13.92 29.71
N GLY B 95 34.16 14.09 30.06
CA GLY B 95 33.82 14.81 31.26
C GLY B 95 33.12 13.98 32.30
N ALA B 96 32.36 12.98 31.86
CA ALA B 96 31.66 12.12 32.80
C ALA B 96 32.61 11.23 33.58
N ARG B 97 33.79 10.95 33.04
CA ARG B 97 34.78 10.13 33.72
C ARG B 97 35.48 10.99 34.76
N THR B 98 34.86 11.11 35.92
CA THR B 98 35.38 11.98 36.97
C THR B 98 36.76 11.52 37.43
N SER B 99 36.94 10.22 37.60
CA SER B 99 38.21 9.67 38.03
C SER B 99 38.65 8.58 37.05
N ALA B 100 39.96 8.40 36.96
CA ALA B 100 40.52 7.37 36.09
C ALA B 100 40.42 5.97 36.70
N ASN B 101 39.61 5.80 37.73
CA ASN B 101 39.41 4.52 38.40
C ASN B 101 37.93 4.27 38.63
N ALA B 102 37.13 4.41 37.58
CA ALA B 102 35.68 4.30 37.70
C ALA B 102 35.23 2.84 37.70
N ASP B 103 35.59 2.10 36.65
CA ASP B 103 35.31 0.67 36.49
C ASP B 103 33.84 0.37 36.18
N VAL B 104 32.97 1.37 36.22
CA VAL B 104 31.54 1.19 35.90
C VAL B 104 31.08 2.41 35.10
N PHE B 105 30.21 2.18 34.11
CA PHE B 105 29.67 3.28 33.33
C PHE B 105 28.18 3.06 33.08
N TYR B 106 27.44 4.16 32.96
CA TYR B 106 25.99 4.10 32.82
C TYR B 106 25.55 4.87 31.58
N ILE B 107 24.40 4.46 31.04
CA ILE B 107 23.70 5.20 29.99
C ILE B 107 22.23 5.25 30.36
N ALA B 108 21.57 6.39 30.19
CA ALA B 108 20.24 6.57 30.71
C ALA B 108 19.33 7.26 29.70
N LEU B 109 18.04 7.08 29.90
CA LEU B 109 17.03 7.66 29.03
C LEU B 109 15.79 7.98 29.86
N GLU B 110 15.37 9.23 29.83
CA GLU B 110 14.22 9.71 30.59
C GLU B 110 13.21 10.36 29.65
N SER B 111 11.95 10.39 30.07
CA SER B 111 10.90 10.99 29.27
C SER B 111 9.77 11.46 30.16
N LYS B 112 9.22 12.63 29.84
CA LYS B 112 8.07 13.19 30.54
C LYS B 112 7.05 13.66 29.50
N TYR B 113 5.77 13.53 29.83
CA TYR B 113 4.71 13.81 28.87
C TYR B 113 4.38 15.30 28.80
N ASP B 114 4.08 15.77 27.60
CA ASP B 114 3.63 17.13 27.36
C ASP B 114 2.17 17.06 26.92
N ASP B 115 1.26 17.43 27.83
CA ASP B 115 -0.16 17.25 27.57
C ASP B 115 -0.65 18.15 26.44
N LYS B 116 -0.12 19.37 26.34
CA LYS B 116 -0.67 20.34 25.40
C LYS B 116 -0.54 19.87 23.96
N GLU B 117 0.61 19.31 23.59
CA GLU B 117 0.88 18.96 22.20
C GLU B 117 0.76 17.47 21.91
N LEU B 118 0.43 16.65 22.91
CA LEU B 118 0.29 15.21 22.75
C LEU B 118 1.59 14.60 22.20
N TYR B 119 2.64 14.70 23.01
CA TYR B 119 3.98 14.30 22.59
C TYR B 119 4.82 14.04 23.82
N GLY B 120 5.71 13.06 23.72
CA GLY B 120 6.61 12.76 24.82
C GLY B 120 8.07 12.83 24.40
N ASN B 121 8.80 13.81 24.95
CA ASN B 121 10.19 14.01 24.57
C ASN B 121 11.08 12.95 25.21
N ILE B 122 12.21 12.71 24.56
CA ILE B 122 13.20 11.74 25.01
C ILE B 122 14.50 12.47 25.31
N ILE B 123 15.01 12.31 26.52
CA ILE B 123 16.23 12.99 26.97
C ILE B 123 17.26 11.94 27.34
N LEU B 124 18.48 12.12 26.85
CA LEU B 124 19.56 11.14 27.01
C LEU B 124 20.67 11.72 27.88
N LYS B 125 21.27 10.86 28.71
CA LYS B 125 22.25 11.27 29.71
C LYS B 125 23.14 10.09 30.07
N TRP B 126 24.45 10.25 29.97
CA TRP B 126 25.32 9.26 30.59
C TRP B 126 26.06 9.82 31.79
N GLY B 127 26.96 9.00 32.32
CA GLY B 127 27.74 9.35 33.49
C GLY B 127 28.45 8.12 34.04
N SER B 128 29.23 8.36 35.08
CA SER B 128 29.94 7.30 35.79
C SER B 128 29.50 7.16 37.23
N GLU B 129 28.46 7.87 37.63
CA GLU B 129 27.83 7.71 38.94
C GLU B 129 26.34 7.93 38.76
N LEU B 130 25.55 7.34 39.66
CA LEU B 130 24.11 7.46 39.54
C LEU B 130 23.59 8.81 40.03
N ASP B 131 24.38 9.54 40.81
CA ASP B 131 23.94 10.83 41.33
C ASP B 131 24.29 12.00 40.43
N ASN B 132 25.43 11.92 39.74
CA ASN B 132 25.91 13.01 38.88
C ASN B 132 25.89 12.54 37.44
N LEU B 133 24.79 12.82 36.74
CA LEU B 133 24.65 12.50 35.33
C LEU B 133 24.52 13.80 34.55
N ILE B 134 25.31 13.93 33.49
CA ILE B 134 25.28 15.11 32.64
C ILE B 134 24.65 14.74 31.30
N ASP B 135 24.27 15.78 30.55
CA ASP B 135 23.61 15.62 29.26
C ASP B 135 24.63 15.39 28.15
N ILE B 136 24.19 14.72 27.10
CA ILE B 136 25.08 14.44 25.97
C ILE B 136 25.19 15.65 25.05
N PRO B 137 26.40 16.11 24.76
CA PRO B 137 26.57 17.18 23.78
C PRO B 137 26.23 16.71 22.38
N GLY B 138 25.82 17.66 21.55
CA GLY B 138 25.47 17.36 20.18
C GLY B 138 24.61 18.45 19.58
N ARG B 139 24.88 18.82 18.33
CA ARG B 139 24.18 19.92 17.68
C ARG B 139 23.48 19.41 16.43
N GLY B 140 22.24 19.83 16.25
CA GLY B 140 21.46 19.44 15.08
C GLY B 140 20.59 18.22 15.36
N ASN B 141 20.87 17.13 14.65
CA ASN B 141 20.12 15.90 14.78
C ASN B 141 20.99 14.71 15.18
N ILE B 142 22.25 14.93 15.52
CA ILE B 142 23.20 13.86 15.80
C ILE B 142 23.74 14.04 17.21
N ASN B 143 23.63 13.00 18.04
CA ASN B 143 24.19 12.98 19.37
C ASN B 143 25.60 12.45 19.34
N ALA B 144 26.27 12.49 20.50
CA ALA B 144 27.59 11.88 20.61
C ALA B 144 27.51 10.38 20.85
N LEU B 145 26.34 9.86 21.22
CA LEU B 145 26.18 8.42 21.37
C LEU B 145 26.24 7.69 20.04
N ASP B 146 25.78 8.33 18.97
CA ASP B 146 25.74 7.70 17.67
C ASP B 146 27.11 7.58 17.03
N ASN B 147 28.14 8.16 17.63
CA ASN B 147 29.49 8.06 17.11
C ASN B 147 30.25 6.85 17.66
N VAL B 148 29.61 6.02 18.49
CA VAL B 148 30.25 4.87 19.10
C VAL B 148 29.61 3.56 18.68
N PHE B 149 28.27 3.51 18.62
CA PHE B 149 27.55 2.28 18.36
C PHE B 149 26.83 2.35 17.02
N LYS B 150 26.64 1.17 16.42
CA LYS B 150 25.78 1.00 15.24
C LYS B 150 24.94 -0.25 15.44
N VAL B 151 23.64 -0.13 15.18
CA VAL B 151 22.67 -1.20 15.43
C VAL B 151 22.19 -1.75 14.09
N ILE B 152 22.14 -3.08 14.00
CA ILE B 152 21.65 -3.77 12.81
C ILE B 152 20.48 -4.66 13.20
N TYR B 153 19.42 -4.64 12.38
CA TYR B 153 18.19 -5.37 12.64
C TYR B 153 17.95 -6.37 11.52
N ILE B 154 17.65 -7.62 11.89
CA ILE B 154 17.42 -8.69 10.93
C ILE B 154 16.08 -9.35 11.24
N ASN B 155 15.23 -9.43 10.21
CA ASN B 155 13.89 -9.99 10.26
C ASN B 155 13.51 -10.44 8.87
N PRO B 156 13.28 -11.74 8.64
CA PRO B 156 12.99 -12.21 7.28
C PRO B 156 11.59 -11.87 6.80
N LEU B 157 10.73 -11.33 7.66
CA LEU B 157 9.38 -10.92 7.28
C LEU B 157 9.37 -9.43 6.94
N VAL B 158 9.96 -9.13 5.79
CA VAL B 158 10.04 -7.75 5.31
C VAL B 158 10.19 -7.72 3.80
N ASP B 280 35.38 1.00 12.65
CA ASP B 280 35.81 1.91 13.69
C ASP B 280 34.69 2.18 14.69
N LYS B 281 33.65 1.35 14.66
CA LYS B 281 32.52 1.46 15.56
C LYS B 281 32.13 0.07 16.05
N ILE B 282 31.53 0.02 17.23
CA ILE B 282 30.97 -1.21 17.74
C ILE B 282 29.67 -1.51 17.02
N VAL B 283 29.40 -2.79 16.76
CA VAL B 283 28.22 -3.23 16.02
C VAL B 283 27.40 -4.14 16.92
N ILE B 284 26.10 -3.87 17.02
CA ILE B 284 25.18 -4.66 17.83
C ILE B 284 24.11 -5.25 16.91
N TYR B 285 23.98 -6.57 16.95
CA TYR B 285 23.04 -7.29 16.10
C TYR B 285 21.78 -7.63 16.86
N LEU B 286 20.63 -7.49 16.18
CA LEU B 286 19.36 -7.94 16.71
C LEU B 286 18.72 -8.83 15.66
N ILE B 287 18.32 -10.04 16.06
CA ILE B 287 17.78 -11.05 15.17
C ILE B 287 16.41 -11.46 15.67
N GLU B 288 15.42 -11.47 14.79
CA GLU B 288 14.07 -11.88 15.18
C GLU B 288 13.61 -13.03 14.28
N GLU B 289 13.48 -14.22 14.88
CA GLU B 289 12.90 -15.41 14.27
C GLU B 289 13.55 -15.76 12.94
N PRO B 290 14.79 -16.26 12.93
CA PRO B 290 15.45 -16.65 11.68
C PRO B 290 15.15 -18.08 11.27
N GLU B 291 13.89 -18.49 11.41
CA GLU B 291 13.50 -19.86 11.07
C GLU B 291 12.15 -19.90 10.36
N ILE B 292 11.66 -18.76 9.85
CA ILE B 292 10.30 -18.69 9.31
C ILE B 292 10.14 -19.60 8.11
N SER B 293 11.10 -19.56 7.19
CA SER B 293 11.03 -20.39 5.99
C SER B 293 12.39 -21.00 5.69
N LEU B 294 13.03 -21.56 6.71
CA LEU B 294 14.32 -22.22 6.56
C LEU B 294 14.16 -23.72 6.77
N HIS B 295 14.91 -24.49 5.99
CA HIS B 295 14.91 -25.94 6.14
C HIS B 295 15.64 -26.34 7.42
N ARG B 296 15.45 -27.60 7.82
CA ARG B 296 16.00 -28.07 9.08
C ARG B 296 17.53 -28.07 9.06
N SER B 297 18.13 -28.41 7.92
CA SER B 297 19.58 -28.49 7.84
C SER B 297 20.23 -27.13 8.03
N MET B 298 19.66 -26.09 7.45
CA MET B 298 20.32 -24.78 7.46
C MET B 298 20.29 -24.11 8.83
N GLN B 299 19.34 -24.48 9.69
CA GLN B 299 19.32 -23.94 11.04
C GLN B 299 20.57 -24.35 11.81
N ILE B 300 21.04 -25.57 11.61
CA ILE B 300 22.26 -26.02 12.27
C ILE B 300 23.47 -25.20 11.80
N ALA B 301 23.53 -24.92 10.50
CA ALA B 301 24.62 -24.10 9.98
C ALA B 301 24.60 -22.71 10.59
N LEU B 302 23.40 -22.13 10.70
CA LEU B 302 23.30 -20.82 11.35
C LEU B 302 23.77 -20.88 12.79
N SER B 303 23.39 -21.93 13.52
CA SER B 303 23.80 -22.05 14.91
C SER B 303 25.32 -22.12 15.02
N LYS B 304 25.94 -22.94 14.18
CA LYS B 304 27.39 -23.02 14.16
C LYS B 304 28.03 -21.65 13.91
N GLN B 305 27.55 -20.94 12.88
CA GLN B 305 28.16 -19.64 12.56
C GLN B 305 28.04 -18.67 13.72
N LEU B 306 26.87 -18.57 14.35
CA LEU B 306 26.75 -17.66 15.48
C LEU B 306 27.66 -18.04 16.63
N PHE B 307 27.72 -19.33 16.97
CA PHE B 307 28.30 -19.70 18.26
C PHE B 307 29.77 -20.08 18.20
N GLU B 308 30.38 -20.20 17.01
CA GLU B 308 31.80 -20.54 16.97
C GLU B 308 32.65 -19.42 16.40
N GLN B 309 32.23 -18.77 15.32
CA GLN B 309 33.09 -17.79 14.67
C GLN B 309 33.05 -16.46 15.42
N SER B 310 34.02 -15.60 15.13
CA SER B 310 34.18 -14.34 15.83
C SER B 310 33.63 -13.16 15.04
N THR B 311 32.89 -13.41 13.97
CA THR B 311 32.27 -12.32 13.22
C THR B 311 31.24 -11.59 14.08
N TYR B 312 30.51 -12.33 14.91
CA TYR B 312 29.54 -11.76 15.82
C TYR B 312 30.13 -11.77 17.23
N LYS B 313 29.99 -10.64 17.93
CA LYS B 313 30.48 -10.58 19.30
C LYS B 313 29.38 -10.13 20.26
N TYR B 314 28.48 -9.27 19.79
CA TYR B 314 27.36 -8.79 20.58
C TYR B 314 26.07 -9.02 19.81
N PHE B 315 25.12 -9.74 20.40
CA PHE B 315 23.83 -9.92 19.74
C PHE B 315 22.78 -10.35 20.75
N PHE B 316 21.52 -10.26 20.31
CA PHE B 316 20.36 -10.76 21.02
C PHE B 316 19.53 -11.57 20.04
N LEU B 317 19.00 -12.72 20.49
CA LEU B 317 18.31 -13.65 19.61
C LEU B 317 16.97 -14.06 20.21
N SER B 318 15.98 -14.26 19.34
CA SER B 318 14.66 -14.74 19.71
C SER B 318 14.29 -15.91 18.81
N THR B 319 13.81 -17.01 19.40
CA THR B 319 13.59 -18.22 18.63
C THR B 319 12.50 -19.08 19.26
N HIS B 320 11.90 -19.94 18.42
CA HIS B 320 10.95 -20.94 18.85
C HIS B 320 11.35 -22.36 18.48
N SER B 321 12.45 -22.53 17.74
CA SER B 321 12.86 -23.84 17.30
C SER B 321 14.09 -24.32 18.06
N PRO B 322 14.18 -25.60 18.40
CA PRO B 322 15.30 -26.09 19.21
C PRO B 322 16.53 -26.47 18.42
N GLU B 323 16.54 -26.32 17.10
CA GLU B 323 17.71 -26.68 16.31
C GLU B 323 18.75 -25.57 16.24
N LEU B 324 18.41 -24.35 16.66
CA LEU B 324 19.40 -23.29 16.72
C LEU B 324 20.32 -23.44 17.93
N LEU B 325 19.87 -24.14 18.96
CA LEU B 325 20.67 -24.37 20.16
C LEU B 325 21.27 -25.77 20.17
N TYR B 326 22.15 -26.05 19.22
CA TYR B 326 22.95 -27.26 19.27
C TYR B 326 24.42 -27.02 19.56
N GLU B 327 24.92 -25.80 19.42
CA GLU B 327 26.31 -25.51 19.71
C GLU B 327 26.44 -24.33 20.68
N MET B 328 25.49 -24.22 21.61
CA MET B 328 25.48 -23.08 22.52
C MET B 328 26.55 -23.22 23.59
N ASP B 329 27.32 -22.16 23.80
CA ASP B 329 28.41 -22.14 24.75
C ASP B 329 28.80 -20.70 25.05
N ASN B 330 28.99 -20.41 26.34
CA ASN B 330 29.43 -19.08 26.81
C ASN B 330 28.39 -18.00 26.48
N THR B 331 27.16 -18.24 26.91
CA THR B 331 26.06 -17.34 26.63
C THR B 331 25.19 -17.18 27.87
N ARG B 332 24.23 -16.27 27.77
CA ARG B 332 23.18 -16.11 28.77
C ARG B 332 21.84 -16.51 28.17
N LEU B 333 21.03 -17.19 28.97
CA LEU B 333 19.70 -17.61 28.58
C LEU B 333 18.69 -16.88 29.45
N ILE B 334 17.70 -16.26 28.79
CA ILE B 334 16.59 -15.58 29.46
C ILE B 334 15.32 -16.32 29.11
N ARG B 335 14.57 -16.70 30.14
CA ARG B 335 13.28 -17.36 29.99
C ARG B 335 12.17 -16.45 30.47
N VAL B 336 11.10 -16.37 29.68
CA VAL B 336 9.93 -15.57 29.99
C VAL B 336 8.81 -16.51 30.40
N HIS B 337 8.25 -16.31 31.59
CA HIS B 337 7.19 -17.16 32.08
C HIS B 337 5.89 -16.88 31.32
N SER B 338 4.88 -17.70 31.61
CA SER B 338 3.58 -17.54 30.96
C SER B 338 2.74 -16.47 31.63
N THR B 339 3.08 -16.04 32.83
CA THR B 339 2.31 -15.05 33.56
C THR B 339 2.67 -13.65 33.06
N GLU B 340 2.29 -12.64 33.84
CA GLU B 340 2.66 -11.26 33.53
C GLU B 340 4.16 -11.15 33.31
N LYS B 341 4.55 -10.24 32.41
CA LYS B 341 5.93 -10.15 31.95
C LYS B 341 6.91 -9.82 33.08
N VAL B 342 6.42 -9.31 34.21
CA VAL B 342 7.27 -8.86 35.29
C VAL B 342 8.28 -9.93 35.74
N VAL B 343 8.07 -11.18 35.35
CA VAL B 343 8.96 -12.27 35.72
C VAL B 343 9.79 -12.68 34.50
N CYS B 344 11.11 -12.71 34.68
CA CYS B 344 12.04 -13.18 33.68
C CYS B 344 13.27 -13.73 34.40
N SER B 345 13.76 -14.88 33.96
CA SER B 345 14.87 -15.54 34.63
C SER B 345 16.06 -15.65 33.71
N SER B 346 17.26 -15.67 34.29
CA SER B 346 18.49 -15.64 33.49
C SER B 346 19.53 -16.58 34.08
N HIS B 347 20.32 -17.18 33.20
CA HIS B 347 21.38 -18.10 33.62
C HIS B 347 22.54 -18.04 32.64
N MET B 348 23.73 -18.37 33.15
CA MET B 348 24.96 -18.40 32.36
C MET B 348 25.31 -19.83 32.02
N TYR B 349 25.39 -20.16 30.72
CA TYR B 349 25.70 -21.50 30.27
C TYR B 349 27.18 -21.61 29.95
N ASN B 350 27.83 -22.63 30.50
CA ASN B 350 29.26 -22.81 30.30
C ASN B 350 29.58 -24.29 30.52
N VAL B 351 29.98 -24.98 29.45
CA VAL B 351 30.31 -26.40 29.57
C VAL B 351 31.73 -26.55 30.09
N GLU B 352 31.91 -27.48 31.02
CA GLU B 352 33.23 -27.73 31.58
C GLU B 352 34.11 -28.47 30.58
N GLU B 353 35.40 -28.50 30.88
CA GLU B 353 36.38 -29.19 30.05
C GLU B 353 36.43 -30.69 30.33
N ALA B 354 35.79 -31.13 31.41
CA ALA B 354 35.72 -32.54 31.75
C ALA B 354 34.58 -33.27 31.05
N TYR B 355 33.46 -32.59 30.78
CA TYR B 355 32.38 -33.19 30.01
C TYR B 355 32.52 -32.97 28.52
N GLY B 356 33.72 -32.65 28.05
CA GLY B 356 33.98 -32.62 26.62
C GLY B 356 33.92 -34.02 26.04
N SER B 357 33.83 -34.07 24.71
CA SER B 357 33.66 -35.28 23.93
C SER B 357 32.31 -35.96 24.16
N VAL B 358 31.43 -35.37 24.97
CA VAL B 358 30.06 -35.84 25.11
C VAL B 358 29.14 -34.64 24.98
N LYS B 359 29.71 -33.52 24.54
CA LYS B 359 28.98 -32.25 24.43
C LYS B 359 27.85 -32.32 23.42
N LYS B 360 28.12 -32.93 22.26
CA LYS B 360 27.14 -32.98 21.18
C LYS B 360 25.86 -33.68 21.60
N LYS B 361 25.95 -34.65 22.49
CA LYS B 361 24.78 -35.34 23.00
C LYS B 361 24.10 -34.57 24.13
N LEU B 362 24.87 -33.92 24.99
CA LEU B 362 24.29 -33.11 26.04
C LEU B 362 23.40 -32.01 25.47
N ASN B 363 23.89 -31.29 24.47
CA ASN B 363 23.11 -30.22 23.88
C ASN B 363 21.86 -30.72 23.17
N LYS B 364 21.94 -31.83 22.44
CA LYS B 364 20.76 -32.38 21.79
C LYS B 364 19.73 -32.85 22.82
N ALA B 365 20.18 -33.30 23.98
CA ALA B 365 19.24 -33.69 25.02
C ALA B 365 18.56 -32.47 25.64
N LEU B 366 19.32 -31.43 25.95
CA LEU B 366 18.78 -30.31 26.72
C LEU B 366 18.03 -29.29 25.85
N SER B 367 18.33 -29.22 24.54
CA SER B 367 17.75 -28.20 23.70
C SER B 367 16.24 -28.31 23.57
N SER B 368 15.68 -29.52 23.64
CA SER B 368 14.25 -29.68 23.64
C SER B 368 13.64 -29.54 25.03
N ALA B 369 14.36 -29.93 26.08
CA ALA B 369 13.85 -29.80 27.43
C ALA B 369 13.74 -28.35 27.87
N LEU B 370 14.52 -27.45 27.28
CA LEU B 370 14.43 -26.04 27.64
C LEU B 370 13.09 -25.40 27.29
N PHE B 371 12.26 -26.05 26.47
CA PHE B 371 11.00 -25.48 26.00
C PHE B 371 9.81 -26.03 26.76
N ALA B 372 10.04 -26.63 27.92
CA ALA B 372 8.99 -27.29 28.68
C ALA B 372 8.81 -26.61 30.03
N GLU B 373 7.86 -27.11 30.81
CA GLU B 373 7.63 -26.62 32.15
C GLU B 373 7.88 -27.65 33.23
N ARG B 374 8.13 -28.91 32.87
CA ARG B 374 8.37 -29.97 33.83
C ARG B 374 8.98 -31.17 33.13
N VAL B 375 10.10 -31.66 33.66
CA VAL B 375 10.95 -32.65 33.00
C VAL B 375 11.27 -33.77 33.97
N LEU B 376 11.23 -35.01 33.48
CA LEU B 376 11.59 -36.19 34.25
C LEU B 376 12.85 -36.80 33.67
N LEU B 377 13.76 -37.23 34.54
CA LEU B 377 15.05 -37.77 34.13
C LEU B 377 15.07 -39.28 34.31
N ILE B 378 15.46 -39.99 33.26
CA ILE B 378 15.49 -41.45 33.28
C ILE B 378 16.90 -41.92 32.94
N GLU B 379 17.09 -43.24 32.86
CA GLU B 379 18.40 -43.83 32.63
C GLU B 379 18.56 -44.34 31.19
N GLY B 380 17.68 -45.22 30.75
CA GLY B 380 17.80 -45.82 29.43
C GLY B 380 16.48 -45.94 28.70
N PRO B 381 16.51 -46.62 27.55
CA PRO B 381 15.29 -46.75 26.74
C PRO B 381 14.34 -47.83 27.22
N SER B 382 14.73 -48.64 28.20
CA SER B 382 13.82 -49.63 28.75
C SER B 382 12.64 -48.96 29.46
N GLU B 383 12.90 -47.89 30.20
CA GLU B 383 11.84 -47.19 30.94
C GLU B 383 10.95 -46.35 30.04
N LYS B 384 11.46 -45.88 28.89
CA LYS B 384 10.65 -45.05 28.01
C LYS B 384 9.43 -45.78 27.51
N ILE B 385 9.59 -47.03 27.09
CA ILE B 385 8.47 -47.81 26.55
C ILE B 385 7.40 -48.00 27.61
N LEU B 386 7.80 -48.44 28.80
CA LEU B 386 6.85 -48.69 29.87
C LEU B 386 6.10 -47.42 30.25
N PHE B 387 6.83 -46.32 30.43
CA PHE B 387 6.17 -45.08 30.85
C PHE B 387 5.27 -44.53 29.76
N GLU B 388 5.67 -44.65 28.48
CA GLU B 388 4.81 -44.19 27.40
C GLU B 388 3.51 -44.99 27.37
N LYS B 389 3.59 -46.31 27.53
CA LYS B 389 2.36 -47.10 27.54
C LYS B 389 1.47 -46.74 28.73
N VAL B 390 2.06 -46.61 29.91
CA VAL B 390 1.27 -46.30 31.10
C VAL B 390 0.58 -44.95 30.93
N LEU B 391 1.32 -43.94 30.46
CA LEU B 391 0.72 -42.64 30.28
C LEU B 391 -0.33 -42.64 29.18
N ASP B 392 -0.10 -43.38 28.09
CA ASP B 392 -1.08 -43.46 27.03
C ASP B 392 -2.39 -44.06 27.54
N GLU B 393 -2.29 -45.06 28.41
CA GLU B 393 -3.52 -45.64 28.97
C GLU B 393 -4.16 -44.74 30.02
N VAL B 394 -3.37 -43.99 30.79
CA VAL B 394 -3.93 -43.17 31.86
C VAL B 394 -4.54 -41.89 31.29
N GLU B 395 -3.70 -41.05 30.68
CA GLU B 395 -4.24 -39.86 30.01
C GLU B 395 -3.33 -39.53 28.83
N PRO B 396 -3.90 -39.33 27.63
CA PRO B 396 -3.09 -39.25 26.41
C PRO B 396 -2.57 -37.87 26.09
N GLU B 397 -3.03 -36.83 26.76
CA GLU B 397 -2.56 -35.46 26.52
C GLU B 397 -1.65 -35.07 27.69
N TYR B 398 -0.38 -35.44 27.58
CA TYR B 398 0.63 -35.05 28.56
C TYR B 398 1.75 -34.23 27.97
N GLU B 399 2.01 -34.33 26.67
CA GLU B 399 3.03 -33.52 26.02
C GLU B 399 2.49 -32.17 25.54
N LEU B 400 1.19 -31.94 25.67
CA LEU B 400 0.61 -30.65 25.34
C LEU B 400 0.66 -29.69 26.51
N ASN B 401 0.35 -30.18 27.71
CA ASN B 401 0.38 -29.37 28.91
C ASN B 401 1.74 -29.50 29.57
N GLY B 402 2.75 -28.99 28.87
CA GLY B 402 4.12 -29.21 29.32
C GLY B 402 4.52 -30.65 29.11
N GLY B 403 5.32 -31.17 30.02
CA GLY B 403 5.65 -32.59 30.01
C GLY B 403 6.74 -32.95 29.02
N PHE B 404 7.67 -33.78 29.46
CA PHE B 404 8.77 -34.24 28.62
C PHE B 404 9.52 -35.34 29.37
N LEU B 405 10.14 -36.23 28.61
CA LEU B 405 10.96 -37.30 29.15
C LEU B 405 12.37 -37.15 28.62
N LEU B 406 13.35 -37.13 29.52
CA LEU B 406 14.74 -36.84 29.16
C LEU B 406 15.63 -38.00 29.54
N GLU B 407 16.53 -38.36 28.64
CA GLU B 407 17.47 -39.46 28.84
C GLU B 407 18.81 -38.90 29.27
N VAL B 408 19.39 -39.47 30.32
CA VAL B 408 20.66 -38.97 30.86
C VAL B 408 21.80 -39.86 30.40
N GLY B 409 21.76 -41.13 30.78
CA GLY B 409 22.82 -42.05 30.42
C GLY B 409 23.88 -42.20 31.50
N GLY B 410 25.13 -42.38 31.09
CA GLY B 410 26.22 -42.55 32.03
C GLY B 410 26.94 -41.26 32.38
N THR B 411 26.26 -40.36 33.11
CA THR B 411 26.82 -39.08 33.48
C THR B 411 26.09 -38.58 34.72
N TYR B 412 26.78 -37.78 35.52
CA TYR B 412 26.16 -37.21 36.71
C TYR B 412 25.10 -36.18 36.32
N PHE B 413 24.24 -35.86 37.29
CA PHE B 413 23.07 -35.02 37.05
C PHE B 413 23.30 -33.54 37.30
N ASN B 414 24.51 -33.13 37.69
CA ASN B 414 24.72 -31.74 38.09
C ASN B 414 24.45 -30.76 36.95
N HIS B 415 24.96 -31.08 35.76
CA HIS B 415 24.88 -30.15 34.63
C HIS B 415 23.43 -29.86 34.26
N TYR B 416 22.59 -30.89 34.23
CA TYR B 416 21.19 -30.68 33.90
C TYR B 416 20.47 -29.94 35.01
N VAL B 417 20.73 -30.31 36.26
CA VAL B 417 19.93 -29.82 37.37
C VAL B 417 20.17 -28.34 37.60
N CYS B 418 21.44 -27.90 37.57
CA CYS B 418 21.69 -26.47 37.80
C CYS B 418 21.05 -25.62 36.72
N THR B 419 21.21 -26.01 35.46
CA THR B 419 20.62 -25.25 34.35
C THR B 419 19.10 -25.20 34.48
N LEU B 420 18.47 -26.32 34.82
CA LEU B 420 17.02 -26.33 34.93
C LEU B 420 16.53 -25.56 36.14
N ASN B 421 17.30 -25.54 37.23
CA ASN B 421 16.84 -24.85 38.43
C ASN B 421 16.99 -23.34 38.31
N ASP B 422 18.06 -22.87 37.68
CA ASP B 422 18.25 -21.43 37.56
C ASP B 422 17.16 -20.77 36.72
N LEU B 423 16.49 -21.51 35.85
CA LEU B 423 15.46 -20.96 34.97
C LEU B 423 14.05 -21.31 35.43
N GLY B 424 13.88 -21.80 36.65
CA GLY B 424 12.56 -22.09 37.17
C GLY B 424 11.83 -23.22 36.48
N ILE B 425 12.51 -24.33 36.21
CA ILE B 425 11.91 -25.52 35.60
C ILE B 425 11.87 -26.62 36.64
N THR B 426 10.69 -27.21 36.83
CA THR B 426 10.54 -28.31 37.76
C THR B 426 11.30 -29.53 37.27
N HIS B 427 12.05 -30.15 38.16
CA HIS B 427 12.87 -31.30 37.81
C HIS B 427 12.56 -32.47 38.73
N ILE B 428 12.49 -33.66 38.14
CA ILE B 428 12.19 -34.90 38.85
C ILE B 428 13.26 -35.93 38.50
N ILE B 429 13.78 -36.61 39.51
CA ILE B 429 14.85 -37.58 39.34
C ILE B 429 14.43 -38.89 39.97
N LYS B 430 14.52 -39.97 39.21
CA LYS B 430 14.28 -41.33 39.69
C LYS B 430 15.43 -42.21 39.25
N THR B 431 16.16 -42.77 40.22
CA THR B 431 17.32 -43.58 39.91
C THR B 431 17.33 -44.82 40.81
N ASP B 432 18.15 -45.78 40.42
CA ASP B 432 18.22 -47.09 41.05
C ASP B 432 19.58 -47.31 41.70
N ASN B 433 19.60 -48.19 42.70
CA ASN B 433 20.84 -48.56 43.35
C ASN B 433 21.69 -49.41 42.43
N ASP B 434 23.01 -49.32 42.59
CA ASP B 434 23.91 -50.01 41.69
C ASP B 434 25.27 -50.18 42.37
N LEU B 435 26.09 -51.04 41.78
CA LEU B 435 27.43 -51.32 42.26
C LEU B 435 28.34 -51.52 41.05
N LYS B 436 29.64 -51.31 41.26
CA LYS B 436 30.65 -51.55 40.24
C LYS B 436 31.86 -52.19 40.88
N SER B 437 32.64 -52.89 40.06
CA SER B 437 33.89 -53.49 40.50
C SER B 437 35.04 -52.59 40.08
N LYS B 438 35.82 -52.14 41.07
CA LYS B 438 36.98 -51.30 40.77
C LYS B 438 37.99 -52.07 39.95
N LYS B 439 38.55 -51.41 38.93
CA LYS B 439 39.49 -52.07 38.04
C LYS B 439 40.75 -52.47 38.80
N GLY B 440 41.28 -53.64 38.47
CA GLY B 440 42.46 -54.14 39.13
C GLY B 440 42.15 -54.96 40.37
N LYS B 441 41.73 -54.28 41.43
CA LYS B 441 41.45 -54.97 42.69
C LYS B 441 40.16 -55.78 42.59
N LYS B 442 40.15 -56.93 43.25
CA LYS B 442 39.03 -57.86 43.21
C LYS B 442 38.34 -57.88 44.58
N GLY B 443 37.02 -58.00 44.55
CA GLY B 443 36.24 -58.08 45.77
C GLY B 443 35.84 -56.74 46.36
N VAL B 444 36.27 -55.63 45.78
CA VAL B 444 35.96 -54.29 46.28
C VAL B 444 34.93 -53.65 45.35
N TYR B 445 33.94 -52.99 45.94
CA TYR B 445 32.83 -52.42 45.20
C TYR B 445 32.58 -50.99 45.66
N GLU B 446 32.01 -50.18 44.76
CA GLU B 446 31.72 -48.78 45.03
C GLU B 446 30.23 -48.52 44.91
N LEU B 447 29.75 -47.53 45.67
CA LEU B 447 28.32 -47.19 45.70
C LEU B 447 28.07 -46.04 44.74
N LEU B 448 27.81 -46.38 43.47
CA LEU B 448 27.62 -45.35 42.46
C LEU B 448 26.27 -44.66 42.62
N GLY B 449 25.20 -45.45 42.79
CA GLY B 449 23.87 -44.87 42.84
C GLY B 449 23.68 -43.94 44.03
N LEU B 450 24.20 -44.32 45.18
CA LEU B 450 24.09 -43.47 46.37
C LEU B 450 24.95 -42.22 46.21
N ASN B 451 26.14 -42.38 45.63
CA ASN B 451 27.04 -41.23 45.45
C ASN B 451 26.43 -40.20 44.52
N ARG B 452 25.83 -40.63 43.42
CA ARG B 452 25.28 -39.69 42.45
C ARG B 452 24.13 -38.88 43.02
N CYS B 453 23.49 -39.35 44.07
CA CYS B 453 22.42 -38.61 44.72
C CYS B 453 22.92 -37.68 45.82
N LEU B 454 24.20 -37.77 46.19
CA LEU B 454 24.76 -36.94 47.25
C LEU B 454 25.55 -35.75 46.71
N ASN B 455 26.16 -35.88 45.53
CA ASN B 455 26.83 -34.73 44.91
C ASN B 455 25.87 -33.59 44.65
N LEU B 456 24.59 -33.90 44.44
CA LEU B 456 23.61 -32.87 44.17
C LEU B 456 23.19 -32.11 45.43
N LEU B 457 23.27 -32.74 46.60
CA LEU B 457 23.00 -32.06 47.85
C LEU B 457 24.22 -31.35 48.42
N GLY B 458 25.40 -31.53 47.83
CA GLY B 458 26.59 -30.87 48.30
C GLY B 458 27.29 -31.62 49.40
N ARG B 459 27.67 -32.87 49.15
CA ARG B 459 28.37 -33.71 50.12
C ARG B 459 29.51 -34.42 49.43
N GLU B 460 30.23 -35.25 50.19
CA GLU B 460 31.41 -35.93 49.71
C GLU B 460 31.14 -37.41 49.50
N ASN B 461 31.99 -38.04 48.68
CA ASN B 461 31.82 -39.43 48.34
C ASN B 461 32.03 -40.33 49.55
N LEU B 462 31.43 -41.51 49.50
CA LEU B 462 31.50 -42.46 50.60
C LEU B 462 32.66 -43.44 50.39
N ASP B 463 33.03 -44.11 51.47
CA ASP B 463 34.13 -45.07 51.45
C ASP B 463 33.70 -46.37 50.79
N GLU B 464 34.67 -47.06 50.21
CA GLU B 464 34.39 -48.29 49.48
C GLU B 464 33.99 -49.40 50.44
N ILE B 465 33.22 -50.35 49.90
CA ILE B 465 32.76 -51.52 50.63
C ILE B 465 33.38 -52.75 49.97
N THR B 466 33.99 -53.60 50.78
CA THR B 466 34.60 -54.83 50.31
C THR B 466 33.76 -56.03 50.75
N ILE B 467 33.45 -56.91 49.81
CA ILE B 467 32.62 -58.07 50.09
C ILE B 467 33.34 -59.31 49.57
N ASP B 468 33.04 -60.46 50.18
CA ASP B 468 33.72 -61.71 49.89
C ASP B 468 32.72 -62.73 49.38
N ILE B 469 33.07 -63.40 48.28
CA ILE B 469 32.24 -64.46 47.71
C ILE B 469 33.14 -65.62 47.29
N PRO B 470 32.85 -66.84 47.74
CA PRO B 470 33.67 -67.99 47.32
C PRO B 470 33.60 -68.22 45.83
N GLU B 471 34.67 -68.79 45.28
CA GLU B 471 34.77 -68.97 43.84
C GLU B 471 33.71 -69.93 43.30
N ASP B 472 33.36 -70.96 44.08
CA ASP B 472 32.40 -71.96 43.61
C ASP B 472 31.02 -71.35 43.41
N ILE B 473 30.59 -70.47 44.31
CA ILE B 473 29.26 -69.89 44.23
C ILE B 473 29.20 -68.90 43.07
N LYS B 474 28.23 -69.08 42.19
CA LYS B 474 28.10 -68.24 41.01
C LYS B 474 26.62 -68.18 40.60
N GLY B 475 26.33 -67.39 39.57
CA GLY B 475 25.00 -67.38 38.99
C GLY B 475 23.96 -66.74 39.90
N LYS B 476 22.79 -67.38 39.94
CA LYS B 476 21.68 -66.84 40.73
C LYS B 476 22.01 -66.77 42.20
N LYS B 477 22.82 -67.69 42.70
CA LYS B 477 23.27 -67.61 44.09
C LYS B 477 24.12 -66.37 44.33
N LYS B 478 24.98 -66.01 43.37
CA LYS B 478 25.71 -64.76 43.47
C LYS B 478 24.77 -63.57 43.44
N LYS B 479 23.77 -63.62 42.56
CA LYS B 479 22.85 -62.49 42.42
C LYS B 479 22.07 -62.26 43.71
N GLU B 480 21.61 -63.33 44.36
CA GLU B 480 20.87 -63.16 45.60
C GLU B 480 21.77 -62.63 46.72
N ARG B 481 23.04 -63.01 46.76
CA ARG B 481 23.97 -62.46 47.74
C ARG B 481 24.14 -60.96 47.53
N LEU B 482 24.34 -60.55 46.28
CA LEU B 482 24.50 -59.12 46.01
C LEU B 482 23.22 -58.35 46.35
N ASN B 483 22.06 -58.93 46.06
CA ASN B 483 20.81 -58.26 46.40
C ASN B 483 20.63 -58.13 47.91
N GLU B 484 21.01 -59.16 48.67
CA GLU B 484 20.95 -59.05 50.13
C GLU B 484 21.90 -57.97 50.64
N ARG B 485 23.09 -57.88 50.07
CA ARG B 485 24.02 -56.82 50.46
C ARG B 485 23.44 -55.45 50.16
N LYS B 486 22.82 -55.29 49.00
CA LYS B 486 22.24 -54.00 48.64
C LYS B 486 21.09 -53.63 49.57
N LYS B 487 20.26 -54.61 49.94
CA LYS B 487 19.19 -54.34 50.89
C LYS B 487 19.75 -53.92 52.25
N GLU B 488 20.82 -54.59 52.70
CA GLU B 488 21.44 -54.20 53.95
C GLU B 488 21.99 -52.78 53.88
N ILE B 489 22.61 -52.42 52.77
CA ILE B 489 23.11 -51.05 52.59
C ILE B 489 21.96 -50.06 52.67
N PHE B 490 20.85 -50.37 51.99
CA PHE B 490 19.66 -49.52 52.07
C PHE B 490 19.12 -49.43 53.49
N LYS B 491 19.33 -50.45 54.32
CA LYS B 491 18.74 -50.47 55.66
C LYS B 491 19.39 -49.51 56.64
N GLN B 492 20.56 -48.96 56.31
CA GLN B 492 21.31 -48.15 57.27
C GLN B 492 21.24 -46.65 57.00
N TYR B 493 20.55 -46.22 55.95
CA TYR B 493 20.58 -44.81 55.53
C TYR B 493 19.17 -44.26 55.36
N LYS B 494 18.32 -44.48 56.36
CA LYS B 494 16.94 -44.00 56.29
C LYS B 494 16.87 -42.48 56.26
N ASN B 495 17.69 -41.81 57.07
CA ASN B 495 17.68 -40.36 57.12
C ASN B 495 18.09 -39.76 55.77
N GLU B 496 19.10 -40.36 55.13
CA GLU B 496 19.55 -39.86 53.84
C GLU B 496 18.44 -39.95 52.80
N VAL B 497 17.70 -41.05 52.77
CA VAL B 497 16.61 -41.19 51.82
C VAL B 497 15.48 -40.23 52.15
N GLY B 498 15.19 -40.04 53.44
CA GLY B 498 14.17 -39.10 53.83
C GLY B 498 14.49 -37.68 53.39
N GLU B 499 15.76 -37.30 53.47
CA GLU B 499 16.17 -35.98 52.99
C GLU B 499 16.23 -35.92 51.47
N PHE B 500 16.56 -37.03 50.81
CA PHE B 500 16.57 -37.07 49.36
C PHE B 500 15.18 -36.83 48.79
N LEU B 501 14.17 -37.46 49.38
CA LEU B 501 12.82 -37.37 48.83
C LEU B 501 12.27 -35.95 48.86
N GLY B 502 12.79 -35.09 49.75
CA GLY B 502 12.31 -33.71 49.80
C GLY B 502 12.61 -32.93 48.54
N GLU B 503 13.82 -33.10 48.00
CA GLU B 503 14.25 -32.38 46.81
C GLU B 503 13.95 -33.13 45.52
N ARG B 504 12.92 -33.99 45.54
CA ARG B 504 12.47 -34.71 44.35
C ARG B 504 13.56 -35.62 43.78
N ILE B 505 14.11 -36.46 44.64
CA ILE B 505 15.02 -37.53 44.23
C ILE B 505 14.50 -38.84 44.79
N TYR B 506 14.29 -39.82 43.93
CA TYR B 506 13.70 -41.10 44.30
C TYR B 506 14.69 -42.23 44.07
N LEU B 507 14.82 -43.10 45.06
CA LEU B 507 15.74 -44.23 45.00
C LEU B 507 14.98 -45.52 45.28
N SER B 508 15.30 -46.56 44.51
CA SER B 508 14.73 -47.88 44.69
C SER B 508 15.77 -48.82 45.29
N GLU B 509 15.30 -49.90 45.90
CA GLU B 509 16.19 -50.78 46.65
C GLU B 509 17.12 -51.55 45.72
N ILE B 510 16.59 -52.15 44.66
CA ILE B 510 17.42 -52.94 43.75
C ILE B 510 17.37 -52.36 42.35
N ASP B 511 16.19 -52.39 41.72
CA ASP B 511 16.06 -51.93 40.35
C ASP B 511 14.59 -51.76 39.96
N LEU B 512 14.34 -51.32 38.73
CA LEU B 512 12.98 -51.00 38.30
C LEU B 512 12.10 -52.24 38.22
N GLU B 513 12.65 -53.34 37.72
CA GLU B 513 11.88 -54.56 37.50
C GLU B 513 11.34 -55.12 38.82
N ASN B 514 12.16 -55.08 39.87
CA ASN B 514 11.69 -55.53 41.17
C ASN B 514 10.57 -54.65 41.68
N ASP B 515 10.64 -53.35 41.41
CA ASP B 515 9.56 -52.45 41.78
C ASP B 515 8.29 -52.79 41.00
N LEU B 516 8.45 -53.16 39.73
CA LEU B 516 7.32 -53.53 38.90
C LEU B 516 6.65 -54.81 39.41
N TYR B 517 7.44 -55.79 39.84
CA TYR B 517 6.90 -57.04 40.33
C TYR B 517 5.98 -56.85 41.54
N SER B 518 6.18 -55.79 42.31
CA SER B 518 5.37 -55.56 43.50
C SER B 518 4.01 -54.95 43.21
N ALA B 519 3.68 -54.69 41.95
CA ALA B 519 2.42 -54.06 41.60
C ALA B 519 1.59 -54.85 40.60
N ILE B 520 2.23 -55.48 39.62
CA ILE B 520 1.52 -56.23 38.59
C ILE B 520 1.99 -57.68 38.57
N GLY B 521 2.35 -58.19 39.75
CA GLY B 521 2.94 -59.52 39.82
C GLY B 521 2.04 -60.63 39.32
N GLU B 522 0.73 -60.51 39.55
CA GLU B 522 -0.19 -61.56 39.12
C GLU B 522 -0.20 -61.70 37.60
N SER B 523 -0.08 -60.59 36.88
CA SER B 523 -0.07 -60.63 35.42
C SER B 523 1.29 -60.98 34.84
N MET B 524 2.34 -60.94 35.65
CA MET B 524 3.66 -61.34 35.16
C MET B 524 3.69 -62.84 34.83
N LYS B 525 3.06 -63.66 35.66
CA LYS B 525 3.04 -65.10 35.44
C LYS B 525 1.82 -65.53 34.63
N ARG B 526 1.63 -64.88 33.49
CA ARG B 526 0.64 -65.31 32.51
C ARG B 526 1.08 -65.03 31.08
N ILE B 527 2.27 -64.48 30.87
CA ILE B 527 2.77 -64.16 29.55
C ILE B 527 4.07 -64.92 29.32
N PHE B 528 5.06 -64.68 30.19
CA PHE B 528 6.30 -65.41 30.11
C PHE B 528 6.18 -66.83 30.65
N GLU B 529 5.17 -67.10 31.48
CA GLU B 529 5.03 -68.36 32.18
C GLU B 529 6.32 -68.68 32.92
N ASN B 530 7.05 -69.68 32.44
CA ASN B 530 8.36 -70.04 32.98
C ASN B 530 8.36 -70.05 34.50
N GLU B 531 9.28 -69.30 35.09
CA GLU B 531 9.34 -69.05 36.52
C GLU B 531 10.12 -67.76 36.73
N ASP B 532 9.95 -67.16 37.92
CA ASP B 532 10.59 -65.94 38.42
C ASP B 532 10.87 -64.97 37.27
N PRO B 533 9.82 -64.37 36.71
CA PRO B 533 9.99 -63.61 35.46
C PRO B 533 10.94 -62.43 35.57
N VAL B 534 11.19 -61.95 36.79
CA VAL B 534 12.15 -60.86 36.97
C VAL B 534 13.51 -61.28 36.46
N HIS B 535 13.88 -62.54 36.68
CA HIS B 535 15.11 -63.04 36.08
C HIS B 535 14.97 -63.15 34.56
N TYR B 536 13.79 -63.49 34.06
CA TYR B 536 13.62 -63.67 32.63
C TYR B 536 13.82 -62.36 31.88
N LEU B 537 13.35 -61.24 32.44
CA LEU B 537 13.51 -59.95 31.79
C LEU B 537 14.98 -59.58 31.66
N GLN B 538 15.80 -59.96 32.65
CA GLN B 538 17.20 -59.54 32.66
C GLN B 538 17.98 -60.09 31.49
N LYS B 539 17.55 -61.20 30.89
CA LYS B 539 18.30 -61.78 29.78
C LYS B 539 18.35 -60.83 28.60
N SER B 540 17.25 -60.17 28.29
CA SER B 540 17.22 -59.20 27.19
C SER B 540 16.24 -58.10 27.58
N LYS B 541 16.74 -56.88 27.80
CA LYS B 541 15.91 -55.82 28.34
C LYS B 541 14.88 -55.35 27.33
N LEU B 542 15.26 -55.24 26.05
CA LEU B 542 14.41 -54.57 25.08
C LEU B 542 13.29 -55.46 24.56
N PHE B 543 13.65 -56.62 24.01
CA PHE B 543 12.68 -57.48 23.36
C PHE B 543 11.61 -57.94 24.35
N ASN B 544 12.02 -58.34 25.54
CA ASN B 544 11.06 -58.86 26.50
C ASN B 544 10.16 -57.78 27.06
N MET B 545 10.67 -56.55 27.20
CA MET B 545 9.79 -55.46 27.60
C MET B 545 8.79 -55.12 26.50
N VAL B 546 9.20 -55.22 25.23
CA VAL B 546 8.25 -55.03 24.13
C VAL B 546 7.16 -56.09 24.19
N GLU B 547 7.55 -57.34 24.42
CA GLU B 547 6.56 -58.41 24.54
C GLU B 547 5.63 -58.17 25.73
N LEU B 548 6.18 -57.70 26.85
CA LEU B 548 5.36 -57.42 28.02
C LEU B 548 4.36 -56.31 27.74
N VAL B 549 4.80 -55.23 27.10
CA VAL B 549 3.92 -54.11 26.86
C VAL B 549 2.85 -54.44 25.83
N ASN B 550 3.13 -55.37 24.91
CA ASN B 550 2.10 -55.78 23.97
C ASN B 550 0.92 -56.41 24.69
N ASN B 551 1.17 -57.29 25.65
CA ASN B 551 0.11 -58.02 26.35
C ASN B 551 -0.20 -57.38 27.70
N LEU B 552 -0.85 -56.23 27.67
CA LEU B 552 -1.26 -55.54 28.88
C LEU B 552 -2.58 -54.84 28.67
N SER B 553 -3.40 -54.79 29.72
CA SER B 553 -4.72 -54.20 29.66
C SER B 553 -4.74 -52.86 30.39
N THR B 554 -5.90 -52.19 30.34
CA THR B 554 -6.05 -50.90 30.99
C THR B 554 -5.89 -51.01 32.50
N LYS B 555 -6.45 -52.07 33.09
CA LYS B 555 -6.37 -52.24 34.54
C LYS B 555 -4.93 -52.37 34.99
N ASP B 556 -4.10 -53.07 34.22
CA ASP B 556 -2.71 -53.24 34.59
C ASP B 556 -1.98 -51.90 34.65
N CYS B 557 -2.21 -51.03 33.66
CA CYS B 557 -1.55 -49.73 33.65
C CYS B 557 -2.06 -48.84 34.78
N PHE B 558 -3.38 -48.82 35.00
CA PHE B 558 -3.89 -48.05 36.12
C PHE B 558 -3.38 -48.56 37.46
N ASP B 559 -3.04 -49.84 37.55
CA ASP B 559 -2.44 -50.36 38.78
C ASP B 559 -1.00 -49.91 38.96
N VAL B 560 -0.26 -49.74 37.87
CA VAL B 560 1.09 -49.17 37.98
C VAL B 560 1.03 -47.69 38.35
N PHE B 561 0.07 -46.95 37.79
CA PHE B 561 0.03 -45.50 37.97
C PHE B 561 -0.26 -45.07 39.40
N GLU B 562 -0.86 -45.93 40.21
CA GLU B 562 -1.31 -45.53 41.54
C GLU B 562 -0.46 -46.06 42.68
N HIS B 563 0.42 -47.02 42.42
CA HIS B 563 1.24 -47.59 43.49
C HIS B 563 2.19 -46.55 44.05
N GLU B 564 2.55 -46.72 45.33
CA GLU B 564 3.45 -45.77 45.98
C GLU B 564 4.82 -45.75 45.33
N LYS B 565 5.38 -46.91 45.02
CA LYS B 565 6.76 -47.01 44.55
C LYS B 565 6.95 -46.42 43.16
N PHE B 566 5.89 -45.94 42.52
CA PHE B 566 5.97 -45.22 41.26
C PHE B 566 5.35 -43.84 41.39
N ALA B 567 5.53 -43.20 42.55
CA ALA B 567 4.91 -41.91 42.79
C ALA B 567 5.43 -40.82 41.85
N CYS B 568 6.58 -41.04 41.20
CA CYS B 568 7.18 -39.99 40.37
C CYS B 568 6.22 -39.54 39.28
N LEU B 569 5.54 -40.48 38.64
CA LEU B 569 4.66 -40.14 37.54
C LEU B 569 3.49 -39.26 37.97
N LYS B 570 3.23 -39.17 39.27
CA LYS B 570 2.17 -38.29 39.74
C LYS B 570 2.58 -36.83 39.79
N GLU B 571 3.85 -36.53 39.59
CA GLU B 571 4.31 -35.14 39.57
C GLU B 571 4.57 -34.61 38.16
N LEU B 572 4.82 -35.50 37.19
CA LEU B 572 4.93 -35.08 35.80
C LEU B 572 3.57 -34.75 35.20
N VAL B 573 2.51 -35.42 35.63
CA VAL B 573 1.19 -35.13 35.09
C VAL B 573 0.76 -33.72 35.51
N GLY B 574 0.92 -33.39 36.78
CA GLY B 574 0.49 -32.10 37.28
C GLY B 574 0.23 -32.18 38.77
N SER B 575 -0.17 -31.03 39.32
CA SER B 575 -0.47 -30.94 40.74
C SER B 575 -1.93 -31.26 41.02
N MET C 1 6.08 40.97 12.91
CA MET C 1 5.00 41.84 12.48
C MET C 1 4.82 41.81 10.97
N LYS C 2 5.92 41.69 10.22
CA LYS C 2 5.83 41.64 8.78
C LYS C 2 7.05 40.92 8.19
N PHE C 3 6.80 39.95 7.33
CA PHE C 3 7.87 39.30 6.60
C PHE C 3 8.48 40.29 5.60
N SER C 4 9.74 40.08 5.26
CA SER C 4 10.32 41.07 4.35
C SER C 4 11.00 40.46 3.14
N ASN C 5 11.70 39.34 3.29
CA ASN C 5 12.49 38.79 2.19
C ASN C 5 12.84 37.35 2.51
N ILE C 6 13.26 36.63 1.49
CA ILE C 6 13.71 35.25 1.64
C ILE C 6 14.80 34.99 0.62
N THR C 7 15.88 34.34 1.07
CA THR C 7 17.04 34.03 0.24
C THR C 7 17.27 32.53 0.25
N ILE C 8 17.37 31.94 -0.93
CA ILE C 8 17.58 30.51 -1.09
C ILE C 8 18.84 30.29 -1.91
N LYS C 9 19.75 29.48 -1.38
CA LYS C 9 21.01 29.16 -2.03
C LYS C 9 21.19 27.66 -2.10
N ASN C 10 21.47 27.15 -3.30
CA ASN C 10 21.89 25.77 -3.51
C ASN C 10 20.88 24.77 -2.93
N PHE C 11 19.61 24.97 -3.26
CA PHE C 11 18.56 24.04 -2.88
C PHE C 11 17.82 23.60 -4.14
N ARG C 12 17.97 22.33 -4.52
CA ARG C 12 17.36 21.76 -5.70
C ARG C 12 17.70 22.57 -6.95
N ASN C 13 16.69 23.17 -7.58
CA ASN C 13 16.88 23.92 -8.81
C ASN C 13 17.11 25.41 -8.58
N PHE C 14 17.19 25.85 -7.32
CA PHE C 14 17.50 27.24 -7.01
C PHE C 14 19.00 27.40 -6.88
N GLU C 15 19.56 28.36 -7.62
CA GLU C 15 20.99 28.66 -7.51
C GLU C 15 21.23 29.80 -6.53
N LYS C 16 20.64 30.96 -6.79
CA LYS C 16 20.70 32.08 -5.86
C LYS C 16 19.44 32.92 -6.09
N VAL C 17 18.43 32.71 -5.26
CA VAL C 17 17.11 33.29 -5.48
C VAL C 17 16.77 34.20 -4.31
N ASN C 18 16.36 35.43 -4.63
CA ASN C 18 16.03 36.47 -3.66
C ASN C 18 14.61 36.94 -3.94
N ILE C 19 13.69 36.70 -3.01
CA ILE C 19 12.28 36.97 -3.23
C ILE C 19 11.74 37.86 -2.13
N ASN C 20 11.00 38.90 -2.50
CA ASN C 20 10.30 39.74 -1.54
C ASN C 20 8.93 39.14 -1.23
N LEU C 21 8.41 39.49 -0.05
CA LEU C 21 7.18 38.87 0.44
C LEU C 21 6.37 39.88 1.23
N ASP C 22 5.22 39.42 1.72
CA ASP C 22 4.42 40.14 2.70
C ASP C 22 3.51 39.12 3.38
N ASN C 23 2.52 39.61 4.12
CA ASN C 23 1.68 38.74 4.93
C ASN C 23 0.86 37.79 4.07
N LYS C 24 0.28 38.28 2.98
CA LYS C 24 -0.48 37.46 2.05
C LYS C 24 0.25 37.38 0.72
N ASN C 25 0.51 36.17 0.25
CA ASN C 25 1.31 35.94 -0.95
C ASN C 25 0.62 34.92 -1.85
N VAL C 26 0.66 35.17 -3.15
CA VAL C 26 0.08 34.28 -4.15
C VAL C 26 1.11 34.03 -5.24
N ILE C 27 1.38 32.76 -5.53
CA ILE C 27 2.41 32.35 -6.49
C ILE C 27 1.74 31.65 -7.66
N PHE C 28 2.17 31.97 -8.88
CA PHE C 28 1.61 31.35 -10.06
C PHE C 28 2.61 31.41 -11.20
N GLY C 29 2.27 30.74 -12.31
CA GLY C 29 3.05 30.70 -13.52
C GLY C 29 2.90 29.36 -14.22
N MET C 30 3.90 29.03 -15.04
CA MET C 30 3.89 27.83 -15.85
C MET C 30 4.80 26.73 -15.32
N ASN C 31 5.83 27.06 -14.55
CA ASN C 31 6.81 26.09 -14.06
C ASN C 31 6.22 25.41 -12.83
N ASP C 32 5.74 24.18 -13.01
CA ASP C 32 5.08 23.43 -11.96
C ASP C 32 6.04 22.72 -11.02
N ILE C 33 7.31 22.61 -11.37
CA ILE C 33 8.28 22.01 -10.46
C ILE C 33 8.79 23.02 -9.45
N GLY C 34 9.06 24.25 -9.88
CA GLY C 34 9.52 25.27 -8.97
C GLY C 34 8.50 25.64 -7.92
N LYS C 35 7.21 25.60 -8.26
CA LYS C 35 6.17 26.01 -7.33
C LYS C 35 6.07 25.06 -6.14
N THR C 36 6.31 23.77 -6.34
CA THR C 36 6.33 22.83 -5.23
C THR C 36 7.59 22.99 -4.39
N ASN C 37 8.73 23.21 -5.04
CA ASN C 37 9.98 23.38 -4.32
C ASN C 37 9.98 24.64 -3.47
N PHE C 38 9.29 25.69 -3.93
CA PHE C 38 9.20 26.91 -3.14
C PHE C 38 8.42 26.69 -1.84
N LEU C 39 7.57 25.67 -1.78
CA LEU C 39 6.84 25.36 -0.55
C LEU C 39 7.49 24.29 0.30
N TYR C 40 8.22 23.33 -0.27
CA TYR C 40 9.08 22.51 0.58
C TYR C 40 10.17 23.32 1.24
N ALA C 41 10.63 24.39 0.58
CA ALA C 41 11.67 25.23 1.16
C ALA C 41 11.21 25.91 2.44
N LEU C 42 9.93 26.22 2.56
CA LEU C 42 9.40 26.84 3.76
C LEU C 42 9.01 25.84 4.84
N ARG C 43 9.12 24.54 4.57
CA ARG C 43 8.79 23.55 5.59
C ARG C 43 10.01 22.96 6.27
N PHE C 44 11.15 22.88 5.58
CA PHE C 44 12.40 22.52 6.23
C PHE C 44 12.88 23.57 7.22
N LEU C 45 12.31 24.77 7.20
CA LEU C 45 12.72 25.85 8.08
C LEU C 45 11.78 26.06 9.25
N LEU C 46 10.51 25.72 9.11
CA LEU C 46 9.53 25.98 10.15
C LEU C 46 8.70 24.79 10.60
N ASP C 47 8.80 23.64 9.93
CA ASP C 47 7.96 22.48 10.23
C ASP C 47 8.81 21.36 10.84
N LYS C 48 8.35 20.84 11.97
CA LYS C 48 9.07 19.80 12.69
C LYS C 48 8.94 18.44 12.03
N GLU C 49 7.73 18.08 11.59
CA GLU C 49 7.45 16.73 11.10
C GLU C 49 8.16 16.41 9.79
N ILE C 50 8.73 17.40 9.12
CA ILE C 50 9.45 17.16 7.87
C ILE C 50 10.95 17.40 8.01
N ARG C 51 11.40 18.07 9.07
CA ARG C 51 12.82 18.30 9.30
C ARG C 51 13.51 17.15 10.03
N LYS C 52 12.76 16.22 10.61
CA LYS C 52 13.38 15.05 11.22
C LYS C 52 14.23 14.30 10.21
N PHE C 53 13.72 14.19 9.00
CA PHE C 53 14.39 13.47 7.93
C PHE C 53 15.32 14.44 7.23
N GLY C 54 16.61 14.13 7.22
CA GLY C 54 17.59 15.04 6.68
C GLY C 54 17.56 15.08 5.17
N PHE C 55 18.49 15.83 4.61
CA PHE C 55 18.64 15.91 3.17
C PHE C 55 19.17 14.60 2.62
N ASN C 56 18.99 14.40 1.31
CA ASN C 56 19.54 13.27 0.58
C ASN C 56 20.40 13.80 -0.55
N LYS C 57 20.84 12.90 -1.43
CA LYS C 57 21.65 13.32 -2.56
C LYS C 57 20.87 14.18 -3.55
N SER C 58 19.57 13.92 -3.70
CA SER C 58 18.76 14.65 -4.67
C SER C 58 18.42 16.05 -4.22
N ASP C 59 18.27 16.27 -2.91
CA ASP C 59 17.81 17.57 -2.41
C ASP C 59 18.82 18.67 -2.60
N TYR C 60 20.05 18.35 -3.00
CA TYR C 60 21.04 19.37 -3.32
C TYR C 60 20.77 19.89 -4.72
N HIS C 61 21.75 20.61 -5.28
CA HIS C 61 21.70 21.03 -6.68
C HIS C 61 22.05 19.82 -7.53
N LYS C 62 22.52 20.01 -8.75
CA LYS C 62 22.60 18.88 -9.67
C LYS C 62 23.61 17.86 -9.21
N HIS C 63 23.31 17.22 -8.07
CA HIS C 63 24.07 16.10 -7.53
C HIS C 63 25.56 16.44 -7.38
N ASP C 64 25.83 17.63 -6.86
CA ASP C 64 27.18 18.09 -6.55
C ASP C 64 27.25 18.27 -5.05
N THR C 65 27.61 17.21 -4.34
CA THR C 65 27.50 17.15 -2.89
C THR C 65 28.75 17.68 -2.17
N SER C 66 29.19 18.88 -2.57
CA SER C 66 30.32 19.51 -1.92
C SER C 66 30.09 21.00 -1.69
N LYS C 67 28.83 21.45 -1.65
CA LYS C 67 28.49 22.84 -1.44
C LYS C 67 27.43 22.98 -0.37
N LYS C 68 27.40 24.13 0.28
CA LYS C 68 26.51 24.39 1.39
C LYS C 68 25.08 24.65 0.91
N ILE C 69 24.15 24.52 1.85
CA ILE C 69 22.76 24.89 1.62
C ILE C 69 22.35 25.87 2.71
N GLU C 70 22.06 27.10 2.33
CA GLU C 70 21.70 28.15 3.27
C GLU C 70 20.31 28.67 2.96
N ILE C 71 19.51 28.83 4.02
CA ILE C 71 18.19 29.45 3.88
C ILE C 71 18.05 30.48 4.99
N ILE C 72 17.74 31.72 4.62
CA ILE C 72 17.64 32.84 5.56
C ILE C 72 16.30 33.52 5.37
N LEU C 73 15.64 33.85 6.48
CA LEU C 73 14.36 34.54 6.50
C LEU C 73 14.48 35.82 7.31
N THR C 74 13.89 36.89 6.79
CA THR C 74 14.02 38.24 7.34
C THR C 74 12.67 38.77 7.79
N LEU C 75 12.63 39.28 9.02
CA LEU C 75 11.36 39.68 9.61
C LEU C 75 11.55 41.04 10.29
N ASP C 76 10.61 41.96 10.04
CA ASP C 76 10.73 43.33 10.52
C ASP C 76 10.04 43.48 11.86
N LEU C 77 10.73 44.09 12.82
CA LEU C 77 10.26 44.21 14.19
C LEU C 77 10.24 45.68 14.57
N SER C 78 9.12 46.34 14.31
CA SER C 78 8.99 47.77 14.55
C SER C 78 8.00 48.09 15.66
N ASN C 79 6.81 47.50 15.63
CA ASN C 79 5.79 47.78 16.63
C ASN C 79 6.20 47.13 17.95
N TYR C 80 7.16 47.78 18.61
CA TYR C 80 7.72 47.24 19.85
C TYR C 80 6.75 47.32 21.01
N GLU C 81 5.76 48.21 20.94
CA GLU C 81 4.86 48.43 22.07
C GLU C 81 3.40 48.08 21.78
N LYS C 82 2.92 48.25 20.56
CA LYS C 82 1.52 48.03 20.25
C LYS C 82 1.23 46.63 19.72
N ASP C 83 2.21 45.98 19.09
CA ASP C 83 1.96 44.67 18.49
C ASP C 83 1.78 43.62 19.58
N GLU C 84 0.73 42.80 19.43
CA GLU C 84 0.52 41.68 20.33
C GLU C 84 1.32 40.46 19.94
N ASP C 85 2.06 40.51 18.84
CA ASP C 85 2.88 39.39 18.40
C ASP C 85 4.37 39.65 18.51
N THR C 86 4.80 40.91 18.51
CA THR C 86 6.22 41.20 18.68
C THR C 86 6.70 40.84 20.08
N LYS C 87 5.81 40.90 21.08
CA LYS C 87 6.18 40.49 22.42
C LYS C 87 6.56 39.01 22.48
N LYS C 88 5.83 38.17 21.74
CA LYS C 88 6.13 36.74 21.76
C LYS C 88 7.50 36.44 21.18
N LEU C 89 7.89 37.13 20.10
CA LEU C 89 9.21 36.95 19.52
C LEU C 89 10.25 37.86 20.15
N ILE C 90 10.01 38.35 21.36
CA ILE C 90 11.04 39.10 22.08
C ILE C 90 11.06 38.59 23.52
N SER C 91 10.09 37.76 23.87
CA SER C 91 10.07 37.09 25.17
C SER C 91 10.69 35.70 25.11
N VAL C 92 10.37 34.91 24.09
CA VAL C 92 10.98 33.60 23.95
C VAL C 92 12.47 33.74 23.69
N VAL C 93 12.84 34.66 22.80
CA VAL C 93 14.25 34.95 22.55
C VAL C 93 14.67 36.06 23.50
N LYS C 94 15.81 35.87 24.17
CA LYS C 94 16.23 36.80 25.19
C LYS C 94 17.72 37.10 25.19
N GLY C 95 18.48 36.55 24.25
CA GLY C 95 19.91 36.81 24.22
C GLY C 95 20.42 37.27 22.88
N ALA C 96 19.66 37.00 21.82
CA ALA C 96 20.08 37.42 20.49
C ALA C 96 19.79 38.89 20.22
N ARG C 97 18.96 39.52 21.03
CA ARG C 97 18.66 40.95 20.88
C ARG C 97 19.75 41.73 21.58
N THR C 98 20.76 42.12 20.82
CA THR C 98 21.88 42.86 21.38
C THR C 98 21.43 44.20 21.96
N SER C 99 20.54 44.88 21.25
CA SER C 99 20.02 46.17 21.69
C SER C 99 18.51 46.19 21.52
N ALA C 100 17.86 47.04 22.32
CA ALA C 100 16.42 47.22 22.23
C ALA C 100 15.99 48.10 21.07
N ASN C 101 16.88 48.34 20.10
CA ASN C 101 16.61 49.17 18.94
C ASN C 101 17.17 48.52 17.67
N ALA C 102 16.83 47.25 17.46
CA ALA C 102 17.38 46.52 16.33
C ALA C 102 16.50 46.67 15.08
N ASP C 103 15.19 46.44 15.23
CA ASP C 103 14.19 46.64 14.18
C ASP C 103 14.23 45.57 13.08
N VAL C 104 15.20 44.66 13.11
CA VAL C 104 15.31 43.59 12.12
C VAL C 104 15.64 42.30 12.84
N PHE C 105 15.15 41.17 12.33
CA PHE C 105 15.48 39.86 12.88
C PHE C 105 15.69 38.86 11.76
N TYR C 106 16.54 37.86 12.02
CA TYR C 106 16.88 36.86 11.02
C TYR C 106 16.68 35.47 11.59
N ILE C 107 16.40 34.51 10.69
CA ILE C 107 16.40 33.09 11.01
C ILE C 107 17.17 32.37 9.91
N ALA C 108 18.03 31.43 10.27
CA ALA C 108 18.96 30.85 9.32
C ALA C 108 18.99 29.34 9.44
N LEU C 109 19.41 28.70 8.35
CA LEU C 109 19.50 27.25 8.27
C LEU C 109 20.69 26.86 7.41
N GLU C 110 21.61 26.08 7.97
CA GLU C 110 22.81 25.63 7.28
C GLU C 110 22.87 24.10 7.28
N SER C 111 23.61 23.56 6.31
CA SER C 111 23.75 22.12 6.21
C SER C 111 25.05 21.79 5.47
N LYS C 112 25.84 20.88 6.05
CA LYS C 112 27.06 20.39 5.42
C LYS C 112 27.02 18.87 5.37
N TYR C 113 27.47 18.30 4.26
CA TYR C 113 27.33 16.87 4.02
C TYR C 113 28.32 16.06 4.86
N ASP C 114 27.90 14.85 5.24
CA ASP C 114 28.76 13.89 5.92
C ASP C 114 28.88 12.67 5.01
N ASP C 115 30.01 12.57 4.31
CA ASP C 115 30.16 11.56 3.26
C ASP C 115 30.12 10.15 3.83
N LYS C 116 30.72 9.94 5.01
CA LYS C 116 30.87 8.58 5.53
C LYS C 116 29.52 7.90 5.76
N GLU C 117 28.56 8.61 6.32
CA GLU C 117 27.29 8.02 6.70
C GLU C 117 26.16 8.30 5.71
N LEU C 118 26.44 9.02 4.63
CA LEU C 118 25.43 9.39 3.62
C LEU C 118 24.25 10.09 4.27
N TYR C 119 24.54 11.26 4.85
CA TYR C 119 23.55 12.01 5.61
C TYR C 119 23.94 13.48 5.61
N GLY C 120 22.92 14.34 5.65
CA GLY C 120 23.15 15.76 5.73
C GLY C 120 22.46 16.40 6.92
N ASN C 121 23.24 16.96 7.84
CA ASN C 121 22.69 17.50 9.06
C ASN C 121 22.15 18.91 8.84
N ILE C 122 21.17 19.29 9.65
CA ILE C 122 20.53 20.59 9.58
C ILE C 122 20.80 21.33 10.87
N ILE C 123 21.35 22.55 10.76
CA ILE C 123 21.70 23.37 11.91
C ILE C 123 20.95 24.69 11.81
N LEU C 124 20.33 25.10 12.91
CA LEU C 124 19.51 26.30 12.97
C LEU C 124 20.18 27.36 13.82
N LYS C 125 19.99 28.63 13.45
CA LYS C 125 20.65 29.75 14.11
C LYS C 125 19.87 31.01 13.85
N TRP C 126 19.46 31.72 14.91
CA TRP C 126 18.91 33.05 14.70
C TRP C 126 19.87 34.13 15.20
N GLY C 127 19.40 35.37 15.12
CA GLY C 127 20.16 36.54 15.53
C GLY C 127 19.58 37.80 14.95
N SER C 128 20.03 38.92 15.51
CA SER C 128 19.61 40.24 15.06
C SER C 128 20.69 40.95 14.25
N GLU C 129 21.74 40.25 13.86
CA GLU C 129 22.75 40.76 12.95
C GLU C 129 23.24 39.61 12.09
N LEU C 130 23.77 39.95 10.93
CA LEU C 130 24.24 38.91 10.02
C LEU C 130 25.61 38.38 10.39
N ASP C 131 26.37 39.09 11.22
CA ASP C 131 27.71 38.67 11.60
C ASP C 131 27.74 37.83 12.88
N ASN C 132 26.84 38.08 13.82
CA ASN C 132 26.82 37.40 15.12
C ASN C 132 25.54 36.60 15.23
N LEU C 133 25.58 35.34 14.80
CA LEU C 133 24.44 34.44 14.87
C LEU C 133 24.78 33.33 15.87
N ILE C 134 23.94 33.19 16.90
CA ILE C 134 24.14 32.16 17.90
C ILE C 134 23.20 30.99 17.64
N ASP C 135 23.50 29.87 18.27
CA ASP C 135 22.70 28.65 18.09
C ASP C 135 21.43 28.74 18.93
N ILE C 136 20.43 27.95 18.51
CA ILE C 136 19.11 27.98 19.14
C ILE C 136 19.12 26.96 20.27
N PRO C 137 18.85 27.36 21.51
CA PRO C 137 18.84 26.41 22.62
C PRO C 137 17.67 25.45 22.53
N GLY C 138 17.85 24.28 23.14
CA GLY C 138 16.83 23.26 23.18
C GLY C 138 17.41 21.90 23.47
N ARG C 139 16.73 21.10 24.29
CA ARG C 139 17.23 19.81 24.73
C ARG C 139 16.29 18.71 24.27
N GLY C 140 16.85 17.64 23.71
CA GLY C 140 16.06 16.52 23.26
C GLY C 140 15.71 16.57 21.79
N ASN C 141 14.43 16.68 21.48
CA ASN C 141 13.96 16.74 20.10
C ASN C 141 13.17 18.01 19.80
N ILE C 142 13.09 18.94 20.74
CA ILE C 142 12.28 20.14 20.59
C ILE C 142 13.19 21.36 20.68
N ASN C 143 13.14 22.20 19.66
CA ASN C 143 13.91 23.44 19.63
C ASN C 143 13.10 24.56 20.26
N ALA C 144 13.72 25.74 20.37
CA ALA C 144 13.00 26.91 20.85
C ALA C 144 12.18 27.57 19.77
N LEU C 145 12.42 27.24 18.49
CA LEU C 145 11.63 27.80 17.41
C LEU C 145 10.22 27.23 17.38
N ASP C 146 10.05 25.98 17.79
CA ASP C 146 8.74 25.34 17.74
C ASP C 146 7.79 25.88 18.79
N ASN C 147 8.26 26.71 19.72
CA ASN C 147 7.41 27.31 20.73
C ASN C 147 6.76 28.61 20.27
N VAL C 148 7.04 29.05 19.04
CA VAL C 148 6.53 30.31 18.54
C VAL C 148 5.61 30.10 17.33
N PHE C 149 5.98 29.20 16.42
CA PHE C 149 5.25 29.01 15.18
C PHE C 149 4.58 27.64 15.13
N LYS C 150 3.44 27.59 14.44
CA LYS C 150 2.78 26.34 14.06
C LYS C 150 2.44 26.41 12.59
N VAL C 151 2.63 25.31 11.88
CA VAL C 151 2.47 25.25 10.43
C VAL C 151 1.36 24.27 10.09
N ILE C 152 0.49 24.65 9.16
CA ILE C 152 -0.60 23.82 8.69
C ILE C 152 -0.49 23.68 7.18
N TYR C 153 -0.66 22.45 6.69
CA TYR C 153 -0.57 22.12 5.27
C TYR C 153 -1.90 21.60 4.78
N ILE C 154 -2.40 22.18 3.68
CA ILE C 154 -3.69 21.81 3.10
C ILE C 154 -3.48 21.42 1.65
N ASN C 155 -3.94 20.22 1.29
CA ASN C 155 -3.86 19.63 -0.03
C ASN C 155 -4.98 18.61 -0.17
N PRO C 156 -5.92 18.79 -1.10
CA PRO C 156 -7.04 17.85 -1.22
C PRO C 156 -6.70 16.56 -1.93
N LEU C 157 -5.48 16.43 -2.47
CA LEU C 157 -5.08 15.24 -3.21
C LEU C 157 -4.41 14.24 -2.27
N VAL C 158 -5.15 13.84 -1.24
CA VAL C 158 -4.65 12.90 -0.25
C VAL C 158 -5.81 12.17 0.41
N ASP C 280 -2.08 30.63 21.42
CA ASP C 280 -0.94 31.38 21.92
C ASP C 280 0.29 31.18 21.05
N LYS C 281 0.08 30.95 19.77
CA LYS C 281 1.16 30.76 18.80
C LYS C 281 0.75 31.40 17.48
N ILE C 282 1.75 31.64 16.64
CA ILE C 282 1.51 32.19 15.31
C ILE C 282 1.29 31.05 14.32
N VAL C 283 0.17 31.07 13.60
CA VAL C 283 -0.23 30.00 12.70
C VAL C 283 0.08 30.43 11.27
N ILE C 284 0.72 29.54 10.52
CA ILE C 284 1.06 29.78 9.12
C ILE C 284 0.40 28.70 8.27
N TYR C 285 -0.39 29.11 7.29
CA TYR C 285 -1.11 28.21 6.40
C TYR C 285 -0.37 28.06 5.08
N LEU C 286 -0.40 26.85 4.53
CA LEU C 286 0.16 26.57 3.21
C LEU C 286 -0.85 25.76 2.42
N ILE C 287 -1.45 26.39 1.41
CA ILE C 287 -2.51 25.80 0.61
C ILE C 287 -1.93 25.41 -0.74
N GLU C 288 -2.23 24.21 -1.21
CA GLU C 288 -1.76 23.77 -2.53
C GLU C 288 -2.95 23.32 -3.37
N GLU C 289 -3.34 24.15 -4.34
CA GLU C 289 -4.31 23.84 -5.39
C GLU C 289 -5.65 23.42 -4.83
N PRO C 290 -6.44 24.35 -4.28
CA PRO C 290 -7.78 24.04 -3.78
C PRO C 290 -8.87 24.13 -4.85
N GLU C 291 -8.60 23.53 -6.02
CA GLU C 291 -9.55 23.58 -7.13
C GLU C 291 -9.64 22.26 -7.87
N ILE C 292 -9.16 21.16 -7.28
CA ILE C 292 -9.07 19.89 -7.99
C ILE C 292 -10.47 19.39 -8.36
N SER C 293 -11.39 19.37 -7.40
CA SER C 293 -12.73 18.87 -7.65
C SER C 293 -13.76 19.80 -7.01
N LEU C 294 -13.60 21.10 -7.23
CA LEU C 294 -14.53 22.09 -6.72
C LEU C 294 -15.32 22.71 -7.87
N HIS C 295 -16.60 22.96 -7.63
CA HIS C 295 -17.43 23.62 -8.61
C HIS C 295 -17.01 25.09 -8.77
N ARG C 296 -17.45 25.70 -9.86
CA ARG C 296 -17.04 27.08 -10.17
C ARG C 296 -17.56 28.05 -9.14
N SER C 297 -18.74 27.78 -8.59
CA SER C 297 -19.33 28.72 -7.63
C SER C 297 -18.56 28.74 -6.32
N MET C 298 -18.02 27.60 -5.90
CA MET C 298 -17.38 27.52 -4.59
C MET C 298 -15.99 28.15 -4.57
N GLN C 299 -15.34 28.28 -5.73
CA GLN C 299 -14.06 28.96 -5.77
C GLN C 299 -14.19 30.42 -5.37
N ILE C 300 -15.26 31.08 -5.81
CA ILE C 300 -15.52 32.46 -5.41
C ILE C 300 -15.75 32.54 -3.91
N ALA C 301 -16.47 31.57 -3.36
CA ALA C 301 -16.71 31.55 -1.91
C ALA C 301 -15.40 31.43 -1.15
N LEU C 302 -14.49 30.58 -1.63
CA LEU C 302 -13.18 30.48 -0.99
C LEU C 302 -12.41 31.79 -1.10
N SER C 303 -12.46 32.45 -2.25
CA SER C 303 -11.72 33.70 -2.44
C SER C 303 -12.20 34.78 -1.47
N LYS C 304 -13.51 34.90 -1.31
CA LYS C 304 -14.05 35.90 -0.39
C LYS C 304 -13.53 35.69 1.03
N GLN C 305 -13.59 34.45 1.53
CA GLN C 305 -13.10 34.17 2.87
C GLN C 305 -11.62 34.46 2.99
N LEU C 306 -10.83 34.05 2.00
CA LEU C 306 -9.38 34.24 2.09
C LEU C 306 -9.02 35.71 2.15
N PHE C 307 -9.63 36.53 1.31
CA PHE C 307 -9.15 37.89 1.15
C PHE C 307 -9.93 38.93 1.95
N GLU C 308 -11.02 38.54 2.61
CA GLU C 308 -11.82 39.51 3.37
C GLU C 308 -11.78 39.26 4.87
N GLN C 309 -12.16 38.07 5.34
CA GLN C 309 -12.24 37.82 6.76
C GLN C 309 -10.85 37.77 7.39
N SER C 310 -10.82 37.92 8.71
CA SER C 310 -9.58 38.03 9.46
C SER C 310 -9.15 36.72 10.10
N THR C 311 -9.79 35.60 9.73
CA THR C 311 -9.37 34.31 10.27
C THR C 311 -7.96 33.96 9.82
N TYR C 312 -7.62 34.28 8.58
CA TYR C 312 -6.30 34.02 8.03
C TYR C 312 -5.51 35.31 8.01
N LYS C 313 -4.26 35.26 8.44
CA LYS C 313 -3.40 36.44 8.36
C LYS C 313 -2.09 36.18 7.63
N TYR C 314 -1.52 35.00 7.77
CA TYR C 314 -0.29 34.62 7.06
C TYR C 314 -0.57 33.37 6.25
N PHE C 315 -0.32 33.42 4.94
CA PHE C 315 -0.46 32.21 4.13
C PHE C 315 0.30 32.37 2.82
N PHE C 316 0.48 31.23 2.15
CA PHE C 316 0.98 31.14 0.79
C PHE C 316 0.01 30.29 -0.01
N LEU C 317 -0.20 30.66 -1.28
CA LEU C 317 -1.22 30.00 -2.09
C LEU C 317 -0.69 29.72 -3.49
N SER C 318 -1.01 28.55 -4.02
CA SER C 318 -0.64 28.14 -5.37
C SER C 318 -1.91 27.75 -6.13
N THR C 319 -2.06 28.25 -7.35
CA THR C 319 -3.31 28.05 -8.08
C THR C 319 -3.09 28.12 -9.58
N HIS C 320 -3.99 27.46 -10.31
CA HIS C 320 -4.04 27.52 -11.76
C HIS C 320 -5.34 28.09 -12.32
N SER C 321 -6.33 28.37 -11.48
CA SER C 321 -7.61 28.87 -11.96
C SER C 321 -7.75 30.35 -11.66
N PRO C 322 -8.40 31.11 -12.55
CA PRO C 322 -8.55 32.55 -12.34
C PRO C 322 -9.72 32.96 -11.48
N GLU C 323 -10.53 32.03 -10.99
CA GLU C 323 -11.67 32.38 -10.17
C GLU C 323 -11.33 32.57 -8.69
N LEU C 324 -10.14 32.13 -8.25
CA LEU C 324 -9.73 32.39 -6.88
C LEU C 324 -9.31 33.85 -6.70
N LEU C 325 -8.84 34.49 -7.75
CA LEU C 325 -8.39 35.88 -7.68
C LEU C 325 -9.48 36.82 -8.19
N TYR C 326 -10.64 36.78 -7.55
CA TYR C 326 -11.73 37.69 -7.86
C TYR C 326 -11.93 38.77 -6.81
N GLU C 327 -11.20 38.71 -5.68
CA GLU C 327 -11.31 39.74 -4.65
C GLU C 327 -9.96 40.11 -4.09
N MET C 328 -8.91 40.03 -4.90
CA MET C 328 -7.56 40.25 -4.40
C MET C 328 -7.34 41.72 -4.06
N ASP C 329 -6.73 41.95 -2.89
CA ASP C 329 -6.44 43.30 -2.43
C ASP C 329 -5.43 43.22 -1.30
N ASN C 330 -4.40 44.07 -1.38
CA ASN C 330 -3.38 44.19 -0.33
C ASN C 330 -2.56 42.90 -0.18
N THR C 331 -1.99 42.43 -1.30
CA THR C 331 -1.25 41.18 -1.27
C THR C 331 0.02 41.30 -2.11
N ARG C 332 0.79 40.22 -2.15
CA ARG C 332 1.94 40.09 -3.04
C ARG C 332 1.64 39.04 -4.09
N LEU C 333 2.04 39.35 -5.32
CA LEU C 333 1.94 38.42 -6.43
C LEU C 333 3.33 38.03 -6.89
N ILE C 334 3.59 36.73 -6.99
CA ILE C 334 4.84 36.18 -7.48
C ILE C 334 4.54 35.40 -8.75
N ARG C 335 5.27 35.70 -9.81
CA ARG C 335 5.16 35.03 -11.09
C ARG C 335 6.45 34.29 -11.39
N VAL C 336 6.32 33.05 -11.85
CA VAL C 336 7.46 32.22 -12.24
C VAL C 336 7.49 32.15 -13.76
N HIS C 337 8.63 32.48 -14.35
CA HIS C 337 8.76 32.43 -15.79
C HIS C 337 8.83 30.99 -16.28
N SER C 338 8.73 30.84 -17.60
CA SER C 338 8.83 29.51 -18.20
C SER C 338 10.27 29.00 -18.24
N THR C 339 11.25 29.89 -18.08
CA THR C 339 12.65 29.51 -18.16
C THR C 339 13.08 28.90 -16.83
N GLU C 340 14.40 28.78 -16.63
CA GLU C 340 14.95 28.26 -15.38
C GLU C 340 14.40 29.04 -14.19
N LYS C 341 14.34 28.37 -13.04
CA LYS C 341 13.69 28.93 -11.86
C LYS C 341 14.39 30.18 -11.34
N VAL C 342 15.62 30.45 -11.78
CA VAL C 342 16.41 31.57 -11.27
C VAL C 342 15.70 32.91 -11.43
N VAL C 343 14.61 32.95 -12.18
CA VAL C 343 13.84 34.17 -12.40
C VAL C 343 12.48 34.04 -11.72
N CYS C 344 12.14 35.04 -10.90
CA CYS C 344 10.86 35.14 -10.24
C CYS C 344 10.58 36.61 -9.99
N SER C 345 9.37 37.06 -10.33
CA SER C 345 9.04 38.47 -10.21
C SER C 345 7.93 38.68 -9.19
N SER C 346 7.98 39.81 -8.50
CA SER C 346 7.07 40.07 -7.39
C SER C 346 6.53 41.49 -7.47
N HIS C 347 5.28 41.65 -7.04
CA HIS C 347 4.65 42.97 -7.01
C HIS C 347 3.64 43.04 -5.88
N MET C 348 3.38 44.25 -5.40
CA MET C 348 2.42 44.49 -4.33
C MET C 348 1.13 45.05 -4.94
N TYR C 349 0.03 44.31 -4.77
CA TYR C 349 -1.27 44.74 -5.29
C TYR C 349 -2.06 45.41 -4.18
N ASN C 350 -2.52 46.62 -4.46
CA ASN C 350 -3.28 47.43 -3.50
C ASN C 350 -4.09 48.43 -4.30
N VAL C 351 -5.41 48.29 -4.28
CA VAL C 351 -6.28 49.13 -5.09
C VAL C 351 -6.46 50.48 -4.41
N GLU C 352 -6.63 51.53 -5.22
CA GLU C 352 -6.83 52.86 -4.68
C GLU C 352 -8.27 53.05 -4.23
N GLU C 353 -8.50 54.11 -3.47
CA GLU C 353 -9.81 54.42 -2.93
C GLU C 353 -10.72 55.13 -3.93
N ALA C 354 -10.14 55.69 -5.00
CA ALA C 354 -10.92 56.40 -6.02
C ALA C 354 -11.45 55.48 -7.11
N TYR C 355 -11.08 54.20 -7.08
CA TYR C 355 -11.58 53.22 -8.03
C TYR C 355 -12.50 52.21 -7.34
N GLY C 356 -13.00 52.55 -6.16
CA GLY C 356 -13.75 51.62 -5.34
C GLY C 356 -15.12 51.25 -5.84
N SER C 357 -15.70 52.04 -6.75
CA SER C 357 -16.99 51.71 -7.32
C SER C 357 -16.91 50.88 -8.59
N VAL C 358 -15.70 50.61 -9.08
CA VAL C 358 -15.51 49.83 -10.30
C VAL C 358 -14.60 48.64 -9.97
N LYS C 359 -14.48 48.32 -8.68
CA LYS C 359 -13.56 47.27 -8.26
C LYS C 359 -14.03 45.89 -8.71
N LYS C 360 -15.33 45.63 -8.65
CA LYS C 360 -15.85 44.30 -8.96
C LYS C 360 -15.67 43.98 -10.43
N LYS C 361 -15.45 45.01 -11.25
CA LYS C 361 -15.20 44.83 -12.67
C LYS C 361 -13.73 44.91 -13.03
N LEU C 362 -12.92 45.62 -12.22
CA LEU C 362 -11.50 45.69 -12.47
C LEU C 362 -10.82 44.34 -12.39
N ASN C 363 -11.25 43.48 -11.48
CA ASN C 363 -10.57 42.23 -11.18
C ASN C 363 -11.10 41.04 -11.98
N LYS C 364 -12.18 41.22 -12.74
CA LYS C 364 -12.71 40.15 -13.57
C LYS C 364 -12.07 40.11 -14.95
N ALA C 365 -11.25 41.10 -15.29
CA ALA C 365 -10.53 41.15 -16.56
C ALA C 365 -9.03 40.95 -16.40
N LEU C 366 -8.46 41.49 -15.33
CA LEU C 366 -7.03 41.32 -15.08
C LEU C 366 -6.71 39.92 -14.59
N SER C 367 -7.67 39.27 -13.91
CA SER C 367 -7.44 37.95 -13.35
C SER C 367 -7.11 36.92 -14.41
N SER C 368 -7.79 36.96 -15.55
CA SER C 368 -7.44 36.09 -16.66
C SER C 368 -6.16 36.52 -17.38
N ALA C 369 -5.87 37.82 -17.40
CA ALA C 369 -4.69 38.28 -18.13
C ALA C 369 -3.41 37.94 -17.39
N LEU C 370 -3.49 37.73 -16.08
CA LEU C 370 -2.28 37.43 -15.31
C LEU C 370 -1.69 36.06 -15.70
N PHE C 371 -2.43 35.26 -16.44
CA PHE C 371 -2.00 33.92 -16.83
C PHE C 371 -1.43 33.90 -18.24
N ALA C 372 -1.18 35.07 -18.82
CA ALA C 372 -0.78 35.18 -20.21
C ALA C 372 0.65 35.70 -20.31
N GLU C 373 1.13 35.81 -21.54
CA GLU C 373 2.45 36.40 -21.80
C GLU C 373 2.41 37.58 -22.76
N ARG C 374 1.32 37.79 -23.50
CA ARG C 374 1.19 38.90 -24.45
C ARG C 374 -0.26 39.36 -24.44
N VAL C 375 -0.49 40.58 -23.96
CA VAL C 375 -1.82 41.11 -23.71
C VAL C 375 -1.98 42.43 -24.46
N LEU C 376 -3.11 42.57 -25.16
CA LEU C 376 -3.43 43.79 -25.91
C LEU C 376 -4.64 44.44 -25.27
N LEU C 377 -4.68 45.77 -25.29
CA LEU C 377 -5.73 46.55 -24.65
C LEU C 377 -6.57 47.25 -25.71
N ILE C 378 -7.89 47.16 -25.57
CA ILE C 378 -8.84 47.76 -26.50
C ILE C 378 -9.84 48.59 -25.71
N GLU C 379 -10.83 49.13 -26.41
CA GLU C 379 -11.83 50.01 -25.82
C GLU C 379 -13.18 49.31 -25.65
N GLY C 380 -13.72 48.74 -26.72
CA GLY C 380 -15.03 48.13 -26.67
C GLY C 380 -15.14 46.88 -27.51
N PRO C 381 -16.37 46.35 -27.62
CA PRO C 381 -16.57 45.09 -28.36
C PRO C 381 -16.53 45.26 -29.87
N SER C 382 -16.67 46.48 -30.38
CA SER C 382 -16.60 46.69 -31.83
C SER C 382 -15.23 46.28 -32.37
N GLU C 383 -14.16 46.60 -31.66
CA GLU C 383 -12.84 46.16 -32.05
C GLU C 383 -12.63 44.67 -31.85
N LYS C 384 -13.26 44.09 -30.81
CA LYS C 384 -13.16 42.65 -30.59
C LYS C 384 -13.72 41.88 -31.77
N ILE C 385 -14.88 42.29 -32.27
CA ILE C 385 -15.52 41.58 -33.37
C ILE C 385 -14.62 41.57 -34.61
N LEU C 386 -14.03 42.72 -34.93
CA LEU C 386 -13.16 42.79 -36.10
C LEU C 386 -11.89 41.97 -35.90
N PHE C 387 -11.24 42.12 -34.74
CA PHE C 387 -9.95 41.49 -34.54
C PHE C 387 -10.05 39.98 -34.45
N GLU C 388 -11.12 39.46 -33.86
CA GLU C 388 -11.28 38.00 -33.81
C GLU C 388 -11.34 37.41 -35.21
N LYS C 389 -12.13 38.00 -36.09
CA LYS C 389 -12.21 37.50 -37.47
C LYS C 389 -10.88 37.65 -38.19
N VAL C 390 -10.23 38.80 -38.04
CA VAL C 390 -8.96 39.01 -38.73
C VAL C 390 -7.93 37.98 -38.29
N LEU C 391 -7.81 37.77 -36.98
CA LEU C 391 -6.85 36.79 -36.48
C LEU C 391 -7.24 35.37 -36.90
N ASP C 392 -8.52 35.04 -36.89
CA ASP C 392 -8.96 33.71 -37.29
C ASP C 392 -8.57 33.44 -38.74
N GLU C 393 -8.73 34.43 -39.61
CA GLU C 393 -8.32 34.25 -40.99
C GLU C 393 -6.80 34.22 -41.15
N VAL C 394 -6.05 34.99 -40.36
CA VAL C 394 -4.60 35.03 -40.52
C VAL C 394 -3.96 33.79 -39.89
N GLU C 395 -4.11 33.63 -38.58
CA GLU C 395 -3.64 32.41 -37.90
C GLU C 395 -4.51 32.13 -36.68
N PRO C 396 -5.07 30.93 -36.58
CA PRO C 396 -6.07 30.67 -35.55
C PRO C 396 -5.50 30.29 -34.19
N GLU C 397 -4.28 29.77 -34.16
CA GLU C 397 -3.67 29.30 -32.91
C GLU C 397 -2.94 30.45 -32.21
N TYR C 398 -3.66 31.55 -32.05
CA TYR C 398 -3.10 32.73 -31.39
C TYR C 398 -3.29 32.71 -29.88
N GLU C 399 -4.23 31.92 -29.36
CA GLU C 399 -4.47 31.87 -27.92
C GLU C 399 -3.74 30.74 -27.23
N LEU C 400 -3.33 29.69 -27.96
CA LEU C 400 -2.52 28.65 -27.36
C LEU C 400 -1.15 29.18 -26.95
N ASN C 401 -0.55 30.02 -27.80
CA ASN C 401 0.78 30.54 -27.58
C ASN C 401 0.70 31.92 -26.92
N GLY C 402 0.16 31.92 -25.70
CA GLY C 402 -0.09 33.19 -25.04
C GLY C 402 -1.17 33.98 -25.75
N GLY C 403 -1.07 35.30 -25.65
CA GLY C 403 -1.99 36.16 -26.36
C GLY C 403 -3.32 36.35 -25.67
N PHE C 404 -3.81 37.58 -25.61
CA PHE C 404 -5.07 37.86 -24.95
C PHE C 404 -5.52 39.26 -25.33
N LEU C 405 -6.83 39.46 -25.38
CA LEU C 405 -7.44 40.75 -25.62
C LEU C 405 -8.19 41.20 -24.37
N LEU C 406 -7.99 42.45 -23.97
CA LEU C 406 -8.51 42.96 -22.71
C LEU C 406 -9.22 44.28 -22.94
N GLU C 407 -10.45 44.38 -22.45
CA GLU C 407 -11.27 45.58 -22.58
C GLU C 407 -11.07 46.47 -21.37
N VAL C 408 -10.85 47.76 -21.60
CA VAL C 408 -10.59 48.70 -20.52
C VAL C 408 -11.86 49.48 -20.19
N GLY C 409 -12.36 50.24 -21.15
CA GLY C 409 -13.57 51.01 -20.94
C GLY C 409 -13.30 52.46 -20.59
N GLY C 410 -14.10 53.02 -19.68
CA GLY C 410 -13.94 54.40 -19.29
C GLY C 410 -13.07 54.63 -18.06
N THR C 411 -11.82 54.17 -18.13
CA THR C 411 -10.87 54.35 -17.04
C THR C 411 -9.49 54.59 -17.64
N TYR C 412 -8.59 55.14 -16.83
CA TYR C 412 -7.22 55.33 -17.26
C TYR C 412 -6.46 54.00 -17.25
N PHE C 413 -5.32 53.99 -17.93
CA PHE C 413 -4.54 52.77 -18.13
C PHE C 413 -3.48 52.53 -17.08
N ASN C 414 -3.32 53.41 -16.09
CA ASN C 414 -2.20 53.30 -15.18
C ASN C 414 -2.26 52.01 -14.37
N HIS C 415 -3.45 51.66 -13.86
CA HIS C 415 -3.59 50.54 -12.95
C HIS C 415 -3.19 49.23 -13.63
N TYR C 416 -3.62 49.02 -14.87
CA TYR C 416 -3.23 47.81 -15.58
C TYR C 416 -1.76 47.82 -15.93
N VAL C 417 -1.24 48.95 -16.40
CA VAL C 417 0.11 48.99 -16.95
C VAL C 417 1.15 48.74 -15.87
N CYS C 418 1.02 49.38 -14.71
CA CYS C 418 2.01 49.17 -13.66
C CYS C 418 2.01 47.72 -13.19
N THR C 419 0.82 47.15 -12.96
CA THR C 419 0.72 45.76 -12.50
C THR C 419 1.33 44.81 -13.51
N LEU C 420 1.06 45.02 -14.80
CA LEU C 420 1.62 44.13 -15.81
C LEU C 420 3.11 44.34 -16.00
N ASN C 421 3.61 45.55 -15.80
CA ASN C 421 5.03 45.82 -16.03
C ASN C 421 5.89 45.25 -14.92
N ASP C 422 5.42 45.31 -13.67
CA ASP C 422 6.21 44.79 -12.57
C ASP C 422 6.41 43.29 -12.66
N LEU C 423 5.48 42.57 -13.29
CA LEU C 423 5.54 41.12 -13.41
C LEU C 423 6.17 40.65 -14.71
N GLY C 424 6.68 41.56 -15.53
CA GLY C 424 7.30 41.19 -16.78
C GLY C 424 6.36 40.65 -17.84
N ILE C 425 5.23 41.35 -18.05
CA ILE C 425 4.26 41.00 -19.06
C ILE C 425 4.27 42.08 -20.14
N THR C 426 4.42 41.66 -21.39
CA THR C 426 4.41 42.59 -22.51
C THR C 426 3.03 43.22 -22.65
N HIS C 427 2.98 44.53 -22.80
CA HIS C 427 1.72 45.26 -22.91
C HIS C 427 1.70 46.12 -24.17
N ILE C 428 0.57 46.12 -24.85
CA ILE C 428 0.36 46.87 -26.08
C ILE C 428 -0.91 47.70 -25.92
N ILE C 429 -0.82 48.98 -26.30
CA ILE C 429 -1.93 49.92 -26.12
C ILE C 429 -2.21 50.61 -27.44
N LYS C 430 -3.47 50.60 -27.86
CA LYS C 430 -3.93 51.29 -29.06
C LYS C 430 -5.17 52.11 -28.72
N THR C 431 -5.11 53.41 -28.94
CA THR C 431 -6.22 54.29 -28.61
C THR C 431 -6.39 55.33 -29.71
N ASP C 432 -7.59 55.92 -29.75
CA ASP C 432 -7.96 56.87 -30.77
C ASP C 432 -8.20 58.24 -30.15
N ASN C 433 -7.94 59.28 -30.92
CA ASN C 433 -8.11 60.65 -30.44
C ASN C 433 -9.58 60.94 -30.18
N ASP C 434 -9.85 61.82 -29.21
CA ASP C 434 -11.21 62.10 -28.81
C ASP C 434 -11.27 63.48 -28.18
N LEU C 435 -12.47 64.05 -28.19
CA LEU C 435 -12.76 65.34 -27.57
C LEU C 435 -14.04 65.24 -26.77
N LYS C 436 -14.07 65.93 -25.63
CA LYS C 436 -15.26 65.99 -24.79
C LYS C 436 -15.57 67.43 -24.43
N SER C 437 -16.82 67.68 -24.11
CA SER C 437 -17.30 69.00 -23.75
C SER C 437 -17.41 69.12 -22.24
N LYS C 438 -16.77 70.14 -21.68
CA LYS C 438 -16.86 70.37 -20.25
C LYS C 438 -18.29 70.77 -19.86
N LYS C 439 -18.76 70.21 -18.75
CA LYS C 439 -20.12 70.48 -18.32
C LYS C 439 -20.28 71.94 -17.92
N GLY C 440 -21.47 72.49 -18.20
CA GLY C 440 -21.75 73.87 -17.89
C GLY C 440 -21.33 74.82 -18.99
N LYS C 441 -20.02 74.99 -19.18
CA LYS C 441 -19.51 75.90 -20.19
C LYS C 441 -19.75 75.34 -21.59
N LYS C 442 -19.94 76.25 -22.54
CA LYS C 442 -20.22 75.89 -23.92
C LYS C 442 -19.08 76.35 -24.82
N GLY C 443 -18.74 75.53 -25.81
CA GLY C 443 -17.69 75.85 -26.75
C GLY C 443 -16.28 75.49 -26.30
N VAL C 444 -16.12 74.98 -25.09
CA VAL C 444 -14.81 74.60 -24.57
C VAL C 444 -14.71 73.07 -24.55
N TYR C 445 -13.58 72.55 -25.01
CA TYR C 445 -13.37 71.13 -25.18
C TYR C 445 -12.07 70.70 -24.51
N GLU C 446 -11.99 69.42 -24.15
CA GLU C 446 -10.81 68.85 -23.52
C GLU C 446 -10.23 67.74 -24.37
N LEU C 447 -8.92 67.51 -24.22
CA LEU C 447 -8.19 66.51 -25.01
C LEU C 447 -8.00 65.26 -24.16
N LEU C 448 -9.00 64.38 -24.18
CA LEU C 448 -8.96 63.20 -23.31
C LEU C 448 -7.95 62.18 -23.80
N GLY C 449 -7.97 61.87 -25.09
CA GLY C 449 -7.12 60.81 -25.61
C GLY C 449 -5.65 61.10 -25.47
N LEU C 450 -5.25 62.35 -25.72
CA LEU C 450 -3.84 62.70 -25.63
C LEU C 450 -3.37 62.71 -24.18
N ASN C 451 -4.21 63.21 -23.27
CA ASN C 451 -3.84 63.20 -21.86
C ASN C 451 -3.69 61.77 -21.32
N ARG C 452 -4.60 60.87 -21.71
CA ARG C 452 -4.50 59.50 -21.20
C ARG C 452 -3.22 58.83 -21.66
N CYS C 453 -2.63 59.29 -22.76
CA CYS C 453 -1.34 58.76 -23.19
C CYS C 453 -0.17 59.50 -22.55
N LEU C 454 -0.33 60.78 -22.23
CA LEU C 454 0.71 61.53 -21.55
C LEU C 454 0.83 61.20 -20.07
N ASN C 455 -0.28 60.88 -19.42
CA ASN C 455 -0.27 60.57 -17.99
C ASN C 455 0.61 59.36 -17.68
N LEU C 456 0.67 58.40 -18.59
CA LEU C 456 1.44 57.18 -18.37
C LEU C 456 2.95 57.41 -18.50
N LEU C 457 3.36 58.42 -19.25
CA LEU C 457 4.79 58.74 -19.39
C LEU C 457 5.30 59.63 -18.26
N GLY C 458 4.45 60.09 -17.37
CA GLY C 458 4.88 60.90 -16.25
C GLY C 458 4.89 62.38 -16.53
N ARG C 459 3.78 62.93 -17.04
CA ARG C 459 3.67 64.33 -17.37
C ARG C 459 2.36 64.88 -16.82
N GLU C 460 2.08 66.14 -17.13
CA GLU C 460 0.92 66.84 -16.61
C GLU C 460 -0.10 67.10 -17.70
N ASN C 461 -1.35 67.24 -17.30
CA ASN C 461 -2.44 67.43 -18.25
C ASN C 461 -2.28 68.74 -19.00
N LEU C 462 -2.69 68.74 -20.27
CA LEU C 462 -2.58 69.91 -21.10
C LEU C 462 -3.76 70.86 -20.85
N ASP C 463 -3.61 72.09 -21.32
CA ASP C 463 -4.64 73.10 -21.15
C ASP C 463 -5.80 72.86 -22.11
N GLU C 464 -6.95 73.41 -21.77
CA GLU C 464 -8.13 73.26 -22.61
C GLU C 464 -8.00 74.04 -23.90
N ILE C 465 -8.79 73.63 -24.89
CA ILE C 465 -8.86 74.28 -26.18
C ILE C 465 -10.31 74.69 -26.43
N THR C 466 -10.52 75.96 -26.79
CA THR C 466 -11.85 76.50 -27.04
C THR C 466 -12.04 76.71 -28.53
N ILE C 467 -13.15 76.19 -29.06
CA ILE C 467 -13.45 76.30 -30.48
C ILE C 467 -14.84 76.87 -30.63
N ASP C 468 -15.08 77.55 -31.75
CA ASP C 468 -16.31 78.28 -32.00
C ASP C 468 -17.01 77.71 -33.22
N ILE C 469 -18.31 77.48 -33.11
CA ILE C 469 -19.12 76.97 -34.21
C ILE C 469 -20.45 77.73 -34.23
N PRO C 470 -20.84 78.30 -35.37
CA PRO C 470 -22.13 78.99 -35.44
C PRO C 470 -23.29 78.02 -35.22
N GLU C 471 -24.40 78.58 -34.70
CA GLU C 471 -25.54 77.75 -34.34
C GLU C 471 -26.16 77.07 -35.56
N ASP C 472 -26.20 77.77 -36.69
CA ASP C 472 -26.85 77.22 -37.88
C ASP C 472 -26.15 75.97 -38.39
N ILE C 473 -24.83 75.97 -38.39
CA ILE C 473 -24.07 74.83 -38.92
C ILE C 473 -24.21 73.66 -37.96
N LYS C 474 -24.63 72.50 -38.49
CA LYS C 474 -24.85 71.32 -37.68
C LYS C 474 -24.62 70.08 -38.54
N GLY C 475 -24.72 68.91 -37.91
CA GLY C 475 -24.67 67.66 -38.65
C GLY C 475 -23.31 67.35 -39.24
N LYS C 476 -23.33 66.96 -40.53
CA LYS C 476 -22.10 66.51 -41.18
C LYS C 476 -21.07 67.62 -41.28
N LYS C 477 -21.51 68.86 -41.47
CA LYS C 477 -20.57 69.99 -41.48
C LYS C 477 -19.90 70.15 -40.13
N LYS C 478 -20.67 70.01 -39.04
CA LYS C 478 -20.09 70.05 -37.71
C LYS C 478 -19.07 68.95 -37.53
N LYS C 479 -19.40 67.74 -38.00
CA LYS C 479 -18.47 66.62 -37.87
C LYS C 479 -17.18 66.87 -38.63
N GLU C 480 -17.28 67.43 -39.84
CA GLU C 480 -16.06 67.70 -40.61
C GLU C 480 -15.24 68.83 -39.99
N ARG C 481 -15.89 69.83 -39.39
CA ARG C 481 -15.14 70.86 -38.69
C ARG C 481 -14.36 70.28 -37.51
N LEU C 482 -15.02 69.42 -36.72
CA LEU C 482 -14.33 68.79 -35.61
C LEU C 482 -13.20 67.89 -36.09
N ASN C 483 -13.39 67.18 -37.20
CA ASN C 483 -12.32 66.35 -37.74
C ASN C 483 -11.13 67.19 -38.19
N GLU C 484 -11.38 68.33 -38.82
CA GLU C 484 -10.29 69.21 -39.21
C GLU C 484 -9.53 69.73 -37.99
N ARG C 485 -10.27 70.09 -36.93
CA ARG C 485 -9.61 70.53 -35.71
C ARG C 485 -8.74 69.44 -35.10
N LYS C 486 -9.26 68.20 -35.07
CA LYS C 486 -8.47 67.08 -34.55
C LYS C 486 -7.24 66.84 -35.39
N LYS C 487 -7.36 66.95 -36.71
CA LYS C 487 -6.20 66.78 -37.58
C LYS C 487 -5.15 67.84 -37.31
N GLU C 488 -5.56 69.09 -37.10
CA GLU C 488 -4.61 70.14 -36.76
C GLU C 488 -3.91 69.83 -35.42
N ILE C 489 -4.69 69.40 -34.43
CA ILE C 489 -4.10 69.07 -33.12
C ILE C 489 -3.07 67.95 -33.27
N PHE C 490 -3.40 66.94 -34.08
CA PHE C 490 -2.43 65.87 -34.36
C PHE C 490 -1.18 66.43 -35.04
N LYS C 491 -1.36 67.36 -35.97
CA LYS C 491 -0.22 67.95 -36.66
C LYS C 491 0.67 68.76 -35.71
N GLN C 492 0.10 69.26 -34.62
CA GLN C 492 0.88 70.11 -33.71
C GLN C 492 1.95 69.32 -32.96
N TYR C 493 1.67 68.08 -32.61
CA TYR C 493 2.44 67.36 -31.58
C TYR C 493 3.11 66.09 -32.12
N LYS C 494 3.81 66.20 -33.26
CA LYS C 494 4.47 65.03 -33.83
C LYS C 494 5.56 64.49 -32.91
N ASN C 495 6.30 65.38 -32.25
CA ASN C 495 7.38 64.95 -31.37
C ASN C 495 6.86 64.06 -30.24
N GLU C 496 5.71 64.43 -29.66
CA GLU C 496 5.13 63.62 -28.59
C GLU C 496 4.74 62.24 -29.09
N VAL C 497 4.17 62.16 -30.29
CA VAL C 497 3.78 60.87 -30.85
C VAL C 497 5.00 60.00 -31.10
N GLY C 498 6.11 60.62 -31.50
CA GLY C 498 7.33 59.86 -31.70
C GLY C 498 7.79 59.16 -30.43
N GLU C 499 7.72 59.85 -29.29
CA GLU C 499 8.08 59.21 -28.02
C GLU C 499 7.01 58.25 -27.54
N PHE C 500 5.75 58.51 -27.87
CA PHE C 500 4.68 57.59 -27.51
C PHE C 500 4.88 56.23 -28.18
N LEU C 501 5.22 56.22 -29.47
CA LEU C 501 5.35 54.96 -30.19
C LEU C 501 6.51 54.11 -29.67
N GLY C 502 7.49 54.72 -29.00
CA GLY C 502 8.59 53.94 -28.47
C GLY C 502 8.17 52.98 -27.37
N GLU C 503 7.27 53.42 -26.49
CA GLU C 503 6.84 52.62 -25.35
C GLU C 503 5.55 51.86 -25.65
N ARG C 504 5.33 51.48 -26.90
CA ARG C 504 4.19 50.67 -27.32
C ARG C 504 2.87 51.34 -26.99
N ILE C 505 2.74 52.60 -27.40
CA ILE C 505 1.47 53.32 -27.36
C ILE C 505 1.19 53.81 -28.77
N TYR C 506 0.02 53.46 -29.30
CA TYR C 506 -0.35 53.78 -30.67
C TYR C 506 -1.57 54.69 -30.66
N LEU C 507 -1.51 55.77 -31.43
CA LEU C 507 -2.57 56.76 -31.49
C LEU C 507 -2.98 56.98 -32.94
N SER C 508 -4.27 57.22 -33.14
CA SER C 508 -4.83 57.44 -34.47
C SER C 508 -5.40 58.85 -34.56
N GLU C 509 -5.49 59.36 -35.79
CA GLU C 509 -5.86 60.75 -35.99
C GLU C 509 -7.30 61.02 -35.55
N ILE C 510 -8.24 60.21 -36.03
CA ILE C 510 -9.66 60.41 -35.76
C ILE C 510 -10.29 59.23 -35.06
N ASP C 511 -10.29 58.05 -35.69
CA ASP C 511 -10.94 56.88 -35.11
C ASP C 511 -10.52 55.60 -35.84
N LEU C 512 -11.03 54.45 -35.38
CA LEU C 512 -10.70 53.18 -36.01
C LEU C 512 -11.32 53.06 -37.40
N GLU C 513 -12.54 53.58 -37.56
CA GLU C 513 -13.24 53.45 -38.83
C GLU C 513 -12.48 54.14 -39.96
N ASN C 514 -11.92 55.32 -39.70
CA ASN C 514 -11.17 56.03 -40.73
C ASN C 514 -9.92 55.25 -41.14
N ASP C 515 -9.22 54.65 -40.18
CA ASP C 515 -8.07 53.82 -40.53
C ASP C 515 -8.50 52.58 -41.31
N LEU C 516 -9.67 52.03 -40.98
CA LEU C 516 -10.19 50.91 -41.74
C LEU C 516 -10.48 51.29 -43.19
N TYR C 517 -11.03 52.50 -43.40
CA TYR C 517 -11.34 52.95 -44.75
C TYR C 517 -10.09 53.06 -45.60
N SER C 518 -8.94 53.32 -45.00
CA SER C 518 -7.70 53.48 -45.74
C SER C 518 -7.02 52.16 -46.08
N ALA C 519 -7.65 51.03 -45.79
CA ALA C 519 -7.03 49.74 -46.06
C ALA C 519 -7.91 48.80 -46.88
N ILE C 520 -9.22 48.82 -46.66
CA ILE C 520 -10.13 47.94 -47.38
C ILE C 520 -11.22 48.76 -48.05
N GLY C 521 -10.90 50.00 -48.41
CA GLY C 521 -11.90 50.90 -48.93
C GLY C 521 -12.58 50.41 -50.19
N GLU C 522 -11.87 49.67 -51.03
CA GLU C 522 -12.46 49.16 -52.27
C GLU C 522 -13.63 48.23 -51.96
N SER C 523 -13.48 47.35 -50.97
CA SER C 523 -14.55 46.45 -50.57
C SER C 523 -15.57 47.10 -49.65
N MET C 524 -15.28 48.28 -49.11
CA MET C 524 -16.25 48.97 -48.26
C MET C 524 -17.49 49.35 -49.05
N LYS C 525 -17.31 49.88 -50.25
CA LYS C 525 -18.42 50.36 -51.07
C LYS C 525 -18.93 49.28 -52.02
N ARG C 526 -19.19 48.10 -51.46
CA ARG C 526 -19.85 47.03 -52.19
C ARG C 526 -20.86 46.27 -51.34
N ILE C 527 -20.97 46.58 -50.06
CA ILE C 527 -21.92 45.94 -49.16
C ILE C 527 -23.00 46.91 -48.72
N PHE C 528 -22.60 48.05 -48.14
CA PHE C 528 -23.57 49.08 -47.80
C PHE C 528 -24.06 49.84 -49.03
N GLU C 529 -23.26 49.84 -50.11
CA GLU C 529 -23.54 50.65 -51.28
C GLU C 529 -23.75 52.08 -50.83
N ASN C 530 -24.96 52.61 -51.04
CA ASN C 530 -25.35 53.93 -50.55
C ASN C 530 -24.27 54.97 -50.84
N GLU C 531 -23.68 55.52 -49.78
CA GLU C 531 -22.59 56.46 -49.90
C GLU C 531 -21.88 56.53 -48.55
N ASP C 532 -20.70 57.16 -48.54
CA ASP C 532 -19.88 57.48 -47.38
C ASP C 532 -20.01 56.45 -46.26
N PRO C 533 -19.56 55.21 -46.48
CA PRO C 533 -19.83 54.15 -45.51
C PRO C 533 -19.29 54.41 -44.12
N VAL C 534 -18.26 55.24 -44.00
CA VAL C 534 -17.74 55.60 -42.68
C VAL C 534 -18.83 56.27 -41.85
N HIS C 535 -19.64 57.12 -42.48
CA HIS C 535 -20.79 57.67 -41.76
C HIS C 535 -21.81 56.58 -41.47
N TYR C 536 -21.98 55.63 -42.39
CA TYR C 536 -23.01 54.62 -42.20
C TYR C 536 -22.74 53.75 -40.97
N LEU C 537 -21.46 53.42 -40.73
CA LEU C 537 -21.14 52.61 -39.57
C LEU C 537 -21.46 53.33 -38.27
N GLN C 538 -21.26 54.66 -38.24
CA GLN C 538 -21.38 55.40 -36.99
C GLN C 538 -22.79 55.37 -36.42
N LYS C 539 -23.80 55.22 -37.28
CA LYS C 539 -25.19 55.27 -36.80
C LYS C 539 -25.47 54.13 -35.82
N SER C 540 -25.00 52.92 -36.12
CA SER C 540 -25.19 51.78 -35.24
C SER C 540 -23.97 50.87 -35.40
N LYS C 541 -23.08 50.91 -34.42
CA LYS C 541 -21.78 50.27 -34.58
C LYS C 541 -21.89 48.75 -34.59
N LEU C 542 -22.60 48.18 -33.62
CA LEU C 542 -22.61 46.73 -33.46
C LEU C 542 -23.31 46.05 -34.63
N PHE C 543 -24.52 46.49 -34.95
CA PHE C 543 -25.33 45.80 -35.95
C PHE C 543 -24.73 45.92 -37.34
N ASN C 544 -23.93 46.94 -37.58
CA ASN C 544 -23.31 47.10 -38.88
C ASN C 544 -21.93 46.46 -38.96
N MET C 545 -21.18 46.42 -37.85
CA MET C 545 -19.94 45.66 -37.85
C MET C 545 -20.19 44.18 -37.98
N VAL C 546 -21.26 43.65 -37.36
CA VAL C 546 -21.56 42.24 -37.52
C VAL C 546 -21.98 41.92 -38.94
N GLU C 547 -22.52 42.89 -39.68
CA GLU C 547 -22.83 42.68 -41.09
C GLU C 547 -21.58 42.80 -41.96
N LEU C 548 -20.70 43.73 -41.63
CA LEU C 548 -19.45 43.89 -42.39
C LEU C 548 -18.58 42.65 -42.27
N VAL C 549 -18.51 42.06 -41.07
CA VAL C 549 -17.62 40.92 -40.87
C VAL C 549 -18.09 39.71 -41.67
N ASN C 550 -19.40 39.58 -41.86
CA ASN C 550 -19.93 38.44 -42.61
C ASN C 550 -19.43 38.45 -44.05
N ASN C 551 -19.46 39.61 -44.71
CA ASN C 551 -19.15 39.71 -46.13
C ASN C 551 -17.70 40.18 -46.32
N LEU C 552 -16.78 39.33 -45.90
CA LEU C 552 -15.35 39.61 -46.04
C LEU C 552 -14.63 38.34 -46.44
N SER C 553 -13.76 38.44 -47.43
CA SER C 553 -13.00 37.30 -47.90
C SER C 553 -11.63 37.24 -47.22
N THR C 554 -10.90 36.16 -47.50
CA THR C 554 -9.59 35.99 -46.90
C THR C 554 -8.62 37.09 -47.34
N LYS C 555 -8.67 37.46 -48.62
CA LYS C 555 -7.80 38.52 -49.11
C LYS C 555 -8.07 39.83 -48.38
N ASP C 556 -9.33 40.10 -48.04
CA ASP C 556 -9.64 41.32 -47.30
C ASP C 556 -8.99 41.32 -45.93
N CYS C 557 -9.00 40.18 -45.23
CA CYS C 557 -8.40 40.12 -43.90
C CYS C 557 -6.88 40.20 -43.98
N PHE C 558 -6.27 39.56 -44.99
CA PHE C 558 -4.83 39.68 -45.15
C PHE C 558 -4.38 41.11 -45.43
N ASP C 559 -5.28 41.97 -45.88
CA ASP C 559 -4.94 43.36 -46.19
C ASP C 559 -5.09 44.28 -45.00
N VAL C 560 -5.58 43.80 -43.86
CA VAL C 560 -5.66 44.59 -42.64
C VAL C 560 -4.45 44.26 -41.77
N PHE C 561 -3.98 43.01 -41.87
CA PHE C 561 -2.90 42.53 -41.02
C PHE C 561 -1.54 43.13 -41.39
N GLU C 562 -1.41 43.72 -42.58
CA GLU C 562 -0.12 44.17 -43.05
C GLU C 562 0.00 45.69 -43.17
N HIS C 563 -1.11 46.41 -43.20
CA HIS C 563 -1.05 47.86 -43.36
C HIS C 563 -0.38 48.51 -42.16
N GLU C 564 0.20 49.70 -42.39
CA GLU C 564 0.96 50.37 -41.34
C GLU C 564 0.06 50.77 -40.17
N LYS C 565 -1.15 51.23 -40.45
CA LYS C 565 -2.02 51.76 -39.41
C LYS C 565 -2.48 50.70 -38.42
N PHE C 566 -2.28 49.42 -38.72
CA PHE C 566 -2.66 48.33 -37.83
C PHE C 566 -1.45 47.52 -37.40
N ALA C 567 -0.34 48.21 -37.10
CA ALA C 567 0.87 47.52 -36.70
C ALA C 567 0.76 46.87 -35.33
N CYS C 568 -0.31 47.18 -34.57
CA CYS C 568 -0.44 46.62 -33.24
C CYS C 568 -0.60 45.10 -33.28
N LEU C 569 -1.27 44.57 -34.29
CA LEU C 569 -1.57 43.15 -34.30
C LEU C 569 -0.34 42.31 -34.55
N LYS C 570 0.70 42.88 -35.16
CA LYS C 570 1.91 42.11 -35.45
C LYS C 570 2.81 41.94 -34.23
N GLU C 571 2.57 42.67 -33.16
CA GLU C 571 3.35 42.51 -31.94
C GLU C 571 2.70 41.58 -30.93
N LEU C 572 1.38 41.39 -31.02
CA LEU C 572 0.71 40.41 -30.17
C LEU C 572 1.13 38.99 -30.53
N VAL C 573 1.19 38.67 -31.82
CA VAL C 573 1.43 37.31 -32.24
C VAL C 573 2.86 36.88 -31.90
N GLY C 574 3.82 37.78 -32.03
CA GLY C 574 5.19 37.48 -31.71
C GLY C 574 6.14 38.08 -32.71
N SER C 575 7.42 37.94 -32.41
CA SER C 575 8.48 38.46 -33.28
C SER C 575 8.88 37.43 -34.32
N MET D 1 -15.72 -40.29 -4.32
CA MET D 1 -15.45 -41.08 -3.13
C MET D 1 -13.96 -41.05 -2.77
N LYS D 2 -13.10 -41.16 -3.78
CA LYS D 2 -11.66 -41.13 -3.53
C LYS D 2 -10.92 -40.57 -4.73
N PHE D 3 -9.99 -39.66 -4.47
CA PHE D 3 -9.09 -39.17 -5.51
C PHE D 3 -8.13 -40.28 -5.90
N SER D 4 -7.66 -40.24 -7.15
CA SER D 4 -6.77 -41.32 -7.54
C SER D 4 -5.45 -40.84 -8.12
N ASN D 5 -5.46 -39.80 -8.95
CA ASN D 5 -4.25 -39.41 -9.67
C ASN D 5 -4.39 -37.97 -10.13
N ILE D 6 -3.27 -37.37 -10.48
CA ILE D 6 -3.26 -36.04 -11.06
C ILE D 6 -2.11 -35.95 -12.07
N THR D 7 -2.41 -35.38 -13.23
CA THR D 7 -1.46 -35.27 -14.33
C THR D 7 -1.31 -33.79 -14.69
N ILE D 8 -0.08 -33.30 -14.70
CA ILE D 8 0.21 -31.91 -15.02
C ILE D 8 1.16 -31.88 -16.21
N LYS D 9 0.78 -31.12 -17.23
CA LYS D 9 1.55 -30.99 -18.46
C LYS D 9 1.76 -29.51 -18.75
N ASN D 10 3.03 -29.11 -18.87
CA ASN D 10 3.41 -27.76 -19.31
C ASN D 10 2.76 -26.68 -18.43
N PHE D 11 3.13 -26.68 -17.16
CA PHE D 11 2.72 -25.63 -16.22
C PHE D 11 3.92 -25.23 -15.39
N ARG D 12 4.43 -24.02 -15.65
CA ARG D 12 5.60 -23.48 -14.96
C ARG D 12 6.80 -24.42 -15.10
N ASN D 13 7.20 -25.05 -14.01
CA ASN D 13 8.36 -25.93 -14.01
C ASN D 13 8.00 -27.40 -14.09
N PHE D 14 6.76 -27.72 -14.42
CA PHE D 14 6.32 -29.10 -14.63
C PHE D 14 6.33 -29.41 -16.12
N GLU D 15 7.09 -30.43 -16.52
CA GLU D 15 7.10 -30.84 -17.92
C GLU D 15 6.04 -31.90 -18.17
N LYS D 16 6.13 -33.04 -17.47
CA LYS D 16 5.12 -34.09 -17.57
C LYS D 16 5.16 -34.85 -16.24
N VAL D 17 4.24 -34.51 -15.34
CA VAL D 17 4.29 -35.02 -13.98
C VAL D 17 3.02 -35.78 -13.67
N ASN D 18 3.19 -36.99 -13.13
CA ASN D 18 2.10 -37.89 -12.79
C ASN D 18 2.22 -38.25 -11.32
N ILE D 19 1.24 -37.85 -10.50
CA ILE D 19 1.32 -38.02 -9.06
C ILE D 19 0.09 -38.77 -8.57
N ASN D 20 0.31 -39.77 -7.72
CA ASN D 20 -0.77 -40.47 -7.04
C ASN D 20 -1.16 -39.73 -5.78
N LEU D 21 -2.44 -39.83 -5.42
CA LEU D 21 -2.99 -39.10 -4.28
C LEU D 21 -3.88 -40.02 -3.46
N ASP D 22 -4.49 -39.45 -2.44
CA ASP D 22 -5.48 -40.10 -1.60
C ASP D 22 -6.25 -39.00 -0.87
N ASN D 23 -7.10 -39.38 0.08
CA ASN D 23 -7.92 -38.38 0.76
C ASN D 23 -7.08 -37.40 1.58
N LYS D 24 -6.09 -37.90 2.30
CA LYS D 24 -5.19 -37.06 3.09
C LYS D 24 -3.78 -37.11 2.48
N ASN D 25 -3.22 -35.94 2.20
CA ASN D 25 -1.95 -35.82 1.50
C ASN D 25 -1.03 -34.87 2.25
N VAL D 26 0.26 -35.21 2.30
CA VAL D 26 1.27 -34.36 2.93
C VAL D 26 2.48 -34.28 2.00
N ILE D 27 2.89 -33.05 1.68
CA ILE D 27 3.97 -32.81 0.73
C ILE D 27 5.14 -32.17 1.46
N PHE D 28 6.36 -32.61 1.16
CA PHE D 28 7.54 -32.03 1.78
C PHE D 28 8.75 -32.24 0.89
N GLY D 29 9.84 -31.54 1.23
CA GLY D 29 11.06 -31.62 0.48
C GLY D 29 11.91 -30.38 0.69
N MET D 30 12.84 -30.15 -0.24
CA MET D 30 13.79 -29.05 -0.15
C MET D 30 13.72 -28.17 -1.41
N ASN D 31 12.57 -28.12 -2.07
CA ASN D 31 12.44 -27.35 -3.30
C ASN D 31 11.95 -25.93 -3.05
N ASP D 32 10.82 -25.79 -2.37
CA ASP D 32 10.27 -24.51 -1.94
C ASP D 32 9.75 -23.67 -3.10
N ILE D 33 9.92 -24.14 -4.34
CA ILE D 33 9.32 -23.53 -5.50
C ILE D 33 8.27 -24.44 -6.13
N GLY D 34 8.56 -25.73 -6.24
CA GLY D 34 7.56 -26.67 -6.69
C GLY D 34 6.45 -26.89 -5.69
N LYS D 35 6.75 -26.75 -4.40
CA LYS D 35 5.72 -26.92 -3.37
C LYS D 35 4.66 -25.84 -3.45
N THR D 36 5.06 -24.60 -3.74
CA THR D 36 4.10 -23.52 -3.86
C THR D 36 3.43 -23.47 -5.23
N ASN D 37 3.92 -24.24 -6.20
CA ASN D 37 3.26 -24.36 -7.50
C ASN D 37 2.27 -25.51 -7.52
N PHE D 38 2.54 -26.58 -6.77
CA PHE D 38 1.63 -27.71 -6.69
C PHE D 38 0.27 -27.32 -6.11
N LEU D 39 0.19 -26.21 -5.38
CA LEU D 39 -1.07 -25.74 -4.85
C LEU D 39 -1.80 -24.77 -5.77
N TYR D 40 -1.07 -23.88 -6.47
CA TYR D 40 -1.72 -23.10 -7.52
C TYR D 40 -2.26 -23.99 -8.64
N ALA D 41 -1.59 -25.13 -8.90
CA ALA D 41 -2.12 -26.06 -9.89
C ALA D 41 -3.51 -26.55 -9.50
N LEU D 42 -3.71 -26.86 -8.22
CA LEU D 42 -5.02 -27.28 -7.76
C LEU D 42 -6.01 -26.13 -7.69
N ARG D 43 -5.54 -24.92 -7.37
CA ARG D 43 -6.44 -23.78 -7.27
C ARG D 43 -6.95 -23.29 -8.63
N PHE D 44 -6.15 -23.42 -9.69
CA PHE D 44 -6.63 -23.05 -11.02
C PHE D 44 -7.68 -24.01 -11.57
N LEU D 45 -7.97 -25.11 -10.89
CA LEU D 45 -8.91 -26.09 -11.40
C LEU D 45 -10.21 -26.15 -10.61
N LEU D 46 -10.19 -25.87 -9.31
CA LEU D 46 -11.38 -25.98 -8.48
C LEU D 46 -11.76 -24.68 -7.79
N ASP D 47 -11.02 -23.61 -7.97
CA ASP D 47 -11.31 -22.33 -7.34
C ASP D 47 -11.72 -21.29 -8.36
N LYS D 48 -12.57 -20.37 -7.93
CA LYS D 48 -13.17 -19.35 -8.79
C LYS D 48 -12.49 -18.00 -8.70
N GLU D 49 -12.11 -17.57 -7.49
CA GLU D 49 -11.51 -16.26 -7.30
C GLU D 49 -10.12 -16.15 -7.92
N ILE D 50 -9.52 -17.26 -8.33
CA ILE D 50 -8.20 -17.23 -8.95
C ILE D 50 -8.25 -17.57 -10.44
N ARG D 51 -9.32 -18.20 -10.92
CA ARG D 51 -9.44 -18.53 -12.33
C ARG D 51 -9.95 -17.37 -13.19
N LYS D 52 -10.50 -16.32 -12.58
CA LYS D 52 -10.98 -15.19 -13.36
C LYS D 52 -9.84 -14.56 -14.16
N PHE D 53 -8.70 -14.36 -13.51
CA PHE D 53 -7.51 -13.86 -14.18
C PHE D 53 -6.84 -15.05 -14.86
N GLY D 54 -6.80 -15.03 -16.19
CA GLY D 54 -6.25 -16.15 -16.92
C GLY D 54 -4.74 -16.20 -16.82
N PHE D 55 -4.17 -17.11 -17.60
CA PHE D 55 -2.73 -17.28 -17.62
C PHE D 55 -2.04 -16.06 -18.22
N ASN D 56 -0.79 -15.86 -17.83
CA ASN D 56 0.06 -14.81 -18.37
C ASN D 56 1.25 -15.45 -19.07
N LYS D 57 2.21 -14.62 -19.48
CA LYS D 57 3.38 -15.14 -20.18
C LYS D 57 4.24 -16.02 -19.29
N SER D 58 4.33 -15.70 -18.00
CA SER D 58 5.19 -16.46 -17.09
C SER D 58 4.60 -17.80 -16.69
N ASP D 59 3.26 -17.91 -16.65
CA ASP D 59 2.63 -19.11 -16.14
C ASP D 59 2.84 -20.33 -17.02
N TYR D 60 3.37 -20.17 -18.22
CA TYR D 60 3.71 -21.29 -19.08
C TYR D 60 5.03 -21.88 -18.62
N HIS D 61 5.61 -22.72 -19.46
CA HIS D 61 6.96 -23.24 -19.25
C HIS D 61 7.94 -22.13 -19.61
N LYS D 62 9.18 -22.46 -19.96
CA LYS D 62 10.19 -21.42 -20.05
C LYS D 62 9.88 -20.48 -21.22
N HIS D 63 8.78 -19.75 -21.10
CA HIS D 63 8.40 -18.68 -22.00
C HIS D 63 8.35 -19.12 -23.45
N ASP D 64 7.82 -20.33 -23.67
CA ASP D 64 7.57 -20.86 -25.01
C ASP D 64 6.05 -20.88 -25.18
N THR D 65 5.50 -19.77 -25.69
CA THR D 65 4.06 -19.57 -25.74
C THR D 65 3.43 -20.16 -27.01
N SER D 66 3.76 -21.42 -27.27
CA SER D 66 3.17 -22.13 -28.41
C SER D 66 2.80 -23.56 -28.05
N LYS D 67 2.64 -23.86 -26.77
CA LYS D 67 2.31 -25.20 -26.30
C LYS D 67 1.08 -25.15 -25.41
N LYS D 68 0.38 -26.28 -25.34
CA LYS D 68 -0.85 -26.37 -24.58
C LYS D 68 -0.55 -26.52 -23.09
N ILE D 69 -1.57 -26.26 -22.27
CA ILE D 69 -1.52 -26.51 -20.84
C ILE D 69 -2.72 -27.38 -20.49
N GLU D 70 -2.45 -28.60 -20.03
CA GLU D 70 -3.51 -29.55 -19.69
C GLU D 70 -3.37 -29.97 -18.24
N ILE D 71 -4.49 -29.96 -17.53
CA ILE D 71 -4.54 -30.49 -16.16
C ILE D 71 -5.75 -31.41 -16.06
N ILE D 72 -5.53 -32.63 -15.61
CA ILE D 72 -6.58 -33.65 -15.52
C ILE D 72 -6.59 -34.22 -14.10
N LEU D 73 -7.79 -34.39 -13.54
CA LEU D 73 -7.98 -34.96 -12.22
C LEU D 73 -8.89 -36.17 -12.33
N THR D 74 -8.52 -37.25 -11.62
CA THR D 74 -9.18 -38.54 -11.73
C THR D 74 -9.81 -38.94 -10.41
N LEU D 75 -11.08 -39.34 -10.46
CA LEU D 75 -11.80 -39.68 -9.24
C LEU D 75 -12.47 -41.03 -9.43
N ASP D 76 -12.47 -41.84 -8.37
CA ASP D 76 -13.03 -43.19 -8.43
C ASP D 76 -14.44 -43.18 -7.85
N LEU D 77 -15.39 -43.73 -8.60
CA LEU D 77 -16.80 -43.71 -8.24
C LEU D 77 -17.32 -45.15 -8.24
N SER D 78 -17.18 -45.81 -7.09
CA SER D 78 -17.58 -47.21 -6.97
C SER D 78 -18.80 -47.41 -6.09
N ASN D 79 -18.85 -46.76 -4.93
CA ASN D 79 -19.98 -46.92 -4.02
C ASN D 79 -21.18 -46.18 -4.60
N TYR D 80 -21.79 -46.81 -5.59
CA TYR D 80 -22.93 -46.21 -6.29
C TYR D 80 -24.16 -46.11 -5.41
N GLU D 81 -24.23 -46.91 -4.33
CA GLU D 81 -25.42 -47.00 -3.50
C GLU D 81 -25.23 -46.45 -2.10
N LYS D 82 -24.22 -46.91 -1.39
CA LYS D 82 -24.05 -46.58 0.03
C LYS D 82 -23.32 -45.26 0.27
N ASP D 83 -22.76 -44.63 -0.76
CA ASP D 83 -22.00 -43.41 -0.56
C ASP D 83 -22.93 -42.21 -0.58
N GLU D 84 -22.74 -41.31 0.40
CA GLU D 84 -23.53 -40.09 0.45
C GLU D 84 -23.04 -39.06 -0.56
N ASP D 85 -21.75 -39.00 -0.81
CA ASP D 85 -21.19 -37.98 -1.70
C ASP D 85 -21.21 -38.36 -3.17
N THR D 86 -21.35 -39.65 -3.48
CA THR D 86 -21.41 -40.05 -4.88
C THR D 86 -22.70 -39.57 -5.54
N LYS D 87 -23.77 -39.42 -4.76
CA LYS D 87 -25.03 -38.93 -5.31
C LYS D 87 -24.88 -37.52 -5.87
N LYS D 88 -24.14 -36.65 -5.16
CA LYS D 88 -24.02 -35.26 -5.59
C LYS D 88 -23.27 -35.15 -6.92
N LEU D 89 -22.21 -35.93 -7.10
CA LEU D 89 -21.50 -35.96 -8.37
C LEU D 89 -22.10 -36.95 -9.37
N ILE D 90 -23.36 -37.32 -9.18
CA ILE D 90 -24.06 -38.14 -10.17
C ILE D 90 -25.43 -37.54 -10.44
N SER D 91 -25.82 -36.57 -9.62
CA SER D 91 -27.06 -35.82 -9.83
C SER D 91 -26.85 -34.53 -10.60
N VAL D 92 -25.81 -33.77 -10.26
CA VAL D 92 -25.51 -32.56 -11.03
C VAL D 92 -25.10 -32.93 -12.45
N VAL D 93 -24.27 -33.95 -12.60
CA VAL D 93 -23.90 -34.46 -13.91
C VAL D 93 -24.97 -35.43 -14.37
N LYS D 94 -25.43 -35.25 -15.62
CA LYS D 94 -26.52 -36.07 -16.13
C LYS D 94 -26.32 -36.52 -17.57
N GLY D 95 -25.27 -36.08 -18.26
CA GLY D 95 -25.11 -36.47 -19.64
C GLY D 95 -23.76 -37.07 -19.97
N ALA D 96 -22.75 -36.79 -19.14
CA ALA D 96 -21.44 -37.38 -19.34
C ALA D 96 -21.37 -38.80 -18.81
N ARG D 97 -22.32 -39.21 -17.97
CA ARG D 97 -22.39 -40.57 -17.45
C ARG D 97 -23.12 -41.42 -18.47
N THR D 98 -22.37 -41.94 -19.44
CA THR D 98 -22.97 -42.70 -20.52
C THR D 98 -23.66 -43.96 -20.01
N SER D 99 -23.01 -44.67 -19.10
CA SER D 99 -23.54 -45.91 -18.54
C SER D 99 -23.61 -45.78 -17.03
N ALA D 100 -24.38 -46.68 -16.41
CA ALA D 100 -24.50 -46.73 -14.97
C ALA D 100 -23.40 -47.55 -14.31
N ASN D 101 -22.43 -48.03 -15.08
CA ASN D 101 -21.32 -48.83 -14.58
C ASN D 101 -19.99 -48.26 -15.08
N ALA D 102 -19.79 -46.96 -14.88
CA ALA D 102 -18.57 -46.30 -15.35
C ALA D 102 -17.40 -46.54 -14.41
N ASP D 103 -17.58 -46.24 -13.13
CA ASP D 103 -16.61 -46.49 -12.05
C ASP D 103 -15.42 -45.53 -12.07
N VAL D 104 -15.31 -44.67 -13.07
CA VAL D 104 -14.23 -43.68 -13.16
C VAL D 104 -14.82 -42.36 -13.62
N PHE D 105 -14.23 -41.24 -13.19
CA PHE D 105 -14.70 -39.94 -13.65
C PHE D 105 -13.49 -39.01 -13.81
N TYR D 106 -13.58 -38.12 -14.80
CA TYR D 106 -12.46 -37.25 -15.13
C TYR D 106 -12.89 -35.79 -15.09
N ILE D 107 -11.94 -34.90 -14.81
CA ILE D 107 -12.13 -33.45 -14.94
C ILE D 107 -10.90 -32.89 -15.63
N ALA D 108 -11.09 -31.98 -16.59
CA ALA D 108 -9.99 -31.54 -17.44
C ALA D 108 -9.99 -30.03 -17.58
N LEU D 109 -8.82 -29.49 -17.89
CA LEU D 109 -8.62 -28.07 -18.10
C LEU D 109 -7.61 -27.88 -19.22
N GLU D 110 -8.00 -27.12 -20.25
CA GLU D 110 -7.15 -26.85 -21.40
C GLU D 110 -7.01 -25.34 -21.58
N SER D 111 -5.91 -24.95 -22.23
CA SER D 111 -5.62 -23.53 -22.46
C SER D 111 -4.79 -23.38 -23.72
N LYS D 112 -5.20 -22.43 -24.58
CA LYS D 112 -4.45 -22.09 -25.78
C LYS D 112 -4.25 -20.58 -25.83
N TYR D 113 -3.06 -20.17 -26.29
CA TYR D 113 -2.68 -18.76 -26.19
C TYR D 113 -3.27 -17.96 -27.35
N ASP D 114 -3.69 -16.73 -27.04
CA ASP D 114 -4.23 -15.79 -28.03
C ASP D 114 -3.22 -14.66 -28.19
N ASP D 115 -2.48 -14.70 -29.30
CA ASP D 115 -1.36 -13.78 -29.47
C ASP D 115 -1.80 -12.33 -29.58
N LYS D 116 -2.91 -12.06 -30.26
CA LYS D 116 -3.30 -10.68 -30.57
C LYS D 116 -3.56 -9.87 -29.31
N GLU D 117 -4.26 -10.46 -28.33
CA GLU D 117 -4.69 -9.71 -27.16
C GLU D 117 -3.85 -9.98 -25.92
N LEU D 118 -2.82 -10.83 -26.03
CA LEU D 118 -1.95 -11.16 -24.90
C LEU D 118 -2.76 -11.70 -23.72
N TYR D 119 -3.39 -12.86 -23.95
CA TYR D 119 -4.31 -13.43 -22.98
C TYR D 119 -4.47 -14.91 -23.27
N GLY D 120 -4.47 -15.72 -22.21
CA GLY D 120 -4.67 -17.15 -22.36
C GLY D 120 -5.96 -17.62 -21.74
N ASN D 121 -6.82 -18.23 -22.53
CA ASN D 121 -8.14 -18.63 -22.05
C ASN D 121 -8.06 -19.97 -21.33
N ILE D 122 -9.09 -20.24 -20.54
CA ILE D 122 -9.21 -21.50 -19.79
C ILE D 122 -10.54 -22.14 -20.16
N ILE D 123 -10.48 -23.39 -20.60
CA ILE D 123 -11.66 -24.14 -21.02
C ILE D 123 -11.77 -25.40 -20.18
N LEU D 124 -12.95 -25.67 -19.66
CA LEU D 124 -13.20 -26.77 -18.73
C LEU D 124 -14.13 -27.79 -19.37
N LYS D 125 -13.78 -29.08 -19.23
CA LYS D 125 -14.57 -30.17 -19.78
C LYS D 125 -14.51 -31.36 -18.83
N TRP D 126 -15.62 -32.08 -18.67
CA TRP D 126 -15.50 -33.37 -17.99
C TRP D 126 -16.14 -34.49 -18.80
N GLY D 127 -16.12 -35.67 -18.20
CA GLY D 127 -16.67 -36.86 -18.82
C GLY D 127 -16.29 -38.10 -18.03
N SER D 128 -16.68 -39.24 -18.60
CA SER D 128 -16.36 -40.54 -18.03
C SER D 128 -15.50 -41.38 -18.97
N GLU D 129 -14.90 -40.77 -19.98
CA GLU D 129 -13.96 -41.44 -20.85
C GLU D 129 -12.94 -40.42 -21.34
N LEU D 130 -11.78 -40.91 -21.74
CA LEU D 130 -10.72 -40.01 -22.20
C LEU D 130 -10.97 -39.51 -23.61
N ASP D 131 -11.82 -40.18 -24.39
CA ASP D 131 -12.05 -39.82 -25.78
C ASP D 131 -13.26 -38.91 -25.97
N ASN D 132 -14.28 -39.02 -25.13
CA ASN D 132 -15.52 -38.25 -25.27
C ASN D 132 -15.69 -37.37 -24.04
N LEU D 133 -15.15 -36.15 -24.11
CA LEU D 133 -15.25 -35.17 -23.05
C LEU D 133 -16.13 -34.02 -23.52
N ILE D 134 -17.10 -33.63 -22.70
CA ILE D 134 -18.04 -32.59 -23.06
C ILE D 134 -17.85 -31.38 -22.14
N ASP D 135 -18.25 -30.22 -22.64
CA ASP D 135 -18.06 -28.94 -21.97
C ASP D 135 -19.05 -28.79 -20.82
N ILE D 136 -18.68 -27.94 -19.87
CA ILE D 136 -19.45 -27.73 -18.65
C ILE D 136 -20.58 -26.75 -18.98
N PRO D 137 -21.83 -27.10 -18.74
CA PRO D 137 -22.91 -26.11 -18.91
C PRO D 137 -22.84 -25.03 -17.85
N GLY D 138 -23.35 -23.85 -18.21
CA GLY D 138 -23.36 -22.72 -17.30
C GLY D 138 -23.49 -21.39 -18.03
N ARG D 139 -24.26 -20.47 -17.46
CA ARG D 139 -24.52 -19.18 -18.09
C ARG D 139 -24.04 -18.06 -17.17
N GLY D 140 -23.35 -17.09 -17.74
CA GLY D 140 -22.87 -15.94 -16.99
C GLY D 140 -21.44 -16.14 -16.51
N ASN D 141 -21.24 -16.05 -15.19
CA ASN D 141 -19.93 -16.20 -14.58
C ASN D 141 -19.84 -17.43 -13.68
N ILE D 142 -20.88 -18.26 -13.64
CA ILE D 142 -20.93 -19.40 -12.73
C ILE D 142 -21.03 -20.68 -13.57
N ASN D 143 -20.11 -21.61 -13.32
CA ASN D 143 -20.10 -22.90 -13.97
C ASN D 143 -20.89 -23.92 -13.16
N ALA D 144 -21.07 -25.11 -13.74
CA ALA D 144 -21.72 -26.18 -13.01
C ALA D 144 -20.79 -26.87 -12.03
N LEU D 145 -19.48 -26.66 -12.16
CA LEU D 145 -18.52 -27.26 -11.24
C LEU D 145 -18.57 -26.60 -9.87
N ASP D 146 -18.88 -25.30 -9.82
CA ASP D 146 -18.89 -24.57 -8.57
C ASP D 146 -20.05 -24.97 -7.67
N ASN D 147 -20.99 -25.75 -8.17
CA ASN D 147 -22.13 -26.20 -7.37
C ASN D 147 -21.86 -27.50 -6.63
N VAL D 148 -20.64 -28.03 -6.72
CA VAL D 148 -20.28 -29.29 -6.07
C VAL D 148 -19.15 -29.10 -5.05
N PHE D 149 -18.13 -28.31 -5.39
CA PHE D 149 -16.95 -28.17 -4.56
C PHE D 149 -16.86 -26.75 -3.98
N LYS D 150 -16.24 -26.65 -2.81
CA LYS D 150 -15.85 -25.37 -2.22
C LYS D 150 -14.44 -25.51 -1.67
N VAL D 151 -13.59 -24.53 -1.97
CA VAL D 151 -12.17 -24.58 -1.65
C VAL D 151 -11.86 -23.53 -0.59
N ILE D 152 -11.10 -23.92 0.43
CA ILE D 152 -10.70 -23.03 1.51
C ILE D 152 -9.17 -23.00 1.57
N TYR D 153 -8.60 -21.81 1.68
CA TYR D 153 -7.17 -21.59 1.70
C TYR D 153 -6.75 -20.99 3.03
N ILE D 154 -5.75 -21.61 3.67
CA ILE D 154 -5.25 -21.16 4.98
C ILE D 154 -3.76 -20.88 4.87
N ASN D 155 -3.37 -19.67 5.25
CA ASN D 155 -2.00 -19.17 5.24
C ASN D 155 -1.88 -18.08 6.28
N PRO D 156 -1.06 -18.26 7.32
CA PRO D 156 -0.98 -17.26 8.39
C PRO D 156 -0.12 -16.06 8.04
N LEU D 157 0.55 -16.07 6.90
CA LEU D 157 1.44 -14.98 6.50
C LEU D 157 0.68 -13.97 5.64
N VAL D 158 -0.39 -13.44 6.21
CA VAL D 158 -1.23 -12.46 5.52
C VAL D 158 -1.90 -11.53 6.52
N ASP D 280 -23.80 -28.64 2.49
CA ASP D 280 -24.33 -29.47 1.40
C ASP D 280 -23.39 -29.47 0.20
N LYS D 281 -22.10 -29.26 0.46
CA LYS D 281 -21.07 -29.28 -0.57
C LYS D 281 -19.82 -29.94 -0.03
N ILE D 282 -18.96 -30.39 -0.94
CA ILE D 282 -17.69 -31.00 -0.57
C ILE D 282 -16.65 -29.90 -0.36
N VAL D 283 -16.03 -29.88 0.81
CA VAL D 283 -15.07 -28.84 1.20
C VAL D 283 -13.66 -29.40 1.08
N ILE D 284 -12.79 -28.66 0.42
CA ILE D 284 -11.39 -29.04 0.24
C ILE D 284 -10.50 -27.99 0.88
N TYR D 285 -9.63 -28.41 1.78
CA TYR D 285 -8.75 -27.52 2.53
C TYR D 285 -7.37 -27.49 1.91
N LEU D 286 -6.72 -26.32 1.95
CA LEU D 286 -5.35 -26.17 1.51
C LEU D 286 -4.59 -25.34 2.54
N ILE D 287 -3.74 -26.00 3.31
CA ILE D 287 -2.98 -25.37 4.39
C ILE D 287 -1.56 -25.15 3.93
N GLU D 288 -1.02 -23.96 4.16
CA GLU D 288 0.36 -23.66 3.79
C GLU D 288 1.11 -23.16 5.01
N GLU D 289 2.06 -23.95 5.50
CA GLU D 289 3.02 -23.61 6.55
C GLU D 289 2.35 -23.12 7.82
N PRO D 290 1.66 -23.98 8.56
CA PRO D 290 1.03 -23.57 9.83
C PRO D 290 1.98 -23.67 11.02
N GLU D 291 3.21 -23.20 10.86
CA GLU D 291 4.19 -23.23 11.94
C GLU D 291 5.04 -21.97 11.99
N ILE D 292 4.55 -20.87 11.42
CA ILE D 292 5.37 -19.66 11.31
C ILE D 292 5.64 -19.07 12.69
N SER D 293 4.60 -18.91 13.49
CA SER D 293 4.75 -18.29 14.80
C SER D 293 3.97 -19.05 15.85
N LEU D 294 4.08 -20.38 15.83
CA LEU D 294 3.42 -21.23 16.81
C LEU D 294 4.46 -21.86 17.72
N HIS D 295 4.11 -21.98 19.00
CA HIS D 295 4.97 -22.65 19.96
C HIS D 295 5.02 -24.15 19.66
N ARG D 296 6.03 -24.80 20.23
CA ARG D 296 6.25 -26.22 19.94
C ARG D 296 5.08 -27.08 20.42
N SER D 297 4.47 -26.69 21.53
CA SER D 297 3.38 -27.50 22.09
C SER D 297 2.16 -27.51 21.17
N MET D 298 1.81 -26.38 20.58
CA MET D 298 0.57 -26.28 19.82
C MET D 298 0.63 -27.02 18.48
N GLN D 299 1.83 -27.25 17.95
CA GLN D 299 1.94 -28.03 16.72
C GLN D 299 1.43 -29.46 16.92
N ILE D 300 1.68 -30.03 18.09
CA ILE D 300 1.17 -31.36 18.41
C ILE D 300 -0.36 -31.36 18.46
N ALA D 301 -0.96 -30.32 19.03
CA ALA D 301 -2.41 -30.23 19.05
C ALA D 301 -2.97 -30.16 17.65
N LEU D 302 -2.34 -29.36 16.78
CA LEU D 302 -2.79 -29.30 15.40
C LEU D 302 -2.69 -30.65 14.72
N SER D 303 -1.60 -31.39 14.96
CA SER D 303 -1.45 -32.71 14.36
C SER D 303 -2.56 -33.65 14.81
N LYS D 304 -2.84 -33.66 16.11
CA LYS D 304 -3.90 -34.51 16.64
C LYS D 304 -5.23 -34.19 15.99
N GLN D 305 -5.58 -32.89 15.90
CA GLN D 305 -6.85 -32.53 15.30
C GLN D 305 -6.93 -32.94 13.84
N LEU D 306 -5.87 -32.69 13.07
CA LEU D 306 -5.91 -33.05 11.65
C LEU D 306 -6.07 -34.55 11.45
N PHE D 307 -5.31 -35.36 12.18
CA PHE D 307 -5.21 -36.77 11.83
C PHE D 307 -6.16 -37.66 12.62
N GLU D 308 -6.86 -37.14 13.61
CA GLU D 308 -7.76 -37.97 14.42
C GLU D 308 -9.22 -37.61 14.22
N GLN D 309 -9.60 -36.35 14.43
CA GLN D 309 -11.01 -35.98 14.35
C GLN D 309 -11.49 -36.00 12.90
N SER D 310 -12.81 -36.07 12.74
CA SER D 310 -13.44 -36.22 11.44
C SER D 310 -13.91 -34.90 10.85
N THR D 311 -13.51 -33.77 11.45
CA THR D 311 -13.89 -32.48 10.88
C THR D 311 -13.28 -32.28 9.51
N TYR D 312 -12.04 -32.72 9.31
CA TYR D 312 -11.34 -32.62 8.05
C TYR D 312 -11.34 -33.98 7.37
N LYS D 313 -11.69 -34.01 6.09
CA LYS D 313 -11.64 -35.26 5.32
C LYS D 313 -10.75 -35.18 4.10
N TYR D 314 -10.77 -34.08 3.35
CA TYR D 314 -9.92 -33.88 2.20
C TYR D 314 -9.03 -32.67 2.44
N PHE D 315 -7.72 -32.85 2.33
CA PHE D 315 -6.83 -31.70 2.45
C PHE D 315 -5.47 -32.01 1.83
N PHE D 316 -4.70 -30.95 1.64
CA PHE D 316 -3.30 -31.00 1.25
C PHE D 316 -2.51 -30.13 2.21
N LEU D 317 -1.32 -30.59 2.61
CA LEU D 317 -0.56 -29.91 3.65
C LEU D 317 0.91 -29.79 3.26
N SER D 318 1.50 -28.65 3.58
CA SER D 318 2.91 -28.37 3.31
C SER D 318 3.58 -27.92 4.60
N THR D 319 4.74 -28.49 4.91
CA THR D 319 5.36 -28.22 6.20
C THR D 319 6.87 -28.43 6.12
N HIS D 320 7.58 -27.73 7.00
CA HIS D 320 9.01 -27.88 7.20
C HIS D 320 9.39 -28.41 8.57
N SER D 321 8.44 -28.56 9.48
CA SER D 321 8.74 -28.96 10.84
C SER D 321 8.30 -30.40 11.09
N PRO D 322 9.07 -31.17 11.86
CA PRO D 322 8.72 -32.57 12.12
C PRO D 322 7.78 -32.80 13.29
N GLU D 323 7.27 -31.75 13.92
CA GLU D 323 6.34 -31.92 15.03
C GLU D 323 4.90 -32.02 14.58
N LEU D 324 4.60 -31.75 13.30
CA LEU D 324 3.25 -31.94 12.81
C LEU D 324 2.97 -33.40 12.49
N LEU D 325 4.00 -34.18 12.23
CA LEU D 325 3.84 -35.59 11.90
C LEU D 325 4.16 -36.49 13.10
N TYR D 326 3.36 -36.39 14.16
CA TYR D 326 3.46 -37.36 15.24
C TYR D 326 2.31 -38.35 15.27
N GLU D 327 1.12 -37.99 14.77
CA GLU D 327 0.01 -38.94 14.77
C GLU D 327 -0.41 -39.28 13.35
N MET D 328 0.54 -39.41 12.43
CA MET D 328 0.19 -39.67 11.05
C MET D 328 -0.24 -41.12 10.86
N ASP D 329 -1.37 -41.31 10.20
CA ASP D 329 -1.93 -42.64 9.97
C ASP D 329 -2.91 -42.58 8.81
N ASN D 330 -2.82 -43.56 7.91
CA ASN D 330 -3.74 -43.69 6.78
C ASN D 330 -3.69 -42.47 5.87
N THR D 331 -2.48 -42.13 5.41
CA THR D 331 -2.32 -40.94 4.58
C THR D 331 -1.38 -41.23 3.43
N ARG D 332 -1.15 -40.22 2.60
CA ARG D 332 -0.18 -40.31 1.52
C ARG D 332 0.89 -39.24 1.70
N LEU D 333 2.13 -39.63 1.42
CA LEU D 333 3.28 -38.75 1.57
C LEU D 333 3.92 -38.54 0.21
N ILE D 334 4.17 -37.28 -0.12
CA ILE D 334 4.84 -36.88 -1.35
C ILE D 334 6.15 -36.19 -0.98
N ARG D 335 7.25 -36.68 -1.55
CA ARG D 335 8.57 -36.10 -1.35
C ARG D 335 9.07 -35.50 -2.65
N VAL D 336 9.63 -34.30 -2.54
CA VAL D 336 10.17 -33.56 -3.68
C VAL D 336 11.69 -33.58 -3.58
N HIS D 337 12.34 -34.07 -4.62
CA HIS D 337 13.79 -34.16 -4.64
C HIS D 337 14.40 -32.76 -4.76
N SER D 338 15.70 -32.69 -4.53
CA SER D 338 16.42 -31.43 -4.65
C SER D 338 16.66 -31.02 -6.10
N THR D 339 16.54 -31.95 -7.04
CA THR D 339 16.80 -31.68 -8.45
C THR D 339 15.59 -30.99 -9.07
N GLU D 340 15.56 -30.97 -10.40
CA GLU D 340 14.42 -30.42 -11.13
C GLU D 340 13.12 -31.06 -10.64
N LYS D 341 12.03 -30.28 -10.71
CA LYS D 341 10.77 -30.67 -10.11
C LYS D 341 10.19 -31.93 -10.74
N VAL D 342 10.68 -32.32 -11.91
CA VAL D 342 10.12 -33.43 -12.68
C VAL D 342 10.05 -34.73 -11.87
N VAL D 343 10.76 -34.80 -10.74
CA VAL D 343 10.77 -35.98 -9.90
C VAL D 343 10.01 -35.70 -8.61
N CYS D 344 9.04 -36.56 -8.31
CA CYS D 344 8.28 -36.53 -7.06
C CYS D 344 7.88 -37.97 -6.74
N SER D 345 8.00 -38.34 -5.46
CA SER D 345 7.73 -39.72 -5.06
C SER D 345 6.60 -39.76 -4.05
N SER D 346 5.85 -40.85 -4.06
CA SER D 346 4.64 -40.96 -3.25
C SER D 346 4.56 -42.32 -2.58
N HIS D 347 4.03 -42.34 -1.36
CA HIS D 347 3.86 -43.58 -0.62
C HIS D 347 2.63 -43.50 0.27
N MET D 348 2.02 -44.66 0.52
CA MET D 348 0.85 -44.76 1.37
C MET D 348 1.28 -45.25 2.75
N TYR D 349 1.02 -44.44 3.77
CA TYR D 349 1.41 -44.76 5.15
C TYR D 349 0.18 -45.28 5.90
N ASN D 350 0.31 -46.48 6.46
CA ASN D 350 -0.76 -47.12 7.21
C ASN D 350 -0.11 -48.11 8.17
N VAL D 351 -0.27 -47.88 9.48
CA VAL D 351 0.33 -48.75 10.49
C VAL D 351 -0.52 -50.01 10.62
N GLU D 352 0.11 -51.08 11.11
CA GLU D 352 -0.55 -52.37 11.21
C GLU D 352 -1.37 -52.48 12.49
N GLU D 353 -2.19 -53.53 12.57
CA GLU D 353 -2.93 -53.81 13.79
C GLU D 353 -1.99 -54.17 14.93
N ALA D 354 -0.96 -54.96 14.65
CA ALA D 354 0.16 -55.12 15.56
C ALA D 354 1.04 -53.88 15.48
N TYR D 355 2.10 -53.83 16.27
CA TYR D 355 2.90 -52.61 16.40
C TYR D 355 2.02 -51.45 16.82
N GLY D 356 0.98 -51.72 17.60
CA GLY D 356 0.03 -50.70 17.98
C GLY D 356 0.21 -50.23 19.40
N SER D 357 0.97 -50.98 20.18
CA SER D 357 1.31 -50.57 21.53
C SER D 357 2.60 -49.76 21.60
N VAL D 358 3.32 -49.62 20.48
CA VAL D 358 4.54 -48.84 20.42
C VAL D 358 4.49 -47.80 19.30
N LYS D 359 3.29 -47.35 18.92
CA LYS D 359 3.15 -46.45 17.78
C LYS D 359 3.85 -45.13 18.01
N LYS D 360 3.73 -44.57 19.22
CA LYS D 360 4.26 -43.24 19.50
C LYS D 360 5.76 -43.20 19.29
N LYS D 361 6.48 -44.23 19.75
CA LYS D 361 7.92 -44.25 19.58
C LYS D 361 8.31 -44.37 18.11
N LEU D 362 7.58 -45.19 17.34
CA LEU D 362 7.88 -45.34 15.93
C LEU D 362 7.75 -44.02 15.19
N ASN D 363 6.63 -43.33 15.40
CA ASN D 363 6.40 -42.06 14.75
C ASN D 363 7.39 -40.99 15.18
N LYS D 364 7.73 -40.91 16.46
CA LYS D 364 8.73 -39.98 16.94
C LYS D 364 10.11 -40.25 16.35
N ALA D 365 10.45 -41.50 16.09
CA ALA D 365 11.73 -41.81 15.46
C ALA D 365 11.73 -41.46 13.97
N LEU D 366 10.64 -41.77 13.28
CA LEU D 366 10.64 -41.61 11.82
C LEU D 366 10.36 -40.19 11.37
N SER D 367 9.69 -39.38 12.21
CA SER D 367 9.29 -38.04 11.80
C SER D 367 10.48 -37.15 11.50
N SER D 368 11.61 -37.37 12.16
CA SER D 368 12.81 -36.61 11.87
C SER D 368 13.63 -37.20 10.73
N ALA D 369 13.59 -38.52 10.55
CA ALA D 369 14.34 -39.14 9.45
C ALA D 369 13.69 -38.89 8.11
N LEU D 370 12.41 -38.53 8.08
CA LEU D 370 11.79 -38.24 6.80
C LEU D 370 12.37 -37.01 6.10
N PHE D 371 13.17 -36.19 6.80
CA PHE D 371 13.71 -34.95 6.26
C PHE D 371 15.17 -35.09 5.85
N ALA D 372 15.64 -36.32 5.64
CA ALA D 372 17.06 -36.55 5.41
C ALA D 372 17.31 -37.11 4.02
N GLU D 373 18.55 -37.49 3.73
CA GLU D 373 18.91 -38.09 2.46
C GLU D 373 19.65 -39.40 2.67
N ARG D 374 20.34 -39.53 3.80
CA ARG D 374 21.04 -40.76 4.17
C ARG D 374 20.76 -41.04 5.63
N VAL D 375 20.34 -42.26 5.94
CA VAL D 375 19.94 -42.65 7.29
C VAL D 375 20.59 -43.98 7.64
N LEU D 376 21.13 -44.06 8.86
CA LEU D 376 21.74 -45.28 9.38
C LEU D 376 20.93 -45.79 10.56
N LEU D 377 20.73 -47.09 10.63
CA LEU D 377 19.92 -47.72 11.66
C LEU D 377 20.82 -48.46 12.65
N ILE D 378 20.63 -48.20 13.94
CA ILE D 378 21.43 -48.82 14.99
C ILE D 378 20.50 -49.52 15.98
N GLU D 379 21.08 -50.09 17.04
CA GLU D 379 20.33 -50.87 18.01
C GLU D 379 20.06 -50.10 19.31
N GLY D 380 21.11 -49.60 19.96
CA GLY D 380 20.95 -48.95 21.23
C GLY D 380 21.79 -47.70 21.38
N PRO D 381 21.81 -47.12 22.59
CA PRO D 381 22.56 -45.89 22.82
C PRO D 381 24.04 -46.10 23.05
N SER D 382 24.50 -47.35 23.16
CA SER D 382 25.93 -47.59 23.30
C SER D 382 26.69 -47.19 22.04
N GLU D 383 26.13 -47.49 20.86
CA GLU D 383 26.79 -47.16 19.61
C GLU D 383 26.73 -45.69 19.26
N LYS D 384 25.73 -44.97 19.76
CA LYS D 384 25.58 -43.56 19.44
C LYS D 384 26.78 -42.74 19.91
N ILE D 385 27.24 -42.99 21.14
CA ILE D 385 28.36 -42.23 21.68
C ILE D 385 29.62 -42.48 20.84
N LEU D 386 29.92 -43.73 20.57
CA LEU D 386 31.11 -44.06 19.81
C LEU D 386 31.07 -43.45 18.41
N PHE D 387 29.94 -43.57 17.73
CA PHE D 387 29.85 -43.04 16.38
C PHE D 387 29.92 -41.51 16.37
N GLU D 388 29.28 -40.85 17.34
CA GLU D 388 29.36 -39.40 17.41
C GLU D 388 30.78 -38.94 17.63
N LYS D 389 31.52 -39.60 18.53
CA LYS D 389 32.91 -39.21 18.74
C LYS D 389 33.75 -39.44 17.49
N VAL D 390 33.59 -40.58 16.84
CA VAL D 390 34.39 -40.87 15.65
C VAL D 390 34.12 -39.85 14.57
N LEU D 391 32.84 -39.55 14.32
CA LEU D 391 32.50 -38.56 13.30
C LEU D 391 33.00 -37.18 13.66
N ASP D 392 32.90 -36.79 14.94
CA ASP D 392 33.39 -35.46 15.34
C ASP D 392 34.89 -35.35 15.12
N GLU D 393 35.63 -36.44 15.37
CA GLU D 393 37.08 -36.38 15.14
C GLU D 393 37.43 -36.43 13.66
N VAL D 394 36.65 -37.13 12.84
CA VAL D 394 36.98 -37.22 11.42
C VAL D 394 36.48 -35.99 10.67
N GLU D 395 35.16 -35.78 10.66
CA GLU D 395 34.62 -34.57 10.04
C GLU D 395 33.35 -34.11 10.77
N PRO D 396 33.34 -32.87 11.25
CA PRO D 396 32.21 -32.44 12.10
C PRO D 396 30.96 -32.09 11.34
N GLU D 397 31.06 -31.76 10.05
CA GLU D 397 29.90 -31.33 9.27
C GLU D 397 29.33 -32.53 8.53
N TYR D 398 28.65 -33.40 9.29
CA TYR D 398 27.95 -34.54 8.71
C TYR D 398 26.44 -34.42 8.76
N GLU D 399 25.90 -33.68 9.72
CA GLU D 399 24.46 -33.47 9.81
C GLU D 399 23.98 -32.30 8.95
N LEU D 400 24.89 -31.44 8.50
CA LEU D 400 24.51 -30.38 7.58
C LEU D 400 24.19 -30.94 6.20
N ASN D 401 25.03 -31.87 5.72
CA ASN D 401 24.87 -32.45 4.40
C ASN D 401 24.10 -33.76 4.49
N GLY D 402 22.82 -33.62 4.83
CA GLY D 402 22.03 -34.80 5.08
C GLY D 402 22.50 -35.52 6.33
N GLY D 403 22.38 -36.84 6.31
CA GLY D 403 22.88 -37.64 7.41
C GLY D 403 21.99 -37.67 8.61
N PHE D 404 21.96 -38.80 9.32
CA PHE D 404 21.13 -38.98 10.49
C PHE D 404 21.48 -40.32 11.12
N LEU D 405 21.21 -40.42 12.42
CA LEU D 405 21.35 -41.67 13.16
C LEU D 405 20.01 -42.00 13.78
N LEU D 406 19.53 -43.22 13.53
CA LEU D 406 18.19 -43.64 13.92
C LEU D 406 18.28 -44.88 14.80
N GLU D 407 17.56 -44.86 15.91
CA GLU D 407 17.54 -45.97 16.86
C GLU D 407 16.28 -46.79 16.65
N VAL D 408 16.44 -48.11 16.54
CA VAL D 408 15.31 -48.99 16.26
C VAL D 408 14.80 -49.63 17.55
N GLY D 409 15.67 -50.39 18.21
CA GLY D 409 15.28 -51.06 19.44
C GLY D 409 14.87 -52.50 19.24
N GLY D 410 13.86 -52.95 19.97
CA GLY D 410 13.38 -54.31 19.88
C GLY D 410 12.23 -54.50 18.92
N THR D 411 12.47 -54.28 17.63
CA THR D 411 11.44 -54.38 16.62
C THR D 411 12.10 -54.75 15.29
N TYR D 412 11.31 -55.35 14.39
CA TYR D 412 11.81 -55.68 13.06
C TYR D 412 11.95 -54.42 12.22
N PHE D 413 12.74 -54.54 11.14
CA PHE D 413 13.12 -53.40 10.31
C PHE D 413 12.21 -53.17 9.12
N ASN D 414 11.17 -53.98 8.94
CA ASN D 414 10.37 -53.89 7.72
C ASN D 414 9.68 -52.53 7.61
N HIS D 415 9.09 -52.06 8.71
CA HIS D 415 8.28 -50.85 8.67
C HIS D 415 9.10 -49.64 8.25
N TYR D 416 10.31 -49.49 8.80
CA TYR D 416 11.16 -48.39 8.39
C TYR D 416 11.65 -48.55 6.97
N VAL D 417 12.04 -49.77 6.59
CA VAL D 417 12.73 -49.96 5.32
C VAL D 417 11.79 -49.72 4.15
N CYS D 418 10.57 -50.26 4.19
CA CYS D 418 9.65 -50.04 3.07
C CYS D 418 9.31 -48.56 2.92
N THR D 419 9.00 -47.89 4.03
CA THR D 419 8.66 -46.47 3.98
C THR D 419 9.81 -45.65 3.43
N LEU D 420 11.05 -45.95 3.84
CA LEU D 420 12.18 -45.19 3.34
C LEU D 420 12.50 -45.52 1.89
N ASN D 421 12.24 -46.75 1.45
CA ASN D 421 12.58 -47.13 0.08
C ASN D 421 11.60 -46.55 -0.93
N ASP D 422 10.31 -46.48 -0.57
CA ASP D 422 9.34 -45.95 -1.51
C ASP D 422 9.56 -44.48 -1.80
N LEU D 423 10.21 -43.74 -0.91
CA LEU D 423 10.44 -42.31 -1.08
C LEU D 423 11.86 -41.99 -1.52
N GLY D 424 12.63 -42.98 -1.94
CA GLY D 424 13.98 -42.72 -2.42
C GLY D 424 14.97 -42.23 -1.38
N ILE D 425 14.98 -42.84 -0.21
CA ILE D 425 15.91 -42.50 0.87
C ILE D 425 16.88 -43.67 1.03
N THR D 426 18.17 -43.37 0.96
CA THR D 426 19.19 -44.40 1.16
C THR D 426 19.13 -44.92 2.59
N HIS D 427 19.24 -46.23 2.75
CA HIS D 427 19.14 -46.85 4.07
C HIS D 427 20.29 -47.81 4.28
N ILE D 428 20.87 -47.77 5.48
CA ILE D 428 22.00 -48.60 5.88
C ILE D 428 21.66 -49.30 7.18
N ILE D 429 21.91 -50.61 7.25
CA ILE D 429 21.58 -51.40 8.43
C ILE D 429 22.80 -52.20 8.86
N LYS D 430 23.12 -52.13 10.15
CA LYS D 430 24.21 -52.89 10.75
C LYS D 430 23.69 -53.58 11.99
N THR D 431 23.96 -54.89 12.12
CA THR D 431 23.46 -55.66 13.24
C THR D 431 24.44 -56.75 13.63
N ASP D 432 24.15 -57.41 14.75
CA ASP D 432 25.02 -58.42 15.33
C ASP D 432 24.24 -59.71 15.56
N ASN D 433 24.96 -60.83 15.49
CA ASN D 433 24.36 -62.13 15.73
C ASN D 433 23.92 -62.25 17.18
N ASP D 434 22.82 -62.94 17.41
CA ASP D 434 22.25 -63.02 18.75
C ASP D 434 21.46 -64.31 18.88
N LEU D 435 21.25 -64.73 20.13
CA LEU D 435 20.54 -65.94 20.46
C LEU D 435 19.62 -65.69 21.65
N LYS D 436 18.43 -66.24 21.60
CA LYS D 436 17.48 -66.19 22.71
C LYS D 436 17.04 -67.60 23.08
N SER D 437 16.65 -67.76 24.33
CA SER D 437 16.17 -69.03 24.86
C SER D 437 14.64 -69.02 24.85
N LYS D 438 14.05 -70.01 24.18
CA LYS D 438 12.60 -70.11 24.14
C LYS D 438 12.05 -70.36 25.54
N LYS D 439 10.96 -69.67 25.86
CA LYS D 439 10.37 -69.77 27.18
C LYS D 439 9.83 -71.17 27.42
N GLY D 440 9.97 -71.65 28.65
CA GLY D 440 9.53 -72.98 29.01
C GLY D 440 10.58 -74.04 28.77
N LYS D 441 10.88 -74.31 27.49
CA LYS D 441 11.86 -75.32 27.15
C LYS D 441 13.27 -74.86 27.48
N LYS D 442 14.13 -75.81 27.83
CA LYS D 442 15.51 -75.54 28.21
C LYS D 442 16.46 -76.15 27.19
N GLY D 443 17.54 -75.42 26.91
CA GLY D 443 18.55 -75.89 25.98
C GLY D 443 18.27 -75.62 24.52
N VAL D 444 17.12 -75.02 24.20
CA VAL D 444 16.75 -74.70 22.82
C VAL D 444 16.91 -73.20 22.62
N TYR D 445 17.50 -72.82 21.49
CA TYR D 445 17.80 -71.43 21.19
C TYR D 445 17.28 -71.07 19.81
N GLU D 446 16.98 -69.79 19.62
CA GLU D 446 16.47 -69.29 18.35
C GLU D 446 17.45 -68.31 17.74
N LEU D 447 17.54 -68.33 16.41
CA LEU D 447 18.44 -67.44 15.66
C LEU D 447 17.66 -66.18 15.30
N LEU D 448 17.94 -65.10 16.04
CA LEU D 448 17.20 -63.86 15.83
C LEU D 448 17.87 -62.96 14.81
N GLY D 449 19.20 -62.86 14.86
CA GLY D 449 19.90 -61.97 13.95
C GLY D 449 19.75 -62.36 12.49
N LEU D 450 19.90 -63.65 12.19
CA LEU D 450 19.70 -64.10 10.82
C LEU D 450 18.25 -63.97 10.39
N ASN D 451 17.32 -64.26 11.30
CA ASN D 451 15.91 -64.19 10.94
C ASN D 451 15.49 -62.76 10.59
N ARG D 452 15.97 -61.78 11.36
CA ARG D 452 15.58 -60.40 11.08
C ARG D 452 16.17 -59.91 9.77
N CYS D 453 17.35 -60.38 9.40
CA CYS D 453 17.94 -60.00 8.12
C CYS D 453 17.30 -60.74 6.95
N LEU D 454 16.86 -61.99 7.14
CA LEU D 454 16.25 -62.76 6.08
C LEU D 454 14.81 -62.36 5.82
N ASN D 455 14.09 -61.91 6.85
CA ASN D 455 12.70 -61.49 6.70
C ASN D 455 12.58 -60.26 5.81
N LEU D 456 13.67 -59.52 5.62
CA LEU D 456 13.65 -58.33 4.79
C LEU D 456 13.88 -58.65 3.32
N LEU D 457 14.60 -59.71 3.01
CA LEU D 457 14.80 -60.12 1.62
C LEU D 457 13.66 -60.98 1.09
N GLY D 458 12.66 -61.31 1.91
CA GLY D 458 11.54 -62.09 1.46
C GLY D 458 11.74 -63.59 1.55
N ARG D 459 12.03 -64.09 2.75
CA ARG D 459 12.23 -65.52 2.96
C ARG D 459 11.53 -65.92 4.24
N GLU D 460 11.78 -67.16 4.68
CA GLU D 460 11.08 -67.74 5.81
C GLU D 460 12.04 -68.00 6.96
N ASN D 461 11.47 -68.15 8.15
CA ASN D 461 12.25 -68.34 9.35
C ASN D 461 12.97 -69.69 9.33
N LEU D 462 14.00 -69.80 10.16
CA LEU D 462 14.82 -71.00 10.24
C LEU D 462 14.43 -71.82 11.46
N ASP D 463 14.84 -73.09 11.43
CA ASP D 463 14.51 -74.01 12.52
C ASP D 463 15.37 -73.73 13.74
N GLU D 464 14.84 -74.09 14.91
CA GLU D 464 15.56 -73.86 16.15
C GLU D 464 16.78 -74.78 16.24
N ILE D 465 17.79 -74.30 16.95
CA ILE D 465 19.02 -75.05 17.20
C ILE D 465 19.09 -75.37 18.69
N THR D 466 19.27 -76.64 19.02
CA THR D 466 19.35 -77.09 20.40
C THR D 466 20.81 -77.39 20.75
N ILE D 467 21.27 -76.85 21.86
CA ILE D 467 22.65 -77.03 22.31
C ILE D 467 22.62 -77.54 23.74
N ASP D 468 23.69 -78.25 24.12
CA ASP D 468 23.78 -78.90 25.41
C ASP D 468 24.97 -78.35 26.19
N ILE D 469 24.75 -78.02 27.45
CA ILE D 469 25.80 -77.52 28.34
C ILE D 469 25.64 -78.16 29.70
N PRO D 470 26.68 -78.80 30.25
CA PRO D 470 26.58 -79.38 31.58
C PRO D 470 26.35 -78.30 32.64
N GLU D 471 25.69 -78.71 33.73
CA GLU D 471 25.30 -77.77 34.76
C GLU D 471 26.50 -77.13 35.46
N ASP D 472 27.60 -77.88 35.61
CA ASP D 472 28.76 -77.35 36.32
C ASP D 472 29.40 -76.17 35.57
N ILE D 473 29.46 -76.25 34.25
CA ILE D 473 30.12 -75.21 33.47
C ILE D 473 29.27 -73.95 33.48
N LYS D 474 29.90 -72.82 33.82
CA LYS D 474 29.21 -71.54 33.93
C LYS D 474 30.22 -70.42 33.67
N GLY D 475 29.72 -69.20 33.58
CA GLY D 475 30.59 -68.03 33.49
C GLY D 475 31.26 -67.92 32.14
N LYS D 476 32.56 -67.55 32.18
CA LYS D 476 33.30 -67.35 30.94
C LYS D 476 33.41 -68.63 30.13
N LYS D 477 33.42 -69.78 30.79
CA LYS D 477 33.41 -71.04 30.07
C LYS D 477 32.12 -71.22 29.27
N LYS D 478 30.98 -70.81 29.83
CA LYS D 478 29.74 -70.80 29.08
C LYS D 478 29.80 -69.82 27.93
N LYS D 479 30.35 -68.63 28.19
CA LYS D 479 30.37 -67.59 27.17
C LYS D 479 31.21 -68.01 25.97
N GLU D 480 32.37 -68.63 26.21
CA GLU D 480 33.20 -69.07 25.10
C GLU D 480 32.55 -70.20 24.30
N ARG D 481 31.81 -71.09 24.96
CA ARG D 481 31.08 -72.12 24.23
C ARG D 481 30.02 -71.49 23.32
N LEU D 482 29.27 -70.52 23.85
CA LEU D 482 28.27 -69.85 23.01
C LEU D 482 28.93 -69.12 21.85
N ASN D 483 30.07 -68.48 22.09
CA ASN D 483 30.77 -67.78 21.01
C ASN D 483 31.25 -68.75 19.94
N GLU D 484 31.76 -69.92 20.34
CA GLU D 484 32.18 -70.91 19.34
C GLU D 484 30.99 -71.39 18.53
N ARG D 485 29.85 -71.63 19.18
CA ARG D 485 28.66 -72.05 18.45
C ARG D 485 28.23 -70.98 17.45
N LYS D 486 28.25 -69.72 17.86
CA LYS D 486 27.88 -68.64 16.96
C LYS D 486 28.85 -68.51 15.80
N LYS D 487 30.15 -68.72 16.05
CA LYS D 487 31.11 -68.67 14.96
C LYS D 487 30.87 -69.80 13.97
N GLU D 488 30.52 -70.99 14.46
CA GLU D 488 30.16 -72.08 13.55
C GLU D 488 28.93 -71.73 12.72
N ILE D 489 27.90 -71.16 13.36
CA ILE D 489 26.69 -70.77 12.63
C ILE D 489 27.02 -69.77 11.54
N PHE D 490 27.87 -68.79 11.86
CA PHE D 490 28.35 -67.85 10.84
C PHE D 490 29.10 -68.57 9.74
N LYS D 491 29.89 -69.59 10.08
CA LYS D 491 30.66 -70.32 9.08
C LYS D 491 29.76 -71.08 8.12
N GLN D 492 28.58 -71.52 8.58
CA GLN D 492 27.72 -72.33 7.75
C GLN D 492 26.99 -71.55 6.65
N TYR D 493 26.82 -70.24 6.80
CA TYR D 493 25.92 -69.47 5.95
C TYR D 493 26.63 -68.31 5.25
N LYS D 494 27.77 -68.58 4.64
CA LYS D 494 28.54 -67.53 3.98
C LYS D 494 27.80 -66.98 2.76
N ASN D 495 27.16 -67.86 1.99
CA ASN D 495 26.47 -67.44 0.77
C ASN D 495 25.34 -66.47 1.08
N GLU D 496 24.63 -66.69 2.18
CA GLU D 496 23.57 -65.77 2.57
C GLU D 496 24.13 -64.41 2.93
N VAL D 497 25.28 -64.38 3.61
CA VAL D 497 25.89 -63.10 3.99
C VAL D 497 26.34 -62.35 2.73
N GLY D 498 26.80 -63.08 1.72
CA GLY D 498 27.17 -62.44 0.48
C GLY D 498 26.02 -61.68 -0.15
N GLU D 499 24.82 -62.26 -0.15
CA GLU D 499 23.66 -61.57 -0.69
C GLU D 499 23.14 -60.50 0.26
N PHE D 500 23.35 -60.68 1.56
CA PHE D 500 22.99 -59.64 2.52
C PHE D 500 23.76 -58.36 2.26
N LEU D 501 25.07 -58.48 2.02
CA LEU D 501 25.89 -57.28 1.88
C LEU D 501 25.53 -56.47 0.64
N GLY D 502 24.89 -57.09 -0.36
CA GLY D 502 24.52 -56.35 -1.55
C GLY D 502 23.48 -55.27 -1.30
N GLU D 503 22.50 -55.57 -0.45
CA GLU D 503 21.38 -54.68 -0.20
C GLU D 503 21.57 -53.88 1.08
N ARG D 504 22.81 -53.50 1.39
CA ARG D 504 23.14 -52.64 2.53
C ARG D 504 22.69 -53.26 3.85
N ILE D 505 23.04 -54.53 4.05
CA ILE D 505 22.85 -55.22 5.32
C ILE D 505 24.20 -55.74 5.77
N TYR D 506 24.64 -55.32 6.96
CA TYR D 506 25.92 -55.72 7.51
C TYR D 506 25.69 -56.51 8.79
N LEU D 507 26.34 -57.67 8.90
CA LEU D 507 26.17 -58.54 10.05
C LEU D 507 27.53 -58.86 10.64
N SER D 508 27.65 -58.69 11.96
CA SER D 508 28.89 -59.00 12.67
C SER D 508 28.85 -60.41 13.20
N GLU D 509 30.01 -60.91 13.61
CA GLU D 509 30.12 -62.30 14.04
C GLU D 509 29.51 -62.50 15.42
N ILE D 510 30.00 -61.79 16.43
CA ILE D 510 29.52 -61.97 17.79
C ILE D 510 28.82 -60.69 18.24
N ASP D 511 29.54 -59.57 18.23
CA ASP D 511 29.00 -58.30 18.70
C ASP D 511 29.87 -57.13 18.27
N LEU D 512 29.49 -55.91 18.66
CA LEU D 512 30.25 -54.72 18.29
C LEU D 512 31.58 -54.64 19.02
N GLU D 513 31.61 -55.04 20.29
CA GLU D 513 32.81 -54.92 21.09
C GLU D 513 33.96 -55.74 20.51
N ASN D 514 33.65 -56.93 20.02
CA ASN D 514 34.71 -57.78 19.45
C ASN D 514 35.28 -57.16 18.19
N ASP D 515 34.44 -56.59 17.33
CA ASP D 515 34.95 -55.91 16.15
C ASP D 515 35.77 -54.68 16.53
N LEU D 516 35.37 -54.00 17.61
CA LEU D 516 36.16 -52.88 18.11
C LEU D 516 37.53 -53.34 18.58
N TYR D 517 37.59 -54.50 19.24
CA TYR D 517 38.85 -55.02 19.75
C TYR D 517 39.84 -55.30 18.64
N SER D 518 39.35 -55.53 17.42
CA SER D 518 40.21 -55.87 16.30
C SER D 518 40.79 -54.65 15.59
N ALA D 519 40.49 -53.45 16.06
CA ALA D 519 40.97 -52.23 15.41
C ALA D 519 41.77 -51.32 16.32
N ILE D 520 41.41 -51.24 17.59
CA ILE D 520 42.10 -50.36 18.55
C ILE D 520 42.56 -51.16 19.75
N GLY D 521 42.85 -52.45 19.55
CA GLY D 521 43.18 -53.31 20.67
C GLY D 521 44.40 -52.88 21.44
N GLU D 522 45.37 -52.25 20.75
CA GLU D 522 46.57 -51.80 21.44
C GLU D 522 46.23 -50.72 22.47
N SER D 523 45.34 -49.79 22.13
CA SER D 523 44.93 -48.75 23.05
C SER D 523 43.89 -49.21 24.05
N MET D 524 43.26 -50.37 23.81
CA MET D 524 42.31 -50.90 24.79
C MET D 524 43.01 -51.27 26.09
N LYS D 525 44.21 -51.83 25.99
CA LYS D 525 44.97 -52.26 27.17
C LYS D 525 45.90 -51.16 27.67
N ARG D 526 45.34 -49.98 27.91
CA ARG D 526 46.06 -48.89 28.54
C ARG D 526 45.15 -48.00 29.39
N ILE D 527 43.86 -48.29 29.47
CA ILE D 527 42.90 -47.52 30.25
C ILE D 527 42.25 -48.38 31.32
N PHE D 528 41.64 -49.49 30.90
CA PHE D 528 41.07 -50.43 31.86
C PHE D 528 42.13 -51.25 32.56
N GLU D 529 43.29 -51.45 31.92
CA GLU D 529 44.33 -52.34 32.41
C GLU D 529 43.70 -53.70 32.68
N ASN D 530 43.57 -54.06 33.97
CA ASN D 530 42.91 -55.29 34.40
C ASN D 530 43.25 -56.47 33.51
N GLU D 531 42.25 -56.98 32.79
CA GLU D 531 42.43 -58.04 31.82
C GLU D 531 41.22 -58.03 30.90
N ASP D 532 41.34 -58.76 29.78
CA ASP D 532 40.31 -59.07 28.79
C ASP D 532 39.27 -57.95 28.69
N PRO D 533 39.66 -56.77 28.21
CA PRO D 533 38.78 -55.59 28.32
C PRO D 533 37.41 -55.77 27.67
N VAL D 534 37.31 -56.64 26.67
CA VAL D 534 36.01 -56.92 26.06
C VAL D 534 35.05 -57.46 27.10
N HIS D 535 35.55 -58.30 28.01
CA HIS D 535 34.72 -58.74 29.12
C HIS D 535 34.41 -57.59 30.06
N TYR D 536 35.36 -56.67 30.24
CA TYR D 536 35.16 -55.58 31.19
C TYR D 536 34.04 -54.64 30.75
N LEU D 537 33.94 -54.39 29.44
CA LEU D 537 32.88 -53.50 28.95
C LEU D 537 31.50 -54.12 29.18
N GLN D 538 31.37 -55.43 29.03
CA GLN D 538 30.05 -56.07 29.11
C GLN D 538 29.40 -55.91 30.47
N LYS D 539 30.18 -55.69 31.53
CA LYS D 539 29.60 -55.55 32.86
C LYS D 539 28.65 -54.35 32.94
N SER D 540 29.05 -53.22 32.36
CA SER D 540 28.21 -52.02 32.33
C SER D 540 28.47 -51.32 31.01
N LYS D 541 27.45 -51.27 30.15
CA LYS D 541 27.65 -50.81 28.79
C LYS D 541 27.89 -49.31 28.71
N LEU D 542 27.18 -48.54 29.54
CA LEU D 542 27.16 -47.08 29.37
C LEU D 542 28.36 -46.41 30.00
N PHE D 543 28.58 -46.65 31.30
CA PHE D 543 29.61 -45.93 32.03
C PHE D 543 30.99 -46.20 31.46
N ASN D 544 31.29 -47.47 31.19
CA ASN D 544 32.60 -47.83 30.67
C ASN D 544 32.80 -47.35 29.25
N MET D 545 31.75 -47.26 28.43
CA MET D 545 31.91 -46.69 27.11
C MET D 545 32.18 -45.18 27.19
N VAL D 546 31.54 -44.50 28.16
CA VAL D 546 31.86 -43.09 28.39
C VAL D 546 33.33 -42.94 28.80
N GLU D 547 33.79 -43.79 29.70
CA GLU D 547 35.19 -43.75 30.09
C GLU D 547 36.11 -44.00 28.91
N LEU D 548 35.77 -44.96 28.05
CA LEU D 548 36.59 -45.25 26.88
C LEU D 548 36.64 -44.07 25.92
N VAL D 549 35.50 -43.42 25.69
CA VAL D 549 35.48 -42.35 24.71
C VAL D 549 36.18 -41.12 25.27
N ASN D 550 36.21 -40.94 26.59
CA ASN D 550 36.95 -39.82 27.15
C ASN D 550 38.43 -39.91 26.80
N ASN D 551 39.02 -41.09 26.96
CA ASN D 551 40.46 -41.27 26.82
C ASN D 551 40.81 -41.84 25.44
N LEU D 552 40.54 -41.07 24.40
CA LEU D 552 40.81 -41.51 23.03
C LEU D 552 41.42 -40.36 22.24
N SER D 553 42.41 -40.68 21.42
CA SER D 553 43.09 -39.69 20.60
C SER D 553 42.54 -39.69 19.17
N THR D 554 43.02 -38.73 18.38
CA THR D 554 42.56 -38.61 17.00
C THR D 554 42.97 -39.81 16.17
N LYS D 555 44.19 -40.32 16.40
CA LYS D 555 44.67 -41.47 15.64
C LYS D 555 43.76 -42.68 15.81
N ASP D 556 43.21 -42.87 17.02
CA ASP D 556 42.31 -44.00 17.24
C ASP D 556 41.05 -43.89 16.39
N CYS D 557 40.47 -42.69 16.30
CA CYS D 557 39.28 -42.51 15.48
C CYS D 557 39.60 -42.69 14.00
N PHE D 558 40.74 -42.15 13.55
CA PHE D 558 41.14 -42.39 12.16
C PHE D 558 41.31 -43.87 11.87
N ASP D 559 41.86 -44.63 12.82
CA ASP D 559 42.00 -46.06 12.64
C ASP D 559 40.66 -46.79 12.61
N VAL D 560 39.71 -46.41 13.48
CA VAL D 560 38.38 -47.01 13.46
C VAL D 560 37.66 -46.72 12.14
N PHE D 561 37.77 -45.50 11.63
CA PHE D 561 37.02 -45.07 10.45
C PHE D 561 37.42 -45.84 9.19
N GLU D 562 38.58 -46.48 9.16
CA GLU D 562 39.10 -47.09 7.94
C GLU D 562 39.04 -48.61 7.94
N HIS D 563 38.86 -49.25 9.09
CA HIS D 563 38.84 -50.70 9.13
C HIS D 563 37.66 -51.27 8.35
N GLU D 564 37.82 -52.49 7.85
CA GLU D 564 36.79 -53.11 7.03
C GLU D 564 35.51 -53.36 7.82
N LYS D 565 35.63 -53.85 9.06
CA LYS D 565 34.48 -54.25 9.85
C LYS D 565 33.56 -53.09 10.18
N PHE D 566 34.03 -51.85 10.01
CA PHE D 566 33.21 -50.66 10.23
C PHE D 566 33.00 -49.91 8.92
N ALA D 567 32.89 -50.65 7.82
CA ALA D 567 32.72 -50.01 6.52
C ALA D 567 31.44 -49.19 6.40
N CYS D 568 30.41 -49.51 7.19
CA CYS D 568 29.11 -48.88 7.01
C CYS D 568 29.18 -47.37 7.11
N LEU D 569 30.01 -46.85 8.02
CA LEU D 569 30.11 -45.41 8.19
C LEU D 569 30.52 -44.72 6.91
N LYS D 570 31.39 -45.35 6.11
CA LYS D 570 31.86 -44.71 4.89
C LYS D 570 30.73 -44.51 3.89
N GLU D 571 29.61 -45.23 4.05
CA GLU D 571 28.48 -45.02 3.16
C GLU D 571 27.52 -43.94 3.68
N LEU D 572 27.63 -43.56 4.94
CA LEU D 572 26.79 -42.48 5.45
C LEU D 572 27.27 -41.12 4.97
N VAL D 573 28.58 -40.91 4.95
CA VAL D 573 29.12 -39.59 4.61
C VAL D 573 28.91 -39.29 3.13
N GLY D 574 29.08 -40.29 2.28
CA GLY D 574 28.88 -40.10 0.85
C GLY D 574 29.94 -40.83 0.05
N SER D 575 29.71 -40.87 -1.25
CA SER D 575 30.64 -41.53 -2.16
C SER D 575 31.75 -40.58 -2.59
#